data_8OQJ
# 
_entry.id   8OQJ 
# 
_audit_conform.dict_name       mmcif_pdbx.dic 
_audit_conform.dict_version    5.387 
_audit_conform.dict_location   http://mmcif.pdb.org/dictionaries/ascii/mmcif_pdbx.dic 
# 
loop_
_database_2.database_id 
_database_2.database_code 
_database_2.pdbx_database_accession 
_database_2.pdbx_DOI 
PDB   8OQJ         pdb_00008oqj 10.2210/pdb8oqj/pdb 
WWPDB D_1292129700 ?            ?                   
# 
loop_
_pdbx_audit_revision_history.ordinal 
_pdbx_audit_revision_history.data_content_type 
_pdbx_audit_revision_history.major_revision 
_pdbx_audit_revision_history.minor_revision 
_pdbx_audit_revision_history.revision_date 
1 'Structure model' 1 0 2024-02-07 
2 'Structure model' 1 1 2024-02-21 
# 
_pdbx_audit_revision_details.ordinal             1 
_pdbx_audit_revision_details.revision_ordinal    1 
_pdbx_audit_revision_details.data_content_type   'Structure model' 
_pdbx_audit_revision_details.provider            repository 
_pdbx_audit_revision_details.type                'Initial release' 
_pdbx_audit_revision_details.description         ? 
_pdbx_audit_revision_details.details             ? 
# 
_pdbx_audit_revision_group.ordinal             1 
_pdbx_audit_revision_group.revision_ordinal    2 
_pdbx_audit_revision_group.data_content_type   'Structure model' 
_pdbx_audit_revision_group.group               'Database references' 
# 
_pdbx_audit_revision_category.ordinal             1 
_pdbx_audit_revision_category.revision_ordinal    2 
_pdbx_audit_revision_category.data_content_type   'Structure model' 
_pdbx_audit_revision_category.category            citation 
# 
loop_
_pdbx_audit_revision_item.ordinal 
_pdbx_audit_revision_item.revision_ordinal 
_pdbx_audit_revision_item.data_content_type 
_pdbx_audit_revision_item.item 
1 2 'Structure model' '_citation.journal_volume'          
2 2 'Structure model' '_citation.page_first'              
3 2 'Structure model' '_citation.page_last'               
4 2 'Structure model' '_citation.pdbx_database_id_PubMed' 
5 2 'Structure model' '_citation.title'                   
# 
_pdbx_database_status.status_code                     REL 
_pdbx_database_status.status_code_sf                  REL 
_pdbx_database_status.status_code_mr                  ? 
_pdbx_database_status.entry_id                        8OQJ 
_pdbx_database_status.recvd_initial_deposition_date   2023-04-12 
_pdbx_database_status.SG_entry                        N 
_pdbx_database_status.deposit_site                    PDBE 
_pdbx_database_status.process_site                    PDBE 
_pdbx_database_status.status_code_cs                  ? 
_pdbx_database_status.status_code_nmr_data            ? 
_pdbx_database_status.methods_development_category    ? 
_pdbx_database_status.pdb_format_compatible           Y 
# 
_pdbx_contact_author.id                 2 
_pdbx_contact_author.email              rudi@mol.biol.ethz.ch 
_pdbx_contact_author.name_first         Rudi 
_pdbx_contact_author.name_last          Glockshuber 
_pdbx_contact_author.name_mi            ? 
_pdbx_contact_author.role               'principal investigator/group leader' 
_pdbx_contact_author.identifier_ORCID   0000-0003-3320-3843 
# 
loop_
_audit_author.name 
_audit_author.pdbx_ordinal 
_audit_author.identifier_ORCID 
'Meinhold, S.'    1 0009-0006-9529-2094 
'Zdanowicz, R.'   2 0009-0005-5694-2704 
'Glockshuber, R.' 3 0000-0003-3320-3843 
# 
_citation.abstract                  ? 
_citation.abstract_id_CAS           ? 
_citation.book_id_ISBN              ? 
_citation.book_publisher            ? 
_citation.book_publisher_city       ? 
_citation.book_title                ? 
_citation.coordinate_linkage        ? 
_citation.country                   US 
_citation.database_id_Medline       ? 
_citation.details                   ? 
_citation.id                        primary 
_citation.journal_abbrev            'Sci Adv' 
_citation.journal_id_ASTM           ? 
_citation.journal_id_CSD            ? 
_citation.journal_id_ISSN           2375-2548 
_citation.journal_full              ? 
_citation.journal_issue             ? 
_citation.journal_volume            10 
_citation.language                  ? 
_citation.page_first                eadj6358 
_citation.page_last                 eadj6358 
_citation.title                     
'Dimerization of a 5-kDa domain defines the architecture of the 5-MDa gammaproteobacterial pyruvate dehydrogenase complex.' 
_citation.year                      2024 
_citation.database_id_CSD           ? 
_citation.pdbx_database_id_DOI      10.1126/sciadv.adj6358 
_citation.pdbx_database_id_PubMed   38324697 
_citation.pdbx_database_id_patent   ? 
_citation.unpublished_flag          ? 
# 
loop_
_citation_author.citation_id 
_citation_author.name 
_citation_author.ordinal 
_citation_author.identifier_ORCID 
primary 'Meinhold, S.'    1 0009-0006-9529-2094 
primary 'Zdanowicz, R.'   2 0009-0005-5694-2704 
primary 'Giese, C.'       3 0000-0001-9875-9629 
primary 'Glockshuber, R.' 4 0000-0003-3320-3843 
# 
loop_
_entity.id 
_entity.type 
_entity.src_method 
_entity.pdbx_description 
_entity.formula_weight 
_entity.pdbx_number_of_molecules 
_entity.pdbx_ec 
_entity.pdbx_mutation 
_entity.pdbx_fragment 
_entity.details 
1 polymer     man 'Dihydrolipoyllysine-residue acetyltransferase component of pyruvate dehydrogenase complex' 7341.414 2   
2.3.1.12 ? ? ? 
2 non-polymer syn 'ZINC ION'                                                                                  65.409   1   ? ? ? ? 
3 water       nat water                                                                                       18.015   173 ? ? ? ? 
# 
_entity_name_com.entity_id   1 
_entity_name_com.name        'Dihydrolipoamide acetyltransferase component of pyruvate dehydrogenase complex,E2' 
# 
_entity_poly.entity_id                      1 
_entity_poly.type                           'polypeptide(L)' 
_entity_poly.nstd_linkage                   no 
_entity_poly.nstd_monomer                   no 
_entity_poly.pdbx_seq_one_letter_code       MEGKSEFAENDAYVHATPLIRRLAREFGVNLAKVKGTGRKGRILREDVQAYVKEAIKRAEAAPAATG 
_entity_poly.pdbx_seq_one_letter_code_can   MEGKSEFAENDAYVHATPLIRRLAREFGVNLAKVKGTGRKGRILREDVQAYVKEAIKRAEAAPAATG 
_entity_poly.pdbx_strand_id                 A,B 
_entity_poly.pdbx_target_identifier         ? 
# 
loop_
_pdbx_entity_nonpoly.entity_id 
_pdbx_entity_nonpoly.name 
_pdbx_entity_nonpoly.comp_id 
2 'ZINC ION' ZN  
3 water      HOH 
# 
loop_
_entity_poly_seq.entity_id 
_entity_poly_seq.num 
_entity_poly_seq.mon_id 
_entity_poly_seq.hetero 
1 1  MET n 
1 2  GLU n 
1 3  GLY n 
1 4  LYS n 
1 5  SER n 
1 6  GLU n 
1 7  PHE n 
1 8  ALA n 
1 9  GLU n 
1 10 ASN n 
1 11 ASP n 
1 12 ALA n 
1 13 TYR n 
1 14 VAL n 
1 15 HIS n 
1 16 ALA n 
1 17 THR n 
1 18 PRO n 
1 19 LEU n 
1 20 ILE n 
1 21 ARG n 
1 22 ARG n 
1 23 LEU n 
1 24 ALA n 
1 25 ARG n 
1 26 GLU n 
1 27 PHE n 
1 28 GLY n 
1 29 VAL n 
1 30 ASN n 
1 31 LEU n 
1 32 ALA n 
1 33 LYS n 
1 34 VAL n 
1 35 LYS n 
1 36 GLY n 
1 37 THR n 
1 38 GLY n 
1 39 ARG n 
1 40 LYS n 
1 41 GLY n 
1 42 ARG n 
1 43 ILE n 
1 44 LEU n 
1 45 ARG n 
1 46 GLU n 
1 47 ASP n 
1 48 VAL n 
1 49 GLN n 
1 50 ALA n 
1 51 TYR n 
1 52 VAL n 
1 53 LYS n 
1 54 GLU n 
1 55 ALA n 
1 56 ILE n 
1 57 LYS n 
1 58 ARG n 
1 59 ALA n 
1 60 GLU n 
1 61 ALA n 
1 62 ALA n 
1 63 PRO n 
1 64 ALA n 
1 65 ALA n 
1 66 THR n 
1 67 GLY n 
# 
_entity_src_gen.entity_id                          1 
_entity_src_gen.pdbx_src_id                        1 
_entity_src_gen.pdbx_alt_source_flag               sample 
_entity_src_gen.pdbx_seq_type                      'Biological sequence' 
_entity_src_gen.pdbx_beg_seq_num                   1 
_entity_src_gen.pdbx_end_seq_num                   67 
_entity_src_gen.gene_src_common_name               ? 
_entity_src_gen.gene_src_genus                     ? 
_entity_src_gen.pdbx_gene_src_gene                 'aceF, b0115, JW0111' 
_entity_src_gen.gene_src_species                   ? 
_entity_src_gen.gene_src_strain                    ? 
_entity_src_gen.gene_src_tissue                    ? 
_entity_src_gen.gene_src_tissue_fraction           ? 
_entity_src_gen.gene_src_details                   ? 
_entity_src_gen.pdbx_gene_src_fragment             ? 
_entity_src_gen.pdbx_gene_src_scientific_name      'Escherichia coli' 
_entity_src_gen.pdbx_gene_src_ncbi_taxonomy_id     562 
_entity_src_gen.pdbx_gene_src_variant              ? 
_entity_src_gen.pdbx_gene_src_cell_line            ? 
_entity_src_gen.pdbx_gene_src_atcc                 ? 
_entity_src_gen.pdbx_gene_src_organ                ? 
_entity_src_gen.pdbx_gene_src_organelle            ? 
_entity_src_gen.pdbx_gene_src_cell                 ? 
_entity_src_gen.pdbx_gene_src_cellular_location    ? 
_entity_src_gen.host_org_common_name               ? 
_entity_src_gen.pdbx_host_org_scientific_name      'Escherichia coli BL21(DE3)' 
_entity_src_gen.pdbx_host_org_ncbi_taxonomy_id     469008 
_entity_src_gen.host_org_genus                     ? 
_entity_src_gen.pdbx_host_org_gene                 ? 
_entity_src_gen.pdbx_host_org_organ                ? 
_entity_src_gen.host_org_species                   ? 
_entity_src_gen.pdbx_host_org_tissue               ? 
_entity_src_gen.pdbx_host_org_tissue_fraction      ? 
_entity_src_gen.pdbx_host_org_strain               ? 
_entity_src_gen.pdbx_host_org_variant              ? 
_entity_src_gen.pdbx_host_org_cell_line            ? 
_entity_src_gen.pdbx_host_org_atcc                 ? 
_entity_src_gen.pdbx_host_org_culture_collection   ? 
_entity_src_gen.pdbx_host_org_cell                 ? 
_entity_src_gen.pdbx_host_org_organelle            ? 
_entity_src_gen.pdbx_host_org_cellular_location    ? 
_entity_src_gen.pdbx_host_org_vector_type          ? 
_entity_src_gen.pdbx_host_org_vector               ? 
_entity_src_gen.host_org_details                   ? 
_entity_src_gen.expression_system_id               ? 
_entity_src_gen.plasmid_name                       ? 
_entity_src_gen.plasmid_details                    ? 
_entity_src_gen.pdbx_description                   ? 
# 
loop_
_chem_comp.id 
_chem_comp.type 
_chem_comp.mon_nstd_flag 
_chem_comp.name 
_chem_comp.pdbx_synonyms 
_chem_comp.formula 
_chem_comp.formula_weight 
ALA 'L-peptide linking' y ALANINE         ? 'C3 H7 N O2'     89.093  
ARG 'L-peptide linking' y ARGININE        ? 'C6 H15 N4 O2 1' 175.209 
ASN 'L-peptide linking' y ASPARAGINE      ? 'C4 H8 N2 O3'    132.118 
ASP 'L-peptide linking' y 'ASPARTIC ACID' ? 'C4 H7 N O4'     133.103 
GLN 'L-peptide linking' y GLUTAMINE       ? 'C5 H10 N2 O3'   146.144 
GLU 'L-peptide linking' y 'GLUTAMIC ACID' ? 'C5 H9 N O4'     147.129 
GLY 'peptide linking'   y GLYCINE         ? 'C2 H5 N O2'     75.067  
HIS 'L-peptide linking' y HISTIDINE       ? 'C6 H10 N3 O2 1' 156.162 
HOH non-polymer         . WATER           ? 'H2 O'           18.015  
ILE 'L-peptide linking' y ISOLEUCINE      ? 'C6 H13 N O2'    131.173 
LEU 'L-peptide linking' y LEUCINE         ? 'C6 H13 N O2'    131.173 
LYS 'L-peptide linking' y LYSINE          ? 'C6 H15 N2 O2 1' 147.195 
MET 'L-peptide linking' y METHIONINE      ? 'C5 H11 N O2 S'  149.211 
PHE 'L-peptide linking' y PHENYLALANINE   ? 'C9 H11 N O2'    165.189 
PRO 'L-peptide linking' y PROLINE         ? 'C5 H9 N O2'     115.130 
SER 'L-peptide linking' y SERINE          ? 'C3 H7 N O3'     105.093 
THR 'L-peptide linking' y THREONINE       ? 'C4 H9 N O3'     119.119 
TYR 'L-peptide linking' y TYROSINE        ? 'C9 H11 N O3'    181.189 
VAL 'L-peptide linking' y VALINE          ? 'C5 H11 N O2'    117.146 
ZN  non-polymer         . 'ZINC ION'      ? 'Zn 2'           65.409  
# 
loop_
_pdbx_poly_seq_scheme.asym_id 
_pdbx_poly_seq_scheme.entity_id 
_pdbx_poly_seq_scheme.seq_id 
_pdbx_poly_seq_scheme.mon_id 
_pdbx_poly_seq_scheme.ndb_seq_num 
_pdbx_poly_seq_scheme.pdb_seq_num 
_pdbx_poly_seq_scheme.auth_seq_num 
_pdbx_poly_seq_scheme.pdb_mon_id 
_pdbx_poly_seq_scheme.auth_mon_id 
_pdbx_poly_seq_scheme.pdb_strand_id 
_pdbx_poly_seq_scheme.pdb_ins_code 
_pdbx_poly_seq_scheme.hetero 
A 1 1  MET 1  313 ?   ?   ?   A . n 
A 1 2  GLU 2  314 ?   ?   ?   A . n 
A 1 3  GLY 3  315 ?   ?   ?   A . n 
A 1 4  LYS 4  316 ?   ?   ?   A . n 
A 1 5  SER 5  317 ?   ?   ?   A . n 
A 1 6  GLU 6  318 ?   ?   ?   A . n 
A 1 7  PHE 7  319 ?   ?   ?   A . n 
A 1 8  ALA 8  320 ?   ?   ?   A . n 
A 1 9  GLU 9  321 321 GLU GLU A . n 
A 1 10 ASN 10 322 322 ASN ASN A . n 
A 1 11 ASP 11 323 323 ASP ASP A . n 
A 1 12 ALA 12 324 324 ALA ALA A . n 
A 1 13 TYR 13 325 325 TYR TYR A . n 
A 1 14 VAL 14 326 326 VAL VAL A . n 
A 1 15 HIS 15 327 327 HIS HIS A . n 
A 1 16 ALA 16 328 328 ALA ALA A . n 
A 1 17 THR 17 329 329 THR THR A . n 
A 1 18 PRO 18 330 330 PRO PRO A . n 
A 1 19 LEU 19 331 331 LEU LEU A . n 
A 1 20 ILE 20 332 332 ILE ILE A . n 
A 1 21 ARG 21 333 333 ARG ARG A . n 
A 1 22 ARG 22 334 334 ARG ARG A . n 
A 1 23 LEU 23 335 335 LEU LEU A . n 
A 1 24 ALA 24 336 336 ALA ALA A . n 
A 1 25 ARG 25 337 337 ARG ARG A . n 
A 1 26 GLU 26 338 338 GLU GLU A . n 
A 1 27 PHE 27 339 339 PHE PHE A . n 
A 1 28 GLY 28 340 340 GLY GLY A . n 
A 1 29 VAL 29 341 341 VAL VAL A . n 
A 1 30 ASN 30 342 342 ASN ASN A . n 
A 1 31 LEU 31 343 343 LEU LEU A . n 
A 1 32 ALA 32 344 344 ALA ALA A . n 
A 1 33 LYS 33 345 345 LYS LYS A . n 
A 1 34 VAL 34 346 346 VAL VAL A . n 
A 1 35 LYS 35 347 347 LYS LYS A . n 
A 1 36 GLY 36 348 348 GLY GLY A . n 
A 1 37 THR 37 349 349 THR THR A . n 
A 1 38 GLY 38 350 350 GLY GLY A . n 
A 1 39 ARG 39 351 351 ARG ARG A . n 
A 1 40 LYS 40 352 352 LYS LYS A . n 
A 1 41 GLY 41 353 353 GLY GLY A . n 
A 1 42 ARG 42 354 354 ARG ARG A . n 
A 1 43 ILE 43 355 355 ILE ILE A . n 
A 1 44 LEU 44 356 356 LEU LEU A . n 
A 1 45 ARG 45 357 357 ARG ARG A . n 
A 1 46 GLU 46 358 358 GLU GLU A . n 
A 1 47 ASP 47 359 359 ASP ASP A . n 
A 1 48 VAL 48 360 360 VAL VAL A . n 
A 1 49 GLN 49 361 361 GLN GLN A . n 
A 1 50 ALA 50 362 362 ALA ALA A . n 
A 1 51 TYR 51 363 363 TYR TYR A . n 
A 1 52 VAL 52 364 364 VAL VAL A . n 
A 1 53 LYS 53 365 365 LYS LYS A . n 
A 1 54 GLU 54 366 366 GLU GLU A . n 
A 1 55 ALA 55 367 367 ALA ALA A . n 
A 1 56 ILE 56 368 368 ILE ILE A . n 
A 1 57 LYS 57 369 369 LYS LYS A . n 
A 1 58 ARG 58 370 370 ARG ARG A . n 
A 1 59 ALA 59 371 371 ALA ALA A . n 
A 1 60 GLU 60 372 372 GLU GLU A . n 
A 1 61 ALA 61 373 373 ALA ALA A . n 
A 1 62 ALA 62 374 374 ALA ALA A . n 
A 1 63 PRO 63 375 ?   ?   ?   A . n 
A 1 64 ALA 64 376 ?   ?   ?   A . n 
A 1 65 ALA 65 377 ?   ?   ?   A . n 
A 1 66 THR 66 378 ?   ?   ?   A . n 
A 1 67 GLY 67 379 ?   ?   ?   A . n 
B 1 1  MET 1  313 ?   ?   ?   B . n 
B 1 2  GLU 2  314 ?   ?   ?   B . n 
B 1 3  GLY 3  315 ?   ?   ?   B . n 
B 1 4  LYS 4  316 ?   ?   ?   B . n 
B 1 5  SER 5  317 ?   ?   ?   B . n 
B 1 6  GLU 6  318 ?   ?   ?   B . n 
B 1 7  PHE 7  319 ?   ?   ?   B . n 
B 1 8  ALA 8  320 ?   ?   ?   B . n 
B 1 9  GLU 9  321 321 GLU GLU B . n 
B 1 10 ASN 10 322 322 ASN ASN B . n 
B 1 11 ASP 11 323 323 ASP ASP B . n 
B 1 12 ALA 12 324 324 ALA ALA B . n 
B 1 13 TYR 13 325 325 TYR TYR B . n 
B 1 14 VAL 14 326 326 VAL VAL B . n 
B 1 15 HIS 15 327 327 HIS HIS B . n 
B 1 16 ALA 16 328 328 ALA ALA B . n 
B 1 17 THR 17 329 329 THR THR B . n 
B 1 18 PRO 18 330 330 PRO PRO B . n 
B 1 19 LEU 19 331 331 LEU LEU B . n 
B 1 20 ILE 20 332 332 ILE ILE B . n 
B 1 21 ARG 21 333 333 ARG ARG B . n 
B 1 22 ARG 22 334 334 ARG ARG B . n 
B 1 23 LEU 23 335 335 LEU LEU B . n 
B 1 24 ALA 24 336 336 ALA ALA B . n 
B 1 25 ARG 25 337 337 ARG ARG B . n 
B 1 26 GLU 26 338 338 GLU GLU B . n 
B 1 27 PHE 27 339 339 PHE PHE B . n 
B 1 28 GLY 28 340 340 GLY GLY B . n 
B 1 29 VAL 29 341 341 VAL VAL B . n 
B 1 30 ASN 30 342 342 ASN ASN B . n 
B 1 31 LEU 31 343 343 LEU LEU B . n 
B 1 32 ALA 32 344 344 ALA ALA B . n 
B 1 33 LYS 33 345 345 LYS LYS B . n 
B 1 34 VAL 34 346 346 VAL VAL B . n 
B 1 35 LYS 35 347 347 LYS LYS B . n 
B 1 36 GLY 36 348 348 GLY GLY B . n 
B 1 37 THR 37 349 349 THR THR B . n 
B 1 38 GLY 38 350 350 GLY GLY B . n 
B 1 39 ARG 39 351 351 ARG ARG B . n 
B 1 40 LYS 40 352 352 LYS LYS B . n 
B 1 41 GLY 41 353 353 GLY GLY B . n 
B 1 42 ARG 42 354 354 ARG ARG B . n 
B 1 43 ILE 43 355 355 ILE ILE B . n 
B 1 44 LEU 44 356 356 LEU LEU B . n 
B 1 45 ARG 45 357 357 ARG ARG B . n 
B 1 46 GLU 46 358 358 GLU GLU B . n 
B 1 47 ASP 47 359 359 ASP ASP B . n 
B 1 48 VAL 48 360 360 VAL VAL B . n 
B 1 49 GLN 49 361 361 GLN GLN B . n 
B 1 50 ALA 50 362 362 ALA ALA B . n 
B 1 51 TYR 51 363 363 TYR TYR B . n 
B 1 52 VAL 52 364 364 VAL VAL B . n 
B 1 53 LYS 53 365 365 LYS LYS B . n 
B 1 54 GLU 54 366 366 GLU GLU B . n 
B 1 55 ALA 55 367 367 ALA ALA B . n 
B 1 56 ILE 56 368 368 ILE ILE B . n 
B 1 57 LYS 57 369 369 LYS LYS B . n 
B 1 58 ARG 58 370 370 ARG ARG B . n 
B 1 59 ALA 59 371 371 ALA ALA B . n 
B 1 60 GLU 60 372 372 GLU GLU B . n 
B 1 61 ALA 61 373 373 ALA ALA B . n 
B 1 62 ALA 62 374 374 ALA ALA B . n 
B 1 63 PRO 63 375 375 PRO PRO B . n 
B 1 64 ALA 64 376 ?   ?   ?   B . n 
B 1 65 ALA 65 377 ?   ?   ?   B . n 
B 1 66 THR 66 378 ?   ?   ?   B . n 
B 1 67 GLY 67 379 ?   ?   ?   B . n 
# 
loop_
_pdbx_nonpoly_scheme.asym_id 
_pdbx_nonpoly_scheme.entity_id 
_pdbx_nonpoly_scheme.mon_id 
_pdbx_nonpoly_scheme.ndb_seq_num 
_pdbx_nonpoly_scheme.pdb_seq_num 
_pdbx_nonpoly_scheme.auth_seq_num 
_pdbx_nonpoly_scheme.pdb_mon_id 
_pdbx_nonpoly_scheme.auth_mon_id 
_pdbx_nonpoly_scheme.pdb_strand_id 
_pdbx_nonpoly_scheme.pdb_ins_code 
C 2 ZN  1  401 1   ZN  ZN  B . 
D 3 HOH 1  401 111 HOH HOH A . 
D 3 HOH 2  402 156 HOH HOH A . 
D 3 HOH 3  403 141 HOH HOH A . 
D 3 HOH 4  404 101 HOH HOH A . 
D 3 HOH 5  405 142 HOH HOH A . 
D 3 HOH 6  406 48  HOH HOH A . 
D 3 HOH 7  407 174 HOH HOH A . 
D 3 HOH 8  408 78  HOH HOH A . 
D 3 HOH 9  409 139 HOH HOH A . 
D 3 HOH 10 410 140 HOH HOH A . 
D 3 HOH 11 411 39  HOH HOH A . 
D 3 HOH 12 412 150 HOH HOH A . 
D 3 HOH 13 413 94  HOH HOH A . 
D 3 HOH 14 414 91  HOH HOH A . 
D 3 HOH 15 415 37  HOH HOH A . 
D 3 HOH 16 416 22  HOH HOH A . 
D 3 HOH 17 417 68  HOH HOH A . 
D 3 HOH 18 418 86  HOH HOH A . 
D 3 HOH 19 419 53  HOH HOH A . 
D 3 HOH 20 420 106 HOH HOH A . 
D 3 HOH 21 421 63  HOH HOH A . 
D 3 HOH 22 422 71  HOH HOH A . 
D 3 HOH 23 423 2   HOH HOH A . 
D 3 HOH 24 424 13  HOH HOH A . 
D 3 HOH 25 425 9   HOH HOH A . 
D 3 HOH 26 426 18  HOH HOH A . 
D 3 HOH 27 427 15  HOH HOH A . 
D 3 HOH 28 428 10  HOH HOH A . 
D 3 HOH 29 429 95  HOH HOH A . 
D 3 HOH 30 430 44  HOH HOH A . 
D 3 HOH 31 431 110 HOH HOH A . 
D 3 HOH 32 432 74  HOH HOH A . 
D 3 HOH 33 433 127 HOH HOH A . 
D 3 HOH 34 434 29  HOH HOH A . 
D 3 HOH 35 435 69  HOH HOH A . 
D 3 HOH 36 436 1   HOH HOH A . 
D 3 HOH 37 437 42  HOH HOH A . 
D 3 HOH 38 438 66  HOH HOH A . 
D 3 HOH 39 439 97  HOH HOH A . 
D 3 HOH 40 440 31  HOH HOH A . 
D 3 HOH 41 441 7   HOH HOH A . 
D 3 HOH 42 442 116 HOH HOH A . 
D 3 HOH 43 443 89  HOH HOH A . 
D 3 HOH 44 444 158 HOH HOH A . 
D 3 HOH 45 445 164 HOH HOH A . 
D 3 HOH 46 446 145 HOH HOH A . 
D 3 HOH 47 447 162 HOH HOH A . 
D 3 HOH 48 448 157 HOH HOH A . 
D 3 HOH 49 449 131 HOH HOH A . 
D 3 HOH 50 450 171 HOH HOH A . 
D 3 HOH 51 451 114 HOH HOH A . 
D 3 HOH 52 452 135 HOH HOH A . 
D 3 HOH 53 453 148 HOH HOH A . 
D 3 HOH 54 454 55  HOH HOH A . 
D 3 HOH 55 455 67  HOH HOH A . 
D 3 HOH 56 456 130 HOH HOH A . 
D 3 HOH 57 457 128 HOH HOH A . 
D 3 HOH 58 458 123 HOH HOH A . 
D 3 HOH 59 459 104 HOH HOH A . 
D 3 HOH 60 460 76  HOH HOH A . 
D 3 HOH 61 461 90  HOH HOH A . 
D 3 HOH 62 462 154 HOH HOH A . 
D 3 HOH 63 463 87  HOH HOH A . 
D 3 HOH 64 464 65  HOH HOH A . 
D 3 HOH 65 465 72  HOH HOH A . 
D 3 HOH 66 466 60  HOH HOH A . 
D 3 HOH 67 467 167 HOH HOH A . 
D 3 HOH 68 468 73  HOH HOH A . 
D 3 HOH 69 469 125 HOH HOH A . 
D 3 HOH 70 470 170 HOH HOH A . 
D 3 HOH 71 471 115 HOH HOH A . 
D 3 HOH 72 472 120 HOH HOH A . 
D 3 HOH 73 473 40  HOH HOH A . 
D 3 HOH 74 474 21  HOH HOH A . 
D 3 HOH 75 475 82  HOH HOH A . 
D 3 HOH 76 476 103 HOH HOH A . 
D 3 HOH 77 477 113 HOH HOH A . 
E 3 HOH 1  501 144 HOH HOH B . 
E 3 HOH 2  502 165 HOH HOH B . 
E 3 HOH 3  503 100 HOH HOH B . 
E 3 HOH 4  504 175 HOH HOH B . 
E 3 HOH 5  505 153 HOH HOH B . 
E 3 HOH 6  506 77  HOH HOH B . 
E 3 HOH 7  507 132 HOH HOH B . 
E 3 HOH 8  508 14  HOH HOH B . 
E 3 HOH 9  509 50  HOH HOH B . 
E 3 HOH 10 510 169 HOH HOH B . 
E 3 HOH 11 511 19  HOH HOH B . 
E 3 HOH 12 512 36  HOH HOH B . 
E 3 HOH 13 513 99  HOH HOH B . 
E 3 HOH 14 514 70  HOH HOH B . 
E 3 HOH 15 515 149 HOH HOH B . 
E 3 HOH 16 516 84  HOH HOH B . 
E 3 HOH 17 517 25  HOH HOH B . 
E 3 HOH 18 518 8   HOH HOH B . 
E 3 HOH 19 519 12  HOH HOH B . 
E 3 HOH 20 520 51  HOH HOH B . 
E 3 HOH 21 521 61  HOH HOH B . 
E 3 HOH 22 522 107 HOH HOH B . 
E 3 HOH 23 523 17  HOH HOH B . 
E 3 HOH 24 524 62  HOH HOH B . 
E 3 HOH 25 525 117 HOH HOH B . 
E 3 HOH 26 526 27  HOH HOH B . 
E 3 HOH 27 527 108 HOH HOH B . 
E 3 HOH 28 528 11  HOH HOH B . 
E 3 HOH 29 529 79  HOH HOH B . 
E 3 HOH 30 530 102 HOH HOH B . 
E 3 HOH 31 531 16  HOH HOH B . 
E 3 HOH 32 532 28  HOH HOH B . 
E 3 HOH 33 533 41  HOH HOH B . 
E 3 HOH 34 534 129 HOH HOH B . 
E 3 HOH 35 535 92  HOH HOH B . 
E 3 HOH 36 536 26  HOH HOH B . 
E 3 HOH 37 537 45  HOH HOH B . 
E 3 HOH 38 538 23  HOH HOH B . 
E 3 HOH 39 539 124 HOH HOH B . 
E 3 HOH 40 540 80  HOH HOH B . 
E 3 HOH 41 541 4   HOH HOH B . 
E 3 HOH 42 542 30  HOH HOH B . 
E 3 HOH 43 543 33  HOH HOH B . 
E 3 HOH 44 544 5   HOH HOH B . 
E 3 HOH 45 545 155 HOH HOH B . 
E 3 HOH 46 546 122 HOH HOH B . 
E 3 HOH 47 547 32  HOH HOH B . 
E 3 HOH 48 548 49  HOH HOH B . 
E 3 HOH 49 549 168 HOH HOH B . 
E 3 HOH 50 550 138 HOH HOH B . 
E 3 HOH 51 551 54  HOH HOH B . 
E 3 HOH 52 552 6   HOH HOH B . 
E 3 HOH 53 553 3   HOH HOH B . 
E 3 HOH 54 554 43  HOH HOH B . 
E 3 HOH 55 555 161 HOH HOH B . 
E 3 HOH 56 556 118 HOH HOH B . 
E 3 HOH 57 557 98  HOH HOH B . 
E 3 HOH 58 558 137 HOH HOH B . 
E 3 HOH 59 559 52  HOH HOH B . 
E 3 HOH 60 560 152 HOH HOH B . 
E 3 HOH 61 561 56  HOH HOH B . 
E 3 HOH 62 562 136 HOH HOH B . 
E 3 HOH 63 563 75  HOH HOH B . 
E 3 HOH 64 564 105 HOH HOH B . 
E 3 HOH 65 565 96  HOH HOH B . 
E 3 HOH 66 566 58  HOH HOH B . 
E 3 HOH 67 567 93  HOH HOH B . 
E 3 HOH 68 568 46  HOH HOH B . 
E 3 HOH 69 569 47  HOH HOH B . 
E 3 HOH 70 570 85  HOH HOH B . 
E 3 HOH 71 571 119 HOH HOH B . 
E 3 HOH 72 572 134 HOH HOH B . 
E 3 HOH 73 573 172 HOH HOH B . 
E 3 HOH 74 574 133 HOH HOH B . 
E 3 HOH 75 575 59  HOH HOH B . 
E 3 HOH 76 576 64  HOH HOH B . 
E 3 HOH 77 577 20  HOH HOH B . 
E 3 HOH 78 578 88  HOH HOH B . 
E 3 HOH 79 579 151 HOH HOH B . 
E 3 HOH 80 580 163 HOH HOH B . 
E 3 HOH 81 581 173 HOH HOH B . 
E 3 HOH 82 582 109 HOH HOH B . 
E 3 HOH 83 583 38  HOH HOH B . 
E 3 HOH 84 584 24  HOH HOH B . 
E 3 HOH 85 585 126 HOH HOH B . 
E 3 HOH 86 586 112 HOH HOH B . 
E 3 HOH 87 587 146 HOH HOH B . 
E 3 HOH 88 588 81  HOH HOH B . 
E 3 HOH 89 589 34  HOH HOH B . 
E 3 HOH 90 590 57  HOH HOH B . 
E 3 HOH 91 591 35  HOH HOH B . 
E 3 HOH 92 592 179 HOH HOH B . 
E 3 HOH 93 593 143 HOH HOH B . 
E 3 HOH 94 594 177 HOH HOH B . 
E 3 HOH 95 595 176 HOH HOH B . 
E 3 HOH 96 596 83  HOH HOH B . 
# 
loop_
_software.citation_id 
_software.classification 
_software.compiler_name 
_software.compiler_version 
_software.contact_author 
_software.contact_author_email 
_software.date 
_software.description 
_software.dependencies 
_software.hardware 
_software.language 
_software.location 
_software.mods 
_software.name 
_software.os 
_software.os_version 
_software.type 
_software.version 
_software.pdbx_ordinal 
? refinement       ? ? ? ? ? ? ? ? ? ? ? PHENIX ? ? ? 1.19rc5_4047 1 
? 'data reduction' ? ? ? ? ? ? ? ? ? ? ? XDS    ? ? ? .            2 
? 'data scaling'   ? ? ? ? ? ? ? ? ? ? ? XDS    ? ? ? .            3 
? phasing          ? ? ? ? ? ? ? ? ? ? ? PHASER ? ? ? .            4 
# 
_cell.angle_alpha                  100.390 
_cell.angle_alpha_esd              ? 
_cell.angle_beta                   114.386 
_cell.angle_beta_esd               ? 
_cell.angle_gamma                  101.179 
_cell.angle_gamma_esd              ? 
_cell.entry_id                     8OQJ 
_cell.details                      ? 
_cell.formula_units_Z              ? 
_cell.length_a                     33.576 
_cell.length_a_esd                 ? 
_cell.length_b                     37.831 
_cell.length_b_esd                 ? 
_cell.length_c                     37.834 
_cell.length_c_esd                 ? 
_cell.volume                       41075.418 
_cell.volume_esd                   ? 
_cell.Z_PDB                        2 
_cell.reciprocal_angle_alpha       ? 
_cell.reciprocal_angle_beta        ? 
_cell.reciprocal_angle_gamma       ? 
_cell.reciprocal_angle_alpha_esd   ? 
_cell.reciprocal_angle_beta_esd    ? 
_cell.reciprocal_angle_gamma_esd   ? 
_cell.reciprocal_length_a          ? 
_cell.reciprocal_length_b          ? 
_cell.reciprocal_length_c          ? 
_cell.reciprocal_length_a_esd      ? 
_cell.reciprocal_length_b_esd      ? 
_cell.reciprocal_length_c_esd      ? 
_cell.pdbx_unique_axis             ? 
_cell.pdbx_esd_method              ? 
# 
_symmetry.entry_id                         8OQJ 
_symmetry.cell_setting                     ? 
_symmetry.Int_Tables_number                1 
_symmetry.space_group_name_Hall            'P 1' 
_symmetry.space_group_name_H-M             'P 1' 
_symmetry.pdbx_full_space_group_name_H-M   ? 
# 
_exptl.absorpt_coefficient_mu     ? 
_exptl.absorpt_correction_T_max   ? 
_exptl.absorpt_correction_T_min   ? 
_exptl.absorpt_correction_type    ? 
_exptl.absorpt_process_details    ? 
_exptl.entry_id                   8OQJ 
_exptl.crystals_number            1 
_exptl.details                    ? 
_exptl.method                     'X-RAY DIFFRACTION' 
_exptl.method_details             ? 
# 
_exptl_crystal.colour                       ? 
_exptl_crystal.density_diffrn               ? 
_exptl_crystal.density_Matthews             2.80 
_exptl_crystal.density_method               ? 
_exptl_crystal.density_percent_sol          56.03 
_exptl_crystal.description                  ? 
_exptl_crystal.F_000                        ? 
_exptl_crystal.id                           1 
_exptl_crystal.preparation                  ? 
_exptl_crystal.size_max                     ? 
_exptl_crystal.size_mid                     ? 
_exptl_crystal.size_min                     ? 
_exptl_crystal.size_rad                     ? 
_exptl_crystal.colour_lustre                ? 
_exptl_crystal.colour_modifier              ? 
_exptl_crystal.colour_primary               ? 
_exptl_crystal.density_meas                 ? 
_exptl_crystal.density_meas_esd             ? 
_exptl_crystal.density_meas_gt              ? 
_exptl_crystal.density_meas_lt              ? 
_exptl_crystal.density_meas_temp            ? 
_exptl_crystal.density_meas_temp_esd        ? 
_exptl_crystal.density_meas_temp_gt         ? 
_exptl_crystal.density_meas_temp_lt         ? 
_exptl_crystal.pdbx_crystal_image_url       ? 
_exptl_crystal.pdbx_crystal_image_format    ? 
_exptl_crystal.pdbx_mosaicity               ? 
_exptl_crystal.pdbx_mosaicity_esd           ? 
_exptl_crystal.pdbx_mosaic_method           ? 
_exptl_crystal.pdbx_mosaic_block_size       ? 
_exptl_crystal.pdbx_mosaic_block_size_esd   ? 
# 
_exptl_crystal_grow.apparatus       ? 
_exptl_crystal_grow.atmosphere      ? 
_exptl_crystal_grow.crystal_id      1 
_exptl_crystal_grow.details         ? 
_exptl_crystal_grow.method          'VAPOR DIFFUSION, SITTING DROP' 
_exptl_crystal_grow.method_ref      ? 
_exptl_crystal_grow.pH              5.0 
_exptl_crystal_grow.pressure        ? 
_exptl_crystal_grow.pressure_esd    ? 
_exptl_crystal_grow.seeding         ? 
_exptl_crystal_grow.seeding_ref     ? 
_exptl_crystal_grow.temp_details    ? 
_exptl_crystal_grow.temp_esd        ? 
_exptl_crystal_grow.time            ? 
_exptl_crystal_grow.pdbx_details    '100 mM NaOAc pH 5.0, 2 mM ZnCl2, 24 % (w/v) PEG 6000' 
_exptl_crystal_grow.pdbx_pH_range   ? 
_exptl_crystal_grow.temp            293.15 
# 
_diffrn.ambient_environment              ? 
_diffrn.ambient_temp                     100 
_diffrn.ambient_temp_details             ? 
_diffrn.ambient_temp_esd                 ? 
_diffrn.crystal_id                       1 
_diffrn.crystal_support                  ? 
_diffrn.crystal_treatment                ? 
_diffrn.details                          ? 
_diffrn.id                               1 
_diffrn.ambient_pressure                 ? 
_diffrn.ambient_pressure_esd             ? 
_diffrn.ambient_pressure_gt              ? 
_diffrn.ambient_pressure_lt              ? 
_diffrn.ambient_temp_gt                  ? 
_diffrn.ambient_temp_lt                  ? 
_diffrn.pdbx_serial_crystal_experiment   N 
# 
_diffrn_detector.details                      ? 
_diffrn_detector.detector                     PIXEL 
_diffrn_detector.diffrn_id                    1 
_diffrn_detector.type                         'DECTRIS PILATUS 2M-F' 
_diffrn_detector.area_resol_mean              ? 
_diffrn_detector.dtime                        ? 
_diffrn_detector.pdbx_frames_total            ? 
_diffrn_detector.pdbx_collection_time_total   ? 
_diffrn_detector.pdbx_collection_date         2021-12-05 
_diffrn_detector.pdbx_frequency               ? 
_diffrn_detector.id                           ? 
_diffrn_detector.number_of_axes               ? 
# 
_diffrn_radiation.collimation                      ? 
_diffrn_radiation.diffrn_id                        1 
_diffrn_radiation.filter_edge                      ? 
_diffrn_radiation.inhomogeneity                    ? 
_diffrn_radiation.monochromator                    ? 
_diffrn_radiation.polarisn_norm                    ? 
_diffrn_radiation.polarisn_ratio                   ? 
_diffrn_radiation.probe                            ? 
_diffrn_radiation.type                             ? 
_diffrn_radiation.xray_symbol                      ? 
_diffrn_radiation.wavelength_id                    1 
_diffrn_radiation.pdbx_monochromatic_or_laue_m_l   M 
_diffrn_radiation.pdbx_wavelength_list             ? 
_diffrn_radiation.pdbx_wavelength                  ? 
_diffrn_radiation.pdbx_diffrn_protocol             'SINGLE WAVELENGTH' 
_diffrn_radiation.pdbx_analyzer                    ? 
_diffrn_radiation.pdbx_scattering_type             x-ray 
# 
_diffrn_radiation_wavelength.id           1 
_diffrn_radiation_wavelength.wavelength   0.999874 
_diffrn_radiation_wavelength.wt           1.0 
# 
_diffrn_source.current                     ? 
_diffrn_source.details                     ? 
_diffrn_source.diffrn_id                   1 
_diffrn_source.power                       ? 
_diffrn_source.size                        ? 
_diffrn_source.source                      SYNCHROTRON 
_diffrn_source.target                      ? 
_diffrn_source.type                        'SLS BEAMLINE X06DA' 
_diffrn_source.voltage                     ? 
_diffrn_source.take-off_angle              ? 
_diffrn_source.pdbx_wavelength_list        0.999874 
_diffrn_source.pdbx_wavelength             ? 
_diffrn_source.pdbx_synchrotron_beamline   X06DA 
_diffrn_source.pdbx_synchrotron_site       SLS 
# 
_reflns.B_iso_Wilson_estimate                          22.11 
_reflns.entry_id                                       8OQJ 
_reflns.data_reduction_details                         ? 
_reflns.data_reduction_method                          ? 
_reflns.d_resolution_high                              1.64 
_reflns.d_resolution_low                               35.5 
_reflns.details                                        ? 
_reflns.limit_h_max                                    ? 
_reflns.limit_h_min                                    ? 
_reflns.limit_k_max                                    ? 
_reflns.limit_k_min                                    ? 
_reflns.limit_l_max                                    ? 
_reflns.limit_l_min                                    ? 
_reflns.number_all                                     ? 
_reflns.number_obs                                     18881 
_reflns.observed_criterion                             ? 
_reflns.observed_criterion_F_max                       ? 
_reflns.observed_criterion_F_min                       ? 
_reflns.observed_criterion_I_max                       ? 
_reflns.observed_criterion_I_min                       ? 
_reflns.observed_criterion_sigma_F                     ? 
_reflns.observed_criterion_sigma_I                     ? 
_reflns.percent_possible_obs                           96.34 
_reflns.R_free_details                                 ? 
_reflns.Rmerge_F_all                                   ? 
_reflns.Rmerge_F_obs                                   ? 
_reflns.Friedel_coverage                               ? 
_reflns.number_gt                                      ? 
_reflns.threshold_expression                           ? 
_reflns.pdbx_redundancy                                3.5 
_reflns.pdbx_netI_over_av_sigmaI                       ? 
_reflns.pdbx_netI_over_sigmaI                          10.8 
_reflns.pdbx_res_netI_over_av_sigmaI_2                 ? 
_reflns.pdbx_res_netI_over_sigmaI_2                    ? 
_reflns.pdbx_chi_squared                               ? 
_reflns.pdbx_scaling_rejects                           ? 
_reflns.pdbx_d_res_high_opt                            ? 
_reflns.pdbx_d_res_low_opt                             ? 
_reflns.pdbx_d_res_opt_method                          ? 
_reflns.phase_calculation_details                      ? 
_reflns.pdbx_Rrim_I_all                                0.076 
_reflns.pdbx_Rpim_I_all                                0.04 
_reflns.pdbx_d_opt                                     ? 
_reflns.pdbx_number_measured_all                       ? 
_reflns.pdbx_diffrn_id                                 1 
_reflns.pdbx_ordinal                                   1 
_reflns.pdbx_CC_half                                   ? 
_reflns.pdbx_CC_star                                   ? 
_reflns.pdbx_R_split                                   ? 
_reflns.pdbx_Rmerge_I_obs                              0.064 
_reflns.pdbx_Rmerge_I_all                              ? 
_reflns.pdbx_Rsym_value                                ? 
_reflns.pdbx_CC_split_method                           ? 
_reflns.pdbx_aniso_diffraction_limit_axis_1_ortho[1]   ? 
_reflns.pdbx_aniso_diffraction_limit_axis_1_ortho[2]   ? 
_reflns.pdbx_aniso_diffraction_limit_axis_1_ortho[3]   ? 
_reflns.pdbx_aniso_diffraction_limit_axis_2_ortho[1]   ? 
_reflns.pdbx_aniso_diffraction_limit_axis_2_ortho[2]   ? 
_reflns.pdbx_aniso_diffraction_limit_axis_2_ortho[3]   ? 
_reflns.pdbx_aniso_diffraction_limit_axis_3_ortho[1]   ? 
_reflns.pdbx_aniso_diffraction_limit_axis_3_ortho[2]   ? 
_reflns.pdbx_aniso_diffraction_limit_axis_3_ortho[3]   ? 
_reflns.pdbx_aniso_diffraction_limit_1                 ? 
_reflns.pdbx_aniso_diffraction_limit_2                 ? 
_reflns.pdbx_aniso_diffraction_limit_3                 ? 
_reflns.pdbx_aniso_B_tensor_eigenvector_1_ortho[1]     ? 
_reflns.pdbx_aniso_B_tensor_eigenvector_1_ortho[2]     ? 
_reflns.pdbx_aniso_B_tensor_eigenvector_1_ortho[3]     ? 
_reflns.pdbx_aniso_B_tensor_eigenvector_2_ortho[1]     ? 
_reflns.pdbx_aniso_B_tensor_eigenvector_2_ortho[2]     ? 
_reflns.pdbx_aniso_B_tensor_eigenvector_2_ortho[3]     ? 
_reflns.pdbx_aniso_B_tensor_eigenvector_3_ortho[1]     ? 
_reflns.pdbx_aniso_B_tensor_eigenvector_3_ortho[2]     ? 
_reflns.pdbx_aniso_B_tensor_eigenvector_3_ortho[3]     ? 
_reflns.pdbx_aniso_B_tensor_eigenvalue_1               ? 
_reflns.pdbx_aniso_B_tensor_eigenvalue_2               ? 
_reflns.pdbx_aniso_B_tensor_eigenvalue_3               ? 
_reflns.pdbx_orthogonalization_convention              ? 
_reflns.pdbx_percent_possible_ellipsoidal              ? 
_reflns.pdbx_percent_possible_spherical                ? 
_reflns.pdbx_percent_possible_ellipsoidal_anomalous    ? 
_reflns.pdbx_percent_possible_spherical_anomalous      ? 
_reflns.pdbx_redundancy_anomalous                      ? 
_reflns.pdbx_CC_half_anomalous                         ? 
_reflns.pdbx_absDiff_over_sigma_anomalous              ? 
_reflns.pdbx_percent_possible_anomalous                ? 
_reflns.pdbx_observed_signal_threshold                 ? 
_reflns.pdbx_signal_type                               ? 
_reflns.pdbx_signal_details                            ? 
_reflns.pdbx_signal_software_id                        ? 
# 
_reflns_shell.d_res_high                                    1.64 
_reflns_shell.d_res_low                                     1.7 
_reflns_shell.meanI_over_sigI_all                           ? 
_reflns_shell.meanI_over_sigI_obs                           ? 
_reflns_shell.number_measured_all                           ? 
_reflns_shell.number_measured_obs                           ? 
_reflns_shell.number_possible                               ? 
_reflns_shell.number_unique_all                             ? 
_reflns_shell.number_unique_obs                             1783 
_reflns_shell.percent_possible_obs                          ? 
_reflns_shell.Rmerge_F_all                                  ? 
_reflns_shell.Rmerge_F_obs                                  ? 
_reflns_shell.meanI_over_sigI_gt                            ? 
_reflns_shell.meanI_over_uI_all                             ? 
_reflns_shell.meanI_over_uI_gt                              ? 
_reflns_shell.number_measured_gt                            ? 
_reflns_shell.number_unique_gt                              ? 
_reflns_shell.percent_possible_gt                           ? 
_reflns_shell.Rmerge_F_gt                                   ? 
_reflns_shell.Rmerge_I_gt                                   ? 
_reflns_shell.pdbx_redundancy                               ? 
_reflns_shell.pdbx_chi_squared                              ? 
_reflns_shell.pdbx_netI_over_sigmaI_all                     ? 
_reflns_shell.pdbx_netI_over_sigmaI_obs                     ? 
_reflns_shell.pdbx_Rrim_I_all                               ? 
_reflns_shell.pdbx_Rpim_I_all                               0.742 
_reflns_shell.pdbx_rejects                                  ? 
_reflns_shell.pdbx_ordinal                                  1 
_reflns_shell.pdbx_diffrn_id                                1 
_reflns_shell.pdbx_CC_half                                  ? 
_reflns_shell.pdbx_CC_star                                  ? 
_reflns_shell.pdbx_R_split                                  ? 
_reflns_shell.percent_possible_all                          90.46 
_reflns_shell.Rmerge_I_all                                  ? 
_reflns_shell.Rmerge_I_obs                                  ? 
_reflns_shell.pdbx_Rsym_value                               ? 
_reflns_shell.pdbx_percent_possible_ellipsoidal             ? 
_reflns_shell.pdbx_percent_possible_spherical               ? 
_reflns_shell.pdbx_percent_possible_ellipsoidal_anomalous   ? 
_reflns_shell.pdbx_percent_possible_spherical_anomalous     ? 
_reflns_shell.pdbx_redundancy_anomalous                     ? 
_reflns_shell.pdbx_CC_half_anomalous                        ? 
_reflns_shell.pdbx_absDiff_over_sigma_anomalous             ? 
_reflns_shell.pdbx_percent_possible_anomalous               ? 
# 
_refine.aniso_B[1][1]                            ? 
_refine.aniso_B[1][2]                            ? 
_refine.aniso_B[1][3]                            ? 
_refine.aniso_B[2][2]                            ? 
_refine.aniso_B[2][3]                            ? 
_refine.aniso_B[3][3]                            ? 
_refine.B_iso_max                                ? 
_refine.B_iso_mean                               29.26 
_refine.B_iso_min                                ? 
_refine.correlation_coeff_Fo_to_Fc               ? 
_refine.correlation_coeff_Fo_to_Fc_free          ? 
_refine.details                                  ? 
_refine.diff_density_max                         ? 
_refine.diff_density_max_esd                     ? 
_refine.diff_density_min                         ? 
_refine.diff_density_min_esd                     ? 
_refine.diff_density_rms                         ? 
_refine.diff_density_rms_esd                     ? 
_refine.entry_id                                 8OQJ 
_refine.pdbx_refine_id                           'X-RAY DIFFRACTION' 
_refine.ls_abs_structure_details                 ? 
_refine.ls_abs_structure_Flack                   ? 
_refine.ls_abs_structure_Flack_esd               ? 
_refine.ls_abs_structure_Rogers                  ? 
_refine.ls_abs_structure_Rogers_esd              ? 
_refine.ls_d_res_high                            1.64 
_refine.ls_d_res_low                             35.50 
_refine.ls_extinction_coef                       ? 
_refine.ls_extinction_coef_esd                   ? 
_refine.ls_extinction_expression                 ? 
_refine.ls_extinction_method                     ? 
_refine.ls_goodness_of_fit_all                   ? 
_refine.ls_goodness_of_fit_all_esd               ? 
_refine.ls_goodness_of_fit_obs                   ? 
_refine.ls_goodness_of_fit_obs_esd               ? 
_refine.ls_hydrogen_treatment                    ? 
_refine.ls_matrix_type                           ? 
_refine.ls_number_constraints                    ? 
_refine.ls_number_parameters                     ? 
_refine.ls_number_reflns_all                     ? 
_refine.ls_number_reflns_obs                     18840 
_refine.ls_number_reflns_R_free                  944 
_refine.ls_number_reflns_R_work                  17896 
_refine.ls_number_restraints                     ? 
_refine.ls_percent_reflns_obs                    96.13 
_refine.ls_percent_reflns_R_free                 5.01 
_refine.ls_R_factor_all                          ? 
_refine.ls_R_factor_obs                          0.2167 
_refine.ls_R_factor_R_free                       0.2451 
_refine.ls_R_factor_R_free_error                 ? 
_refine.ls_R_factor_R_free_error_details         ? 
_refine.ls_R_factor_R_work                       0.2152 
_refine.ls_R_Fsqd_factor_obs                     ? 
_refine.ls_R_I_factor_obs                        ? 
_refine.ls_redundancy_reflns_all                 ? 
_refine.ls_redundancy_reflns_obs                 ? 
_refine.ls_restrained_S_all                      ? 
_refine.ls_restrained_S_obs                      ? 
_refine.ls_shift_over_esd_max                    ? 
_refine.ls_shift_over_esd_mean                   ? 
_refine.ls_structure_factor_coef                 ? 
_refine.ls_weighting_details                     ? 
_refine.ls_weighting_scheme                      ? 
_refine.ls_wR_factor_all                         ? 
_refine.ls_wR_factor_obs                         ? 
_refine.ls_wR_factor_R_free                      ? 
_refine.ls_wR_factor_R_work                      ? 
_refine.occupancy_max                            ? 
_refine.occupancy_min                            ? 
_refine.solvent_model_details                    'FLAT BULK SOLVENT MODEL' 
_refine.solvent_model_param_bsol                 ? 
_refine.solvent_model_param_ksol                 ? 
_refine.pdbx_R_complete                          ? 
_refine.ls_R_factor_gt                           ? 
_refine.ls_goodness_of_fit_gt                    ? 
_refine.ls_goodness_of_fit_ref                   ? 
_refine.ls_shift_over_su_max                     ? 
_refine.ls_shift_over_su_max_lt                  ? 
_refine.ls_shift_over_su_mean                    ? 
_refine.ls_shift_over_su_mean_lt                 ? 
_refine.pdbx_ls_sigma_I                          ? 
_refine.pdbx_ls_sigma_F                          1.97 
_refine.pdbx_ls_sigma_Fsqd                       ? 
_refine.pdbx_data_cutoff_high_absF               ? 
_refine.pdbx_data_cutoff_high_rms_absF           ? 
_refine.pdbx_data_cutoff_low_absF                ? 
_refine.pdbx_isotropic_thermal_model             ? 
_refine.pdbx_ls_cross_valid_method               'FREE R-VALUE' 
_refine.pdbx_method_to_determine_struct          'MOLECULAR REPLACEMENT' 
_refine.pdbx_starting_model                      ? 
_refine.pdbx_stereochemistry_target_values       'GeoStd + Monomer Library + CDL v1.2' 
_refine.pdbx_R_Free_selection_details            ? 
_refine.pdbx_stereochem_target_val_spec_case     ? 
_refine.pdbx_overall_ESU_R                       ? 
_refine.pdbx_overall_ESU_R_Free                  ? 
_refine.pdbx_solvent_vdw_probe_radii             1.1100 
_refine.pdbx_solvent_ion_probe_radii             ? 
_refine.pdbx_solvent_shrinkage_radii             0.9000 
_refine.pdbx_real_space_R                        ? 
_refine.pdbx_density_correlation                 ? 
_refine.pdbx_pd_number_of_powder_patterns        ? 
_refine.pdbx_pd_number_of_points                 ? 
_refine.pdbx_pd_meas_number_of_points            ? 
_refine.pdbx_pd_proc_ls_prof_R_factor            ? 
_refine.pdbx_pd_proc_ls_prof_wR_factor           ? 
_refine.pdbx_pd_Marquardt_correlation_coeff      ? 
_refine.pdbx_pd_Fsqrd_R_factor                   ? 
_refine.pdbx_pd_ls_matrix_band_width             ? 
_refine.pdbx_overall_phase_error                 31.0573 
_refine.pdbx_overall_SU_R_free_Cruickshank_DPI   ? 
_refine.pdbx_overall_SU_R_free_Blow_DPI          ? 
_refine.pdbx_overall_SU_R_Blow_DPI               ? 
_refine.pdbx_TLS_residual_ADP_flag               ? 
_refine.pdbx_diffrn_id                           1 
_refine.overall_SU_B                             ? 
_refine.overall_SU_ML                            0.2125 
_refine.overall_SU_R_Cruickshank_DPI             ? 
_refine.overall_SU_R_free                        ? 
_refine.overall_FOM_free_R_set                   ? 
_refine.overall_FOM_work_R_set                   ? 
_refine.pdbx_average_fsc_overall                 ? 
_refine.pdbx_average_fsc_work                    ? 
_refine.pdbx_average_fsc_free                    ? 
# 
_refine_hist.pdbx_refine_id                   'X-RAY DIFFRACTION' 
_refine_hist.cycle_id                         LAST 
_refine_hist.details                          ? 
_refine_hist.d_res_high                       1.64 
_refine_hist.d_res_low                        35.50 
_refine_hist.number_atoms_solvent             173 
_refine_hist.number_atoms_total               1033 
_refine_hist.number_reflns_all                ? 
_refine_hist.number_reflns_obs                ? 
_refine_hist.number_reflns_R_free             ? 
_refine_hist.number_reflns_R_work             ? 
_refine_hist.R_factor_all                     ? 
_refine_hist.R_factor_obs                     ? 
_refine_hist.R_factor_R_free                  ? 
_refine_hist.R_factor_R_work                  ? 
_refine_hist.pdbx_number_residues_total       ? 
_refine_hist.pdbx_B_iso_mean_ligand           ? 
_refine_hist.pdbx_B_iso_mean_solvent          ? 
_refine_hist.pdbx_number_atoms_protein        859 
_refine_hist.pdbx_number_atoms_nucleic_acid   0 
_refine_hist.pdbx_number_atoms_ligand         1 
_refine_hist.pdbx_number_atoms_lipid          ? 
_refine_hist.pdbx_number_atoms_carb           ? 
_refine_hist.pdbx_pseudo_atom_details         ? 
# 
loop_
_refine_ls_restr.pdbx_refine_id 
_refine_ls_restr.criterion 
_refine_ls_restr.dev_ideal 
_refine_ls_restr.dev_ideal_target 
_refine_ls_restr.number 
_refine_ls_restr.rejects 
_refine_ls_restr.type 
_refine_ls_restr.weight 
_refine_ls_restr.pdbx_restraint_function 
'X-RAY DIFFRACTION' ? 0.0071 ? 977  ? f_bond_d           ? ? 
'X-RAY DIFFRACTION' ? 0.7815 ? 1317 ? f_angle_d          ? ? 
'X-RAY DIFFRACTION' ? 0.0594 ? 140  ? f_chiral_restr     ? ? 
'X-RAY DIFFRACTION' ? 0.0070 ? 178  ? f_plane_restr      ? ? 
'X-RAY DIFFRACTION' ? 3.4667 ? 147  ? f_dihedral_angle_d ? ? 
# 
loop_
_refine_ls_shell.pdbx_refine_id 
_refine_ls_shell.d_res_high 
_refine_ls_shell.d_res_low 
_refine_ls_shell.number_reflns_all 
_refine_ls_shell.number_reflns_obs 
_refine_ls_shell.number_reflns_R_free 
_refine_ls_shell.number_reflns_R_work 
_refine_ls_shell.percent_reflns_obs 
_refine_ls_shell.percent_reflns_R_free 
_refine_ls_shell.R_factor_all 
_refine_ls_shell.R_factor_obs 
_refine_ls_shell.R_factor_R_free_error 
_refine_ls_shell.R_factor_R_work 
_refine_ls_shell.redundancy_reflns_all 
_refine_ls_shell.redundancy_reflns_obs 
_refine_ls_shell.wR_factor_all 
_refine_ls_shell.wR_factor_obs 
_refine_ls_shell.wR_factor_R_free 
_refine_ls_shell.wR_factor_R_work 
_refine_ls_shell.pdbx_R_complete 
_refine_ls_shell.pdbx_total_number_of_bins_used 
_refine_ls_shell.pdbx_phase_error 
_refine_ls_shell.pdbx_fsc_work 
_refine_ls_shell.pdbx_fsc_free 
_refine_ls_shell.R_factor_R_free 
'X-RAY DIFFRACTION' 1.64 1.72 . . 129 2422 91.17 . . . . 0.3628 . . . . . . . . . . . 0.3756 
'X-RAY DIFFRACTION' 1.72 1.83 . . 133 2542 95.81 . . . . 0.2961 . . . . . . . . . . . 0.3090 
'X-RAY DIFFRACTION' 1.83 1.97 . . 136 2571 95.79 . . . . 0.2450 . . . . . . . . . . . 0.2806 
'X-RAY DIFFRACTION' 1.97 2.17 . . 134 2542 96.47 . . . . 0.2004 . . . . . . . . . . . 0.2253 
'X-RAY DIFFRACTION' 2.17 2.49 . . 136 2579 97.24 . . . . 0.1984 . . . . . . . . . . . 0.2230 
'X-RAY DIFFRACTION' 2.49 3.13 . . 137 2617 98.04 . . . . 0.2195 . . . . . . . . . . . 0.2421 
'X-RAY DIFFRACTION' 3.13 35.5 . . 139 2623 98.43 . . . . 0.1940 . . . . . . . . . . . 0.2322 
# 
_struct.entry_id                     8OQJ 
_struct.title                        
'Peripheral subunit binding domain of the E. coli Dihydrolipoamide Acetyltransferase (E2) of the pyruvate dehydrogenase complex' 
_struct.pdbx_model_details           ? 
_struct.pdbx_formula_weight          ? 
_struct.pdbx_formula_weight_method   ? 
_struct.pdbx_model_type_details      ? 
_struct.pdbx_CASP_flag               N 
# 
_struct_keywords.entry_id        8OQJ 
_struct_keywords.text            'Pyruvate dehydrogenase complex, Binding domain, PROTEIN BINDING, Dimer, PSBD' 
_struct_keywords.pdbx_keywords   'PROTEIN BINDING' 
# 
loop_
_struct_asym.id 
_struct_asym.pdbx_blank_PDB_chainid_flag 
_struct_asym.pdbx_modified 
_struct_asym.entity_id 
_struct_asym.details 
A N N 1 ? 
B N N 1 ? 
C N N 2 ? 
D N N 3 ? 
E N N 3 ? 
# 
_struct_ref.id                         1 
_struct_ref.db_name                    UNP 
_struct_ref.db_code                    ODP2_ECOLI 
_struct_ref.pdbx_db_accession          P06959 
_struct_ref.pdbx_db_isoform            ? 
_struct_ref.entity_id                  1 
_struct_ref.pdbx_seq_one_letter_code   EGKSEFAENDAYVHATPLIRRLAREFGVNLAKVKGTGRKGRILREDVQAYVKEAIKRAEAAPAATG 
_struct_ref.pdbx_align_begin           315 
# 
loop_
_struct_ref_seq.align_id 
_struct_ref_seq.ref_id 
_struct_ref_seq.pdbx_PDB_id_code 
_struct_ref_seq.pdbx_strand_id 
_struct_ref_seq.seq_align_beg 
_struct_ref_seq.pdbx_seq_align_beg_ins_code 
_struct_ref_seq.seq_align_end 
_struct_ref_seq.pdbx_seq_align_end_ins_code 
_struct_ref_seq.pdbx_db_accession 
_struct_ref_seq.db_align_beg 
_struct_ref_seq.pdbx_db_align_beg_ins_code 
_struct_ref_seq.db_align_end 
_struct_ref_seq.pdbx_db_align_end_ins_code 
_struct_ref_seq.pdbx_auth_seq_align_beg 
_struct_ref_seq.pdbx_auth_seq_align_end 
1 1 8OQJ A 2 ? 67 ? P06959 315 ? 380 ? 314 379 
2 1 8OQJ B 2 ? 67 ? P06959 315 ? 380 ? 314 379 
# 
loop_
_struct_ref_seq_dif.align_id 
_struct_ref_seq_dif.pdbx_pdb_id_code 
_struct_ref_seq_dif.mon_id 
_struct_ref_seq_dif.pdbx_pdb_strand_id 
_struct_ref_seq_dif.seq_num 
_struct_ref_seq_dif.pdbx_pdb_ins_code 
_struct_ref_seq_dif.pdbx_seq_db_name 
_struct_ref_seq_dif.pdbx_seq_db_accession_code 
_struct_ref_seq_dif.db_mon_id 
_struct_ref_seq_dif.pdbx_seq_db_seq_num 
_struct_ref_seq_dif.details 
_struct_ref_seq_dif.pdbx_auth_seq_num 
_struct_ref_seq_dif.pdbx_ordinal 
1 8OQJ MET A 1 ? UNP P06959 ? ? 'initiating methionine' 313 1 
2 8OQJ MET B 1 ? UNP P06959 ? ? 'initiating methionine' 313 2 
# 
_pdbx_struct_assembly.id                   1 
_pdbx_struct_assembly.details              author_defined_assembly 
_pdbx_struct_assembly.method_details       ? 
_pdbx_struct_assembly.oligomeric_details   dimeric 
_pdbx_struct_assembly.oligomeric_count     2 
# 
loop_
_pdbx_struct_assembly_prop.biol_id 
_pdbx_struct_assembly_prop.type 
_pdbx_struct_assembly_prop.value 
_pdbx_struct_assembly_prop.details 
1 'ABSA (A^2)' 1820 ? 
1 MORE         -26  ? 
1 'SSA (A^2)'  6970 ? 
# 
_pdbx_struct_assembly_gen.assembly_id       1 
_pdbx_struct_assembly_gen.oper_expression   1 
_pdbx_struct_assembly_gen.asym_id_list      A,B,C,D,E 
# 
_pdbx_struct_assembly_auth_evidence.id                     1 
_pdbx_struct_assembly_auth_evidence.assembly_id            1 
_pdbx_struct_assembly_auth_evidence.experimental_support   'equilibrium centrifugation' 
_pdbx_struct_assembly_auth_evidence.details                ? 
# 
_pdbx_struct_oper_list.id                   1 
_pdbx_struct_oper_list.type                 'identity operation' 
_pdbx_struct_oper_list.name                 1_555 
_pdbx_struct_oper_list.symmetry_operation   x,y,z 
_pdbx_struct_oper_list.matrix[1][1]         1.0000000000 
_pdbx_struct_oper_list.matrix[1][2]         0.0000000000 
_pdbx_struct_oper_list.matrix[1][3]         0.0000000000 
_pdbx_struct_oper_list.vector[1]            0.0000000000 
_pdbx_struct_oper_list.matrix[2][1]         0.0000000000 
_pdbx_struct_oper_list.matrix[2][2]         1.0000000000 
_pdbx_struct_oper_list.matrix[2][3]         0.0000000000 
_pdbx_struct_oper_list.vector[2]            0.0000000000 
_pdbx_struct_oper_list.matrix[3][1]         0.0000000000 
_pdbx_struct_oper_list.matrix[3][2]         0.0000000000 
_pdbx_struct_oper_list.matrix[3][3]         1.0000000000 
_pdbx_struct_oper_list.vector[3]            0.0000000000 
# 
loop_
_struct_conf.conf_type_id 
_struct_conf.id 
_struct_conf.pdbx_PDB_helix_id 
_struct_conf.beg_label_comp_id 
_struct_conf.beg_label_asym_id 
_struct_conf.beg_label_seq_id 
_struct_conf.pdbx_beg_PDB_ins_code 
_struct_conf.end_label_comp_id 
_struct_conf.end_label_asym_id 
_struct_conf.end_label_seq_id 
_struct_conf.pdbx_end_PDB_ins_code 
_struct_conf.beg_auth_comp_id 
_struct_conf.beg_auth_asym_id 
_struct_conf.beg_auth_seq_id 
_struct_conf.end_auth_comp_id 
_struct_conf.end_auth_asym_id 
_struct_conf.end_auth_seq_id 
_struct_conf.pdbx_PDB_helix_class 
_struct_conf.details 
_struct_conf.pdbx_PDB_helix_length 
HELX_P HELX_P1  AA1 ASN A 10 ? ALA A 16 ? ASN A 322 ALA A 328 1 ? 7  
HELX_P HELX_P2  AA2 THR A 17 ? GLY A 28 ? THR A 329 GLY A 340 1 ? 12 
HELX_P HELX_P3  AA3 ASN A 30 ? VAL A 34 ? ASN A 342 VAL A 346 5 ? 5  
HELX_P HELX_P4  AA4 GLY A 38 ? ARG A 42 ? GLY A 350 ARG A 354 5 ? 5  
HELX_P HELX_P5  AA5 LEU A 44 ? ALA A 61 ? LEU A 356 ALA A 373 1 ? 18 
HELX_P HELX_P6  AA6 ASN B 10 ? ALA B 16 ? ASN B 322 ALA B 328 1 ? 7  
HELX_P HELX_P7  AA7 THR B 17 ? GLY B 28 ? THR B 329 GLY B 340 1 ? 12 
HELX_P HELX_P8  AA8 ASN B 30 ? VAL B 34 ? ASN B 342 VAL B 346 5 ? 5  
HELX_P HELX_P9  AA9 GLY B 38 ? ARG B 42 ? GLY B 350 ARG B 354 5 ? 5  
HELX_P HELX_P10 AB1 LEU B 44 ? ALA B 62 ? LEU B 356 ALA B 374 1 ? 19 
# 
_struct_conf_type.id          HELX_P 
_struct_conf_type.criteria    ? 
_struct_conf_type.reference   ? 
# 
loop_
_struct_conn.id 
_struct_conn.conn_type_id 
_struct_conn.pdbx_leaving_atom_flag 
_struct_conn.pdbx_PDB_id 
_struct_conn.ptnr1_label_asym_id 
_struct_conn.ptnr1_label_comp_id 
_struct_conn.ptnr1_label_seq_id 
_struct_conn.ptnr1_label_atom_id 
_struct_conn.pdbx_ptnr1_label_alt_id 
_struct_conn.pdbx_ptnr1_PDB_ins_code 
_struct_conn.pdbx_ptnr1_standard_comp_id 
_struct_conn.ptnr1_symmetry 
_struct_conn.ptnr2_label_asym_id 
_struct_conn.ptnr2_label_comp_id 
_struct_conn.ptnr2_label_seq_id 
_struct_conn.ptnr2_label_atom_id 
_struct_conn.pdbx_ptnr2_label_alt_id 
_struct_conn.pdbx_ptnr2_PDB_ins_code 
_struct_conn.ptnr1_auth_asym_id 
_struct_conn.ptnr1_auth_comp_id 
_struct_conn.ptnr1_auth_seq_id 
_struct_conn.ptnr2_auth_asym_id 
_struct_conn.ptnr2_auth_comp_id 
_struct_conn.ptnr2_auth_seq_id 
_struct_conn.ptnr2_symmetry 
_struct_conn.pdbx_ptnr3_label_atom_id 
_struct_conn.pdbx_ptnr3_label_seq_id 
_struct_conn.pdbx_ptnr3_label_comp_id 
_struct_conn.pdbx_ptnr3_label_asym_id 
_struct_conn.pdbx_ptnr3_label_alt_id 
_struct_conn.pdbx_ptnr3_PDB_ins_code 
_struct_conn.details 
_struct_conn.pdbx_dist_value 
_struct_conn.pdbx_value_order 
_struct_conn.pdbx_role 
metalc1 metalc ? ? A ASP 11 OD1 ? ? ? 1_555 C ZN . ZN ? ? A ASP 323 B ZN 401 1_566 ? ? ? ? ? ? ? 2.083 ? ? 
metalc2 metalc ? ? A ASP 11 OD2 ? ? ? 1_555 C ZN . ZN ? ? A ASP 323 B ZN 401 1_566 ? ? ? ? ? ? ? 2.238 ? ? 
metalc3 metalc ? ? A HIS 15 NE2 ? ? ? 1_555 C ZN . ZN ? ? A HIS 327 B ZN 401 1_566 ? ? ? ? ? ? ? 2.235 ? ? 
metalc4 metalc ? ? B ASP 11 OD1 ? ? ? 1_555 C ZN . ZN ? ? B ASP 323 B ZN 401 1_555 ? ? ? ? ? ? ? 2.066 ? ? 
metalc5 metalc ? ? B HIS 15 NE2 ? ? ? 1_555 C ZN . ZN ? ? B HIS 327 B ZN 401 1_555 ? ? ? ? ? ? ? 2.032 ? ? 
# 
_struct_conn_type.id          metalc 
_struct_conn_type.criteria    ? 
_struct_conn_type.reference   ? 
# 
loop_
_pdbx_struct_conn_angle.id 
_pdbx_struct_conn_angle.ptnr1_label_atom_id 
_pdbx_struct_conn_angle.ptnr1_label_alt_id 
_pdbx_struct_conn_angle.ptnr1_label_asym_id 
_pdbx_struct_conn_angle.ptnr1_label_comp_id 
_pdbx_struct_conn_angle.ptnr1_label_seq_id 
_pdbx_struct_conn_angle.ptnr1_auth_atom_id 
_pdbx_struct_conn_angle.ptnr1_auth_asym_id 
_pdbx_struct_conn_angle.ptnr1_auth_comp_id 
_pdbx_struct_conn_angle.ptnr1_auth_seq_id 
_pdbx_struct_conn_angle.ptnr1_PDB_ins_code 
_pdbx_struct_conn_angle.ptnr1_symmetry 
_pdbx_struct_conn_angle.ptnr2_label_atom_id 
_pdbx_struct_conn_angle.ptnr2_label_alt_id 
_pdbx_struct_conn_angle.ptnr2_label_asym_id 
_pdbx_struct_conn_angle.ptnr2_label_comp_id 
_pdbx_struct_conn_angle.ptnr2_label_seq_id 
_pdbx_struct_conn_angle.ptnr2_auth_atom_id 
_pdbx_struct_conn_angle.ptnr2_auth_asym_id 
_pdbx_struct_conn_angle.ptnr2_auth_comp_id 
_pdbx_struct_conn_angle.ptnr2_auth_seq_id 
_pdbx_struct_conn_angle.ptnr2_PDB_ins_code 
_pdbx_struct_conn_angle.ptnr2_symmetry 
_pdbx_struct_conn_angle.ptnr3_label_atom_id 
_pdbx_struct_conn_angle.ptnr3_label_alt_id 
_pdbx_struct_conn_angle.ptnr3_label_asym_id 
_pdbx_struct_conn_angle.ptnr3_label_comp_id 
_pdbx_struct_conn_angle.ptnr3_label_seq_id 
_pdbx_struct_conn_angle.ptnr3_auth_atom_id 
_pdbx_struct_conn_angle.ptnr3_auth_asym_id 
_pdbx_struct_conn_angle.ptnr3_auth_comp_id 
_pdbx_struct_conn_angle.ptnr3_auth_seq_id 
_pdbx_struct_conn_angle.ptnr3_PDB_ins_code 
_pdbx_struct_conn_angle.ptnr3_symmetry 
_pdbx_struct_conn_angle.value 
_pdbx_struct_conn_angle.value_esd 
1  OD1 ? A ASP 11 ? A ASP 323 ? 1_555 ZN ? C ZN . ? B ZN 401 ? 1_566 OD2 ? A ASP 11 ? A ASP 323 ? 1_555 60.3  ? 
2  OD1 ? A ASP 11 ? A ASP 323 ? 1_555 ZN ? C ZN . ? B ZN 401 ? 1_566 NE2 ? A HIS 15 ? A HIS 327 ? 1_555 108.6 ? 
3  OD2 ? A ASP 11 ? A ASP 323 ? 1_555 ZN ? C ZN . ? B ZN 401 ? 1_566 NE2 ? A HIS 15 ? A HIS 327 ? 1_555 91.4  ? 
4  OD1 ? A ASP 11 ? A ASP 323 ? 1_555 ZN ? C ZN . ? B ZN 401 ? 1_566 OD1 ? B ASP 11 ? B ASP 323 ? 1_555 54.6  ? 
5  OD2 ? A ASP 11 ? A ASP 323 ? 1_555 ZN ? C ZN . ? B ZN 401 ? 1_566 OD1 ? B ASP 11 ? B ASP 323 ? 1_555 44.7  ? 
6  NE2 ? A HIS 15 ? A HIS 327 ? 1_555 ZN ? C ZN . ? B ZN 401 ? 1_566 OD1 ? B ASP 11 ? B ASP 323 ? 1_555 59.9  ? 
7  OD1 ? A ASP 11 ? A ASP 323 ? 1_555 ZN ? C ZN . ? B ZN 401 ? 1_566 NE2 ? B HIS 15 ? B HIS 327 ? 1_555 52.5  ? 
8  OD2 ? A ASP 11 ? A ASP 323 ? 1_555 ZN ? C ZN . ? B ZN 401 ? 1_566 NE2 ? B HIS 15 ? B HIS 327 ? 1_555 47.8  ? 
9  NE2 ? A HIS 15 ? A HIS 327 ? 1_555 ZN ? C ZN . ? B ZN 401 ? 1_566 NE2 ? B HIS 15 ? B HIS 327 ? 1_555 60.1  ? 
10 OD1 ? B ASP 11 ? B ASP 323 ? 1_555 ZN ? C ZN . ? B ZN 401 ? 1_566 NE2 ? B HIS 15 ? B HIS 327 ? 1_555 4.1   ? 
# 
_space_group_symop.id              1 
_space_group_symop.operation_xyz   x,y,z 
# 
_pdbx_entry_details.entry_id                 8OQJ 
_pdbx_entry_details.has_ligand_of_interest   N 
_pdbx_entry_details.compound_details         ? 
_pdbx_entry_details.source_details           ? 
_pdbx_entry_details.nonpolymer_details       ? 
_pdbx_entry_details.sequence_details         ? 
# 
loop_
_pdbx_distant_solvent_atoms.id 
_pdbx_distant_solvent_atoms.PDB_model_num 
_pdbx_distant_solvent_atoms.auth_atom_id 
_pdbx_distant_solvent_atoms.label_alt_id 
_pdbx_distant_solvent_atoms.auth_asym_id 
_pdbx_distant_solvent_atoms.auth_comp_id 
_pdbx_distant_solvent_atoms.auth_seq_id 
_pdbx_distant_solvent_atoms.PDB_ins_code 
_pdbx_distant_solvent_atoms.neighbor_macromolecule_distance 
_pdbx_distant_solvent_atoms.neighbor_ligand_distance 
1 1 O ? A HOH 476 ? 5.82 . 
2 1 O ? A HOH 477 ? 5.85 . 
3 1 O ? B HOH 596 ? 5.94 . 
# 
loop_
_pdbx_unobs_or_zero_occ_residues.id 
_pdbx_unobs_or_zero_occ_residues.PDB_model_num 
_pdbx_unobs_or_zero_occ_residues.polymer_flag 
_pdbx_unobs_or_zero_occ_residues.occupancy_flag 
_pdbx_unobs_or_zero_occ_residues.auth_asym_id 
_pdbx_unobs_or_zero_occ_residues.auth_comp_id 
_pdbx_unobs_or_zero_occ_residues.auth_seq_id 
_pdbx_unobs_or_zero_occ_residues.PDB_ins_code 
_pdbx_unobs_or_zero_occ_residues.label_asym_id 
_pdbx_unobs_or_zero_occ_residues.label_comp_id 
_pdbx_unobs_or_zero_occ_residues.label_seq_id 
1  1 Y 1 A MET 313 ? A MET 1  
2  1 Y 1 A GLU 314 ? A GLU 2  
3  1 Y 1 A GLY 315 ? A GLY 3  
4  1 Y 1 A LYS 316 ? A LYS 4  
5  1 Y 1 A SER 317 ? A SER 5  
6  1 Y 1 A GLU 318 ? A GLU 6  
7  1 Y 1 A PHE 319 ? A PHE 7  
8  1 Y 1 A ALA 320 ? A ALA 8  
9  1 Y 1 A PRO 375 ? A PRO 63 
10 1 Y 1 A ALA 376 ? A ALA 64 
11 1 Y 1 A ALA 377 ? A ALA 65 
12 1 Y 1 A THR 378 ? A THR 66 
13 1 Y 1 A GLY 379 ? A GLY 67 
14 1 Y 1 B MET 313 ? B MET 1  
15 1 Y 1 B GLU 314 ? B GLU 2  
16 1 Y 1 B GLY 315 ? B GLY 3  
17 1 Y 1 B LYS 316 ? B LYS 4  
18 1 Y 1 B SER 317 ? B SER 5  
19 1 Y 1 B GLU 318 ? B GLU 6  
20 1 Y 1 B PHE 319 ? B PHE 7  
21 1 Y 1 B ALA 320 ? B ALA 8  
22 1 Y 1 B ALA 376 ? B ALA 64 
23 1 Y 1 B ALA 377 ? B ALA 65 
24 1 Y 1 B THR 378 ? B THR 66 
25 1 Y 1 B GLY 379 ? B GLY 67 
# 
loop_
_chem_comp_atom.comp_id 
_chem_comp_atom.atom_id 
_chem_comp_atom.type_symbol 
_chem_comp_atom.pdbx_aromatic_flag 
_chem_comp_atom.pdbx_stereo_config 
_chem_comp_atom.pdbx_ordinal 
ALA N    N  N N 1   
ALA CA   C  N S 2   
ALA C    C  N N 3   
ALA O    O  N N 4   
ALA CB   C  N N 5   
ALA OXT  O  N N 6   
ALA H    H  N N 7   
ALA H2   H  N N 8   
ALA HA   H  N N 9   
ALA HB1  H  N N 10  
ALA HB2  H  N N 11  
ALA HB3  H  N N 12  
ALA HXT  H  N N 13  
ARG N    N  N N 14  
ARG CA   C  N S 15  
ARG C    C  N N 16  
ARG O    O  N N 17  
ARG CB   C  N N 18  
ARG CG   C  N N 19  
ARG CD   C  N N 20  
ARG NE   N  N N 21  
ARG CZ   C  N N 22  
ARG NH1  N  N N 23  
ARG NH2  N  N N 24  
ARG OXT  O  N N 25  
ARG H    H  N N 26  
ARG H2   H  N N 27  
ARG HA   H  N N 28  
ARG HB2  H  N N 29  
ARG HB3  H  N N 30  
ARG HG2  H  N N 31  
ARG HG3  H  N N 32  
ARG HD2  H  N N 33  
ARG HD3  H  N N 34  
ARG HE   H  N N 35  
ARG HH11 H  N N 36  
ARG HH12 H  N N 37  
ARG HH21 H  N N 38  
ARG HH22 H  N N 39  
ARG HXT  H  N N 40  
ASN N    N  N N 41  
ASN CA   C  N S 42  
ASN C    C  N N 43  
ASN O    O  N N 44  
ASN CB   C  N N 45  
ASN CG   C  N N 46  
ASN OD1  O  N N 47  
ASN ND2  N  N N 48  
ASN OXT  O  N N 49  
ASN H    H  N N 50  
ASN H2   H  N N 51  
ASN HA   H  N N 52  
ASN HB2  H  N N 53  
ASN HB3  H  N N 54  
ASN HD21 H  N N 55  
ASN HD22 H  N N 56  
ASN HXT  H  N N 57  
ASP N    N  N N 58  
ASP CA   C  N S 59  
ASP C    C  N N 60  
ASP O    O  N N 61  
ASP CB   C  N N 62  
ASP CG   C  N N 63  
ASP OD1  O  N N 64  
ASP OD2  O  N N 65  
ASP OXT  O  N N 66  
ASP H    H  N N 67  
ASP H2   H  N N 68  
ASP HA   H  N N 69  
ASP HB2  H  N N 70  
ASP HB3  H  N N 71  
ASP HD2  H  N N 72  
ASP HXT  H  N N 73  
GLN N    N  N N 74  
GLN CA   C  N S 75  
GLN C    C  N N 76  
GLN O    O  N N 77  
GLN CB   C  N N 78  
GLN CG   C  N N 79  
GLN CD   C  N N 80  
GLN OE1  O  N N 81  
GLN NE2  N  N N 82  
GLN OXT  O  N N 83  
GLN H    H  N N 84  
GLN H2   H  N N 85  
GLN HA   H  N N 86  
GLN HB2  H  N N 87  
GLN HB3  H  N N 88  
GLN HG2  H  N N 89  
GLN HG3  H  N N 90  
GLN HE21 H  N N 91  
GLN HE22 H  N N 92  
GLN HXT  H  N N 93  
GLU N    N  N N 94  
GLU CA   C  N S 95  
GLU C    C  N N 96  
GLU O    O  N N 97  
GLU CB   C  N N 98  
GLU CG   C  N N 99  
GLU CD   C  N N 100 
GLU OE1  O  N N 101 
GLU OE2  O  N N 102 
GLU OXT  O  N N 103 
GLU H    H  N N 104 
GLU H2   H  N N 105 
GLU HA   H  N N 106 
GLU HB2  H  N N 107 
GLU HB3  H  N N 108 
GLU HG2  H  N N 109 
GLU HG3  H  N N 110 
GLU HE2  H  N N 111 
GLU HXT  H  N N 112 
GLY N    N  N N 113 
GLY CA   C  N N 114 
GLY C    C  N N 115 
GLY O    O  N N 116 
GLY OXT  O  N N 117 
GLY H    H  N N 118 
GLY H2   H  N N 119 
GLY HA2  H  N N 120 
GLY HA3  H  N N 121 
GLY HXT  H  N N 122 
HIS N    N  N N 123 
HIS CA   C  N S 124 
HIS C    C  N N 125 
HIS O    O  N N 126 
HIS CB   C  N N 127 
HIS CG   C  Y N 128 
HIS ND1  N  Y N 129 
HIS CD2  C  Y N 130 
HIS CE1  C  Y N 131 
HIS NE2  N  Y N 132 
HIS OXT  O  N N 133 
HIS H    H  N N 134 
HIS H2   H  N N 135 
HIS HA   H  N N 136 
HIS HB2  H  N N 137 
HIS HB3  H  N N 138 
HIS HD1  H  N N 139 
HIS HD2  H  N N 140 
HIS HE1  H  N N 141 
HIS HE2  H  N N 142 
HIS HXT  H  N N 143 
HOH O    O  N N 144 
HOH H1   H  N N 145 
HOH H2   H  N N 146 
ILE N    N  N N 147 
ILE CA   C  N S 148 
ILE C    C  N N 149 
ILE O    O  N N 150 
ILE CB   C  N S 151 
ILE CG1  C  N N 152 
ILE CG2  C  N N 153 
ILE CD1  C  N N 154 
ILE OXT  O  N N 155 
ILE H    H  N N 156 
ILE H2   H  N N 157 
ILE HA   H  N N 158 
ILE HB   H  N N 159 
ILE HG12 H  N N 160 
ILE HG13 H  N N 161 
ILE HG21 H  N N 162 
ILE HG22 H  N N 163 
ILE HG23 H  N N 164 
ILE HD11 H  N N 165 
ILE HD12 H  N N 166 
ILE HD13 H  N N 167 
ILE HXT  H  N N 168 
LEU N    N  N N 169 
LEU CA   C  N S 170 
LEU C    C  N N 171 
LEU O    O  N N 172 
LEU CB   C  N N 173 
LEU CG   C  N N 174 
LEU CD1  C  N N 175 
LEU CD2  C  N N 176 
LEU OXT  O  N N 177 
LEU H    H  N N 178 
LEU H2   H  N N 179 
LEU HA   H  N N 180 
LEU HB2  H  N N 181 
LEU HB3  H  N N 182 
LEU HG   H  N N 183 
LEU HD11 H  N N 184 
LEU HD12 H  N N 185 
LEU HD13 H  N N 186 
LEU HD21 H  N N 187 
LEU HD22 H  N N 188 
LEU HD23 H  N N 189 
LEU HXT  H  N N 190 
LYS N    N  N N 191 
LYS CA   C  N S 192 
LYS C    C  N N 193 
LYS O    O  N N 194 
LYS CB   C  N N 195 
LYS CG   C  N N 196 
LYS CD   C  N N 197 
LYS CE   C  N N 198 
LYS NZ   N  N N 199 
LYS OXT  O  N N 200 
LYS H    H  N N 201 
LYS H2   H  N N 202 
LYS HA   H  N N 203 
LYS HB2  H  N N 204 
LYS HB3  H  N N 205 
LYS HG2  H  N N 206 
LYS HG3  H  N N 207 
LYS HD2  H  N N 208 
LYS HD3  H  N N 209 
LYS HE2  H  N N 210 
LYS HE3  H  N N 211 
LYS HZ1  H  N N 212 
LYS HZ2  H  N N 213 
LYS HZ3  H  N N 214 
LYS HXT  H  N N 215 
MET N    N  N N 216 
MET CA   C  N S 217 
MET C    C  N N 218 
MET O    O  N N 219 
MET CB   C  N N 220 
MET CG   C  N N 221 
MET SD   S  N N 222 
MET CE   C  N N 223 
MET OXT  O  N N 224 
MET H    H  N N 225 
MET H2   H  N N 226 
MET HA   H  N N 227 
MET HB2  H  N N 228 
MET HB3  H  N N 229 
MET HG2  H  N N 230 
MET HG3  H  N N 231 
MET HE1  H  N N 232 
MET HE2  H  N N 233 
MET HE3  H  N N 234 
MET HXT  H  N N 235 
PHE N    N  N N 236 
PHE CA   C  N S 237 
PHE C    C  N N 238 
PHE O    O  N N 239 
PHE CB   C  N N 240 
PHE CG   C  Y N 241 
PHE CD1  C  Y N 242 
PHE CD2  C  Y N 243 
PHE CE1  C  Y N 244 
PHE CE2  C  Y N 245 
PHE CZ   C  Y N 246 
PHE OXT  O  N N 247 
PHE H    H  N N 248 
PHE H2   H  N N 249 
PHE HA   H  N N 250 
PHE HB2  H  N N 251 
PHE HB3  H  N N 252 
PHE HD1  H  N N 253 
PHE HD2  H  N N 254 
PHE HE1  H  N N 255 
PHE HE2  H  N N 256 
PHE HZ   H  N N 257 
PHE HXT  H  N N 258 
PRO N    N  N N 259 
PRO CA   C  N S 260 
PRO C    C  N N 261 
PRO O    O  N N 262 
PRO CB   C  N N 263 
PRO CG   C  N N 264 
PRO CD   C  N N 265 
PRO OXT  O  N N 266 
PRO H    H  N N 267 
PRO HA   H  N N 268 
PRO HB2  H  N N 269 
PRO HB3  H  N N 270 
PRO HG2  H  N N 271 
PRO HG3  H  N N 272 
PRO HD2  H  N N 273 
PRO HD3  H  N N 274 
PRO HXT  H  N N 275 
SER N    N  N N 276 
SER CA   C  N S 277 
SER C    C  N N 278 
SER O    O  N N 279 
SER CB   C  N N 280 
SER OG   O  N N 281 
SER OXT  O  N N 282 
SER H    H  N N 283 
SER H2   H  N N 284 
SER HA   H  N N 285 
SER HB2  H  N N 286 
SER HB3  H  N N 287 
SER HG   H  N N 288 
SER HXT  H  N N 289 
THR N    N  N N 290 
THR CA   C  N S 291 
THR C    C  N N 292 
THR O    O  N N 293 
THR CB   C  N R 294 
THR OG1  O  N N 295 
THR CG2  C  N N 296 
THR OXT  O  N N 297 
THR H    H  N N 298 
THR H2   H  N N 299 
THR HA   H  N N 300 
THR HB   H  N N 301 
THR HG1  H  N N 302 
THR HG21 H  N N 303 
THR HG22 H  N N 304 
THR HG23 H  N N 305 
THR HXT  H  N N 306 
TYR N    N  N N 307 
TYR CA   C  N S 308 
TYR C    C  N N 309 
TYR O    O  N N 310 
TYR CB   C  N N 311 
TYR CG   C  Y N 312 
TYR CD1  C  Y N 313 
TYR CD2  C  Y N 314 
TYR CE1  C  Y N 315 
TYR CE2  C  Y N 316 
TYR CZ   C  Y N 317 
TYR OH   O  N N 318 
TYR OXT  O  N N 319 
TYR H    H  N N 320 
TYR H2   H  N N 321 
TYR HA   H  N N 322 
TYR HB2  H  N N 323 
TYR HB3  H  N N 324 
TYR HD1  H  N N 325 
TYR HD2  H  N N 326 
TYR HE1  H  N N 327 
TYR HE2  H  N N 328 
TYR HH   H  N N 329 
TYR HXT  H  N N 330 
VAL N    N  N N 331 
VAL CA   C  N S 332 
VAL C    C  N N 333 
VAL O    O  N N 334 
VAL CB   C  N N 335 
VAL CG1  C  N N 336 
VAL CG2  C  N N 337 
VAL OXT  O  N N 338 
VAL H    H  N N 339 
VAL H2   H  N N 340 
VAL HA   H  N N 341 
VAL HB   H  N N 342 
VAL HG11 H  N N 343 
VAL HG12 H  N N 344 
VAL HG13 H  N N 345 
VAL HG21 H  N N 346 
VAL HG22 H  N N 347 
VAL HG23 H  N N 348 
VAL HXT  H  N N 349 
ZN  ZN   ZN N N 350 
# 
loop_
_chem_comp_bond.comp_id 
_chem_comp_bond.atom_id_1 
_chem_comp_bond.atom_id_2 
_chem_comp_bond.value_order 
_chem_comp_bond.pdbx_aromatic_flag 
_chem_comp_bond.pdbx_stereo_config 
_chem_comp_bond.pdbx_ordinal 
ALA N   CA   sing N N 1   
ALA N   H    sing N N 2   
ALA N   H2   sing N N 3   
ALA CA  C    sing N N 4   
ALA CA  CB   sing N N 5   
ALA CA  HA   sing N N 6   
ALA C   O    doub N N 7   
ALA C   OXT  sing N N 8   
ALA CB  HB1  sing N N 9   
ALA CB  HB2  sing N N 10  
ALA CB  HB3  sing N N 11  
ALA OXT HXT  sing N N 12  
ARG N   CA   sing N N 13  
ARG N   H    sing N N 14  
ARG N   H2   sing N N 15  
ARG CA  C    sing N N 16  
ARG CA  CB   sing N N 17  
ARG CA  HA   sing N N 18  
ARG C   O    doub N N 19  
ARG C   OXT  sing N N 20  
ARG CB  CG   sing N N 21  
ARG CB  HB2  sing N N 22  
ARG CB  HB3  sing N N 23  
ARG CG  CD   sing N N 24  
ARG CG  HG2  sing N N 25  
ARG CG  HG3  sing N N 26  
ARG CD  NE   sing N N 27  
ARG CD  HD2  sing N N 28  
ARG CD  HD3  sing N N 29  
ARG NE  CZ   sing N N 30  
ARG NE  HE   sing N N 31  
ARG CZ  NH1  sing N N 32  
ARG CZ  NH2  doub N N 33  
ARG NH1 HH11 sing N N 34  
ARG NH1 HH12 sing N N 35  
ARG NH2 HH21 sing N N 36  
ARG NH2 HH22 sing N N 37  
ARG OXT HXT  sing N N 38  
ASN N   CA   sing N N 39  
ASN N   H    sing N N 40  
ASN N   H2   sing N N 41  
ASN CA  C    sing N N 42  
ASN CA  CB   sing N N 43  
ASN CA  HA   sing N N 44  
ASN C   O    doub N N 45  
ASN C   OXT  sing N N 46  
ASN CB  CG   sing N N 47  
ASN CB  HB2  sing N N 48  
ASN CB  HB3  sing N N 49  
ASN CG  OD1  doub N N 50  
ASN CG  ND2  sing N N 51  
ASN ND2 HD21 sing N N 52  
ASN ND2 HD22 sing N N 53  
ASN OXT HXT  sing N N 54  
ASP N   CA   sing N N 55  
ASP N   H    sing N N 56  
ASP N   H2   sing N N 57  
ASP CA  C    sing N N 58  
ASP CA  CB   sing N N 59  
ASP CA  HA   sing N N 60  
ASP C   O    doub N N 61  
ASP C   OXT  sing N N 62  
ASP CB  CG   sing N N 63  
ASP CB  HB2  sing N N 64  
ASP CB  HB3  sing N N 65  
ASP CG  OD1  doub N N 66  
ASP CG  OD2  sing N N 67  
ASP OD2 HD2  sing N N 68  
ASP OXT HXT  sing N N 69  
GLN N   CA   sing N N 70  
GLN N   H    sing N N 71  
GLN N   H2   sing N N 72  
GLN CA  C    sing N N 73  
GLN CA  CB   sing N N 74  
GLN CA  HA   sing N N 75  
GLN C   O    doub N N 76  
GLN C   OXT  sing N N 77  
GLN CB  CG   sing N N 78  
GLN CB  HB2  sing N N 79  
GLN CB  HB3  sing N N 80  
GLN CG  CD   sing N N 81  
GLN CG  HG2  sing N N 82  
GLN CG  HG3  sing N N 83  
GLN CD  OE1  doub N N 84  
GLN CD  NE2  sing N N 85  
GLN NE2 HE21 sing N N 86  
GLN NE2 HE22 sing N N 87  
GLN OXT HXT  sing N N 88  
GLU N   CA   sing N N 89  
GLU N   H    sing N N 90  
GLU N   H2   sing N N 91  
GLU CA  C    sing N N 92  
GLU CA  CB   sing N N 93  
GLU CA  HA   sing N N 94  
GLU C   O    doub N N 95  
GLU C   OXT  sing N N 96  
GLU CB  CG   sing N N 97  
GLU CB  HB2  sing N N 98  
GLU CB  HB3  sing N N 99  
GLU CG  CD   sing N N 100 
GLU CG  HG2  sing N N 101 
GLU CG  HG3  sing N N 102 
GLU CD  OE1  doub N N 103 
GLU CD  OE2  sing N N 104 
GLU OE2 HE2  sing N N 105 
GLU OXT HXT  sing N N 106 
GLY N   CA   sing N N 107 
GLY N   H    sing N N 108 
GLY N   H2   sing N N 109 
GLY CA  C    sing N N 110 
GLY CA  HA2  sing N N 111 
GLY CA  HA3  sing N N 112 
GLY C   O    doub N N 113 
GLY C   OXT  sing N N 114 
GLY OXT HXT  sing N N 115 
HIS N   CA   sing N N 116 
HIS N   H    sing N N 117 
HIS N   H2   sing N N 118 
HIS CA  C    sing N N 119 
HIS CA  CB   sing N N 120 
HIS CA  HA   sing N N 121 
HIS C   O    doub N N 122 
HIS C   OXT  sing N N 123 
HIS CB  CG   sing N N 124 
HIS CB  HB2  sing N N 125 
HIS CB  HB3  sing N N 126 
HIS CG  ND1  sing Y N 127 
HIS CG  CD2  doub Y N 128 
HIS ND1 CE1  doub Y N 129 
HIS ND1 HD1  sing N N 130 
HIS CD2 NE2  sing Y N 131 
HIS CD2 HD2  sing N N 132 
HIS CE1 NE2  sing Y N 133 
HIS CE1 HE1  sing N N 134 
HIS NE2 HE2  sing N N 135 
HIS OXT HXT  sing N N 136 
HOH O   H1   sing N N 137 
HOH O   H2   sing N N 138 
ILE N   CA   sing N N 139 
ILE N   H    sing N N 140 
ILE N   H2   sing N N 141 
ILE CA  C    sing N N 142 
ILE CA  CB   sing N N 143 
ILE CA  HA   sing N N 144 
ILE C   O    doub N N 145 
ILE C   OXT  sing N N 146 
ILE CB  CG1  sing N N 147 
ILE CB  CG2  sing N N 148 
ILE CB  HB   sing N N 149 
ILE CG1 CD1  sing N N 150 
ILE CG1 HG12 sing N N 151 
ILE CG1 HG13 sing N N 152 
ILE CG2 HG21 sing N N 153 
ILE CG2 HG22 sing N N 154 
ILE CG2 HG23 sing N N 155 
ILE CD1 HD11 sing N N 156 
ILE CD1 HD12 sing N N 157 
ILE CD1 HD13 sing N N 158 
ILE OXT HXT  sing N N 159 
LEU N   CA   sing N N 160 
LEU N   H    sing N N 161 
LEU N   H2   sing N N 162 
LEU CA  C    sing N N 163 
LEU CA  CB   sing N N 164 
LEU CA  HA   sing N N 165 
LEU C   O    doub N N 166 
LEU C   OXT  sing N N 167 
LEU CB  CG   sing N N 168 
LEU CB  HB2  sing N N 169 
LEU CB  HB3  sing N N 170 
LEU CG  CD1  sing N N 171 
LEU CG  CD2  sing N N 172 
LEU CG  HG   sing N N 173 
LEU CD1 HD11 sing N N 174 
LEU CD1 HD12 sing N N 175 
LEU CD1 HD13 sing N N 176 
LEU CD2 HD21 sing N N 177 
LEU CD2 HD22 sing N N 178 
LEU CD2 HD23 sing N N 179 
LEU OXT HXT  sing N N 180 
LYS N   CA   sing N N 181 
LYS N   H    sing N N 182 
LYS N   H2   sing N N 183 
LYS CA  C    sing N N 184 
LYS CA  CB   sing N N 185 
LYS CA  HA   sing N N 186 
LYS C   O    doub N N 187 
LYS C   OXT  sing N N 188 
LYS CB  CG   sing N N 189 
LYS CB  HB2  sing N N 190 
LYS CB  HB3  sing N N 191 
LYS CG  CD   sing N N 192 
LYS CG  HG2  sing N N 193 
LYS CG  HG3  sing N N 194 
LYS CD  CE   sing N N 195 
LYS CD  HD2  sing N N 196 
LYS CD  HD3  sing N N 197 
LYS CE  NZ   sing N N 198 
LYS CE  HE2  sing N N 199 
LYS CE  HE3  sing N N 200 
LYS NZ  HZ1  sing N N 201 
LYS NZ  HZ2  sing N N 202 
LYS NZ  HZ3  sing N N 203 
LYS OXT HXT  sing N N 204 
MET N   CA   sing N N 205 
MET N   H    sing N N 206 
MET N   H2   sing N N 207 
MET CA  C    sing N N 208 
MET CA  CB   sing N N 209 
MET CA  HA   sing N N 210 
MET C   O    doub N N 211 
MET C   OXT  sing N N 212 
MET CB  CG   sing N N 213 
MET CB  HB2  sing N N 214 
MET CB  HB3  sing N N 215 
MET CG  SD   sing N N 216 
MET CG  HG2  sing N N 217 
MET CG  HG3  sing N N 218 
MET SD  CE   sing N N 219 
MET CE  HE1  sing N N 220 
MET CE  HE2  sing N N 221 
MET CE  HE3  sing N N 222 
MET OXT HXT  sing N N 223 
PHE N   CA   sing N N 224 
PHE N   H    sing N N 225 
PHE N   H2   sing N N 226 
PHE CA  C    sing N N 227 
PHE CA  CB   sing N N 228 
PHE CA  HA   sing N N 229 
PHE C   O    doub N N 230 
PHE C   OXT  sing N N 231 
PHE CB  CG   sing N N 232 
PHE CB  HB2  sing N N 233 
PHE CB  HB3  sing N N 234 
PHE CG  CD1  doub Y N 235 
PHE CG  CD2  sing Y N 236 
PHE CD1 CE1  sing Y N 237 
PHE CD1 HD1  sing N N 238 
PHE CD2 CE2  doub Y N 239 
PHE CD2 HD2  sing N N 240 
PHE CE1 CZ   doub Y N 241 
PHE CE1 HE1  sing N N 242 
PHE CE2 CZ   sing Y N 243 
PHE CE2 HE2  sing N N 244 
PHE CZ  HZ   sing N N 245 
PHE OXT HXT  sing N N 246 
PRO N   CA   sing N N 247 
PRO N   CD   sing N N 248 
PRO N   H    sing N N 249 
PRO CA  C    sing N N 250 
PRO CA  CB   sing N N 251 
PRO CA  HA   sing N N 252 
PRO C   O    doub N N 253 
PRO C   OXT  sing N N 254 
PRO CB  CG   sing N N 255 
PRO CB  HB2  sing N N 256 
PRO CB  HB3  sing N N 257 
PRO CG  CD   sing N N 258 
PRO CG  HG2  sing N N 259 
PRO CG  HG3  sing N N 260 
PRO CD  HD2  sing N N 261 
PRO CD  HD3  sing N N 262 
PRO OXT HXT  sing N N 263 
SER N   CA   sing N N 264 
SER N   H    sing N N 265 
SER N   H2   sing N N 266 
SER CA  C    sing N N 267 
SER CA  CB   sing N N 268 
SER CA  HA   sing N N 269 
SER C   O    doub N N 270 
SER C   OXT  sing N N 271 
SER CB  OG   sing N N 272 
SER CB  HB2  sing N N 273 
SER CB  HB3  sing N N 274 
SER OG  HG   sing N N 275 
SER OXT HXT  sing N N 276 
THR N   CA   sing N N 277 
THR N   H    sing N N 278 
THR N   H2   sing N N 279 
THR CA  C    sing N N 280 
THR CA  CB   sing N N 281 
THR CA  HA   sing N N 282 
THR C   O    doub N N 283 
THR C   OXT  sing N N 284 
THR CB  OG1  sing N N 285 
THR CB  CG2  sing N N 286 
THR CB  HB   sing N N 287 
THR OG1 HG1  sing N N 288 
THR CG2 HG21 sing N N 289 
THR CG2 HG22 sing N N 290 
THR CG2 HG23 sing N N 291 
THR OXT HXT  sing N N 292 
TYR N   CA   sing N N 293 
TYR N   H    sing N N 294 
TYR N   H2   sing N N 295 
TYR CA  C    sing N N 296 
TYR CA  CB   sing N N 297 
TYR CA  HA   sing N N 298 
TYR C   O    doub N N 299 
TYR C   OXT  sing N N 300 
TYR CB  CG   sing N N 301 
TYR CB  HB2  sing N N 302 
TYR CB  HB3  sing N N 303 
TYR CG  CD1  doub Y N 304 
TYR CG  CD2  sing Y N 305 
TYR CD1 CE1  sing Y N 306 
TYR CD1 HD1  sing N N 307 
TYR CD2 CE2  doub Y N 308 
TYR CD2 HD2  sing N N 309 
TYR CE1 CZ   doub Y N 310 
TYR CE1 HE1  sing N N 311 
TYR CE2 CZ   sing Y N 312 
TYR CE2 HE2  sing N N 313 
TYR CZ  OH   sing N N 314 
TYR OH  HH   sing N N 315 
TYR OXT HXT  sing N N 316 
VAL N   CA   sing N N 317 
VAL N   H    sing N N 318 
VAL N   H2   sing N N 319 
VAL CA  C    sing N N 320 
VAL CA  CB   sing N N 321 
VAL CA  HA   sing N N 322 
VAL C   O    doub N N 323 
VAL C   OXT  sing N N 324 
VAL CB  CG1  sing N N 325 
VAL CB  CG2  sing N N 326 
VAL CB  HB   sing N N 327 
VAL CG1 HG11 sing N N 328 
VAL CG1 HG12 sing N N 329 
VAL CG1 HG13 sing N N 330 
VAL CG2 HG21 sing N N 331 
VAL CG2 HG22 sing N N 332 
VAL CG2 HG23 sing N N 333 
VAL OXT HXT  sing N N 334 
# 
_pdbx_audit_support.funding_organization   'Swiss National Science Foundation' 
_pdbx_audit_support.country                Switzerland 
_pdbx_audit_support.grant_number           ? 
_pdbx_audit_support.ordinal                1 
# 
_pdbx_initial_refinement_model.id               1 
_pdbx_initial_refinement_model.entity_id_list   2 
_pdbx_initial_refinement_model.type             'experimental model' 
_pdbx_initial_refinement_model.source_name      PDB 
_pdbx_initial_refinement_model.accession_code   4qoy 
_pdbx_initial_refinement_model.details          'chain F' 
# 
_space_group.name_H-M_alt     'P 1' 
_space_group.name_Hall        'P 1' 
_space_group.IT_number        1 
_space_group.crystal_system   triclinic 
_space_group.id               1 
# 
_atom_sites.entry_id                    8OQJ 
_atom_sites.Cartn_transf_matrix[1][1]   ? 
_atom_sites.Cartn_transf_matrix[1][2]   ? 
_atom_sites.Cartn_transf_matrix[1][3]   ? 
_atom_sites.Cartn_transf_matrix[2][1]   ? 
_atom_sites.Cartn_transf_matrix[2][2]   ? 
_atom_sites.Cartn_transf_matrix[2][3]   ? 
_atom_sites.Cartn_transf_matrix[3][1]   ? 
_atom_sites.Cartn_transf_matrix[3][2]   ? 
_atom_sites.Cartn_transf_matrix[3][3]   ? 
_atom_sites.Cartn_transf_vector[1]      ? 
_atom_sites.Cartn_transf_vector[2]      ? 
_atom_sites.Cartn_transf_vector[3]      ? 
_atom_sites.fract_transf_matrix[1][1]   0.01588133 
_atom_sites.fract_transf_matrix[1][2]   0.00797608 
_atom_sites.fract_transf_matrix[1][3]   0.02930649 
_atom_sites.fract_transf_matrix[2][1]   -0.01882869 
_atom_sites.fract_transf_matrix[2][2]   -0.00262419 
_atom_sites.fract_transf_matrix[2][3]   0.02078496 
_atom_sites.fract_transf_matrix[3][1]   0.00938771 
_atom_sites.fract_transf_matrix[3][2]   -0.02285711 
_atom_sites.fract_transf_matrix[3][3]   0.01759991 
_atom_sites.fract_transf_vector[1]      -0.086432 
_atom_sites.fract_transf_vector[2]      -0.048018 
_atom_sites.fract_transf_vector[3]      0.618166 
_atom_sites.solution_primary            ? 
_atom_sites.solution_secondary          ? 
_atom_sites.solution_hydrogens          ? 
_atom_sites.special_details             ? 
# 
loop_
_atom_type.symbol 
_atom_type.scat_dispersion_real 
_atom_type.scat_dispersion_imag 
_atom_type.scat_Cromer_Mann_a1 
_atom_type.scat_Cromer_Mann_a2 
_atom_type.scat_Cromer_Mann_a3 
_atom_type.scat_Cromer_Mann_a4 
_atom_type.scat_Cromer_Mann_b1 
_atom_type.scat_Cromer_Mann_b2 
_atom_type.scat_Cromer_Mann_b3 
_atom_type.scat_Cromer_Mann_b4 
_atom_type.scat_Cromer_Mann_c 
_atom_type.scat_source 
_atom_type.scat_dispersion_source 
C  ? ? 3.54356  2.42580 ? ? 25.62398 1.50364  ? ? 0.0 
;2-Gaussian fit: Grosse-Kunstleve RW, Sauter NK, Adams PD: Newsletter of the IUCr Commission on Crystallographic Computing 2004, 3, 22-31.
;
? 
N  ? ? 4.01032  2.96436 ? ? 19.97189 1.75589  ? ? 0.0 
;2-Gaussian fit: Grosse-Kunstleve RW, Sauter NK, Adams PD: Newsletter of the IUCr Commission on Crystallographic Computing 2004, 3, 22-31.
;
? 
O  ? ? 4.49882  3.47563 ? ? 15.80542 1.70748  ? ? 0.0 
;2-Gaussian fit: Grosse-Kunstleve RW, Sauter NK, Adams PD: Newsletter of the IUCr Commission on Crystallographic Computing 2004, 3, 22-31.
;
? 
ZN ? ? 24.64596 5.25405 ? ? 2.14387  29.76375 ? ? 0.0 
;2-Gaussian fit: Grosse-Kunstleve RW, Sauter NK, Adams PD: Newsletter of the IUCr Commission on Crystallographic Computing 2004, 3, 22-31.
;
? 
# 
loop_
_atom_site.group_PDB 
_atom_site.id 
_atom_site.type_symbol 
_atom_site.label_atom_id 
_atom_site.label_alt_id 
_atom_site.label_comp_id 
_atom_site.label_asym_id 
_atom_site.label_entity_id 
_atom_site.label_seq_id 
_atom_site.pdbx_PDB_ins_code 
_atom_site.Cartn_x 
_atom_site.Cartn_y 
_atom_site.Cartn_z 
_atom_site.occupancy 
_atom_site.B_iso_or_equiv 
_atom_site.pdbx_formal_charge 
_atom_site.auth_seq_id 
_atom_site.auth_comp_id 
_atom_site.auth_asym_id 
_atom_site.auth_atom_id 
_atom_site.pdbx_PDB_model_num 
ATOM   1    N  N   A GLU A 1 9  ? -9.78790  -13.50624 -0.00235  0.536 34.70453 ? 321 GLU A N   1 
ATOM   2    N  N   B GLU A 1 9  ? -6.05817  -16.44869 4.68459   0.464 27.78438 ? 321 GLU A N   1 
ATOM   3    C  CA  A GLU A 1 9  ? -11.03287 -13.46174 0.75904   0.536 36.09202 ? 321 GLU A CA  1 
ATOM   4    C  CA  B GLU A 1 9  ? -6.26585  -15.12079 4.10063   0.464 24.85154 ? 321 GLU A CA  1 
ATOM   5    C  C   A GLU A 1 9  ? -11.03366 -14.56037 1.81729   0.536 36.96088 ? 321 GLU A C   1 
ATOM   6    C  C   B GLU A 1 9  ? -7.75067  -14.78895 4.06562   0.464 26.88367 ? 321 GLU A C   1 
ATOM   7    O  O   A GLU A 1 9  ? -11.96011 -15.37580 1.89916   0.536 44.31184 ? 321 GLU A O   1 
ATOM   8    O  O   B GLU A 1 9  ? -8.16625  -13.67212 4.37362   0.464 26.45811 ? 321 GLU A O   1 
ATOM   9    C  CB  A GLU A 1 9  ? -12.23459 -13.59936 -0.17768  0.536 39.44266 ? 321 GLU A CB  1 
ATOM   10   C  CB  B GLU A 1 9  ? -5.68342  -15.04402 2.68934   0.464 25.05588 ? 321 GLU A CB  1 
ATOM   11   C  CG  A GLU A 1 9  ? -12.94196 -12.27818 -0.44144  0.536 38.10929 ? 321 GLU A CG  1 
ATOM   12   C  CG  B GLU A 1 9  ? -4.90755  -16.27103 2.24948   0.464 30.06385 ? 321 GLU A CG  1 
ATOM   13   C  CD  A GLU A 1 9  ? -14.05801 -12.40022 -1.45637  0.536 46.94939 ? 321 GLU A CD  1 
ATOM   14   C  CD  B GLU A 1 9  ? -4.31392  -16.10493 0.86394   0.464 33.83738 ? 321 GLU A CD  1 
ATOM   15   O  OE1 A GLU A 1 9  ? -14.34007 -13.53685 -1.89311  0.536 50.99366 ? 321 GLU A OE1 1 
ATOM   16   O  OE1 B GLU A 1 9  ? -4.13422  -14.94610 0.42324   0.464 33.04895 ? 321 GLU A OE1 1 
ATOM   17   O  OE2 A GLU A 1 9  ? -14.62892 -11.35381 -1.83919  0.536 41.98487 ? 321 GLU A OE2 1 
ATOM   18   O  OE2 B GLU A 1 9  ? -4.03652  -17.12986 0.21136   0.464 30.45658 ? 321 GLU A OE2 1 
ATOM   19   N  N   A ASN A 1 10 ? -9.98256  -14.57800 2.62859   0.536 31.23541 ? 322 ASN A N   1 
ATOM   20   N  N   B ASN A 1 10 ? -8.54230  -15.79043 3.68492   0.464 26.31689 ? 322 ASN A N   1 
ATOM   21   C  CA  A ASN A 1 10 ? -9.80924  -15.61792 3.62507   0.536 30.91667 ? 322 ASN A CA  1 
ATOM   22   C  CA  B ASN A 1 10 ? -9.98242  -15.60513 3.57571   0.464 31.02853 ? 322 ASN A CA  1 
ATOM   23   C  C   A ASN A 1 10 ? -10.52467 -15.22278 4.91524   0.536 30.15951 ? 322 ASN A C   1 
ATOM   24   C  C   B ASN A 1 10 ? -10.59292 -15.22777 4.92172   0.464 30.19740 ? 322 ASN A C   1 
ATOM   25   O  O   A ASN A 1 10 ? -11.31585 -14.27614 4.95501   0.536 28.19672 ? 322 ASN A O   1 
ATOM   26   O  O   B ASN A 1 10 ? -11.38135 -14.27859 5.00953   0.464 28.20187 ? 322 ASN A O   1 
ATOM   27   C  CB  A ASN A 1 10 ? -8.32697  -15.89183 3.86442   0.536 27.28714 ? 322 ASN A CB  1 
ATOM   28   C  CB  B ASN A 1 10 ? -10.62617 -16.88148 3.03198   0.464 30.69540 ? 322 ASN A CB  1 
ATOM   29   C  CG  A ASN A 1 10 ? -7.53331  -14.63013 4.12954   0.536 26.22096 ? 322 ASN A CG  1 
ATOM   30   C  CG  B ASN A 1 10 ? -10.42269 -17.04915 1.53756   0.464 37.71918 ? 322 ASN A CG  1 
ATOM   31   O  OD1 A ASN A 1 10 ? -8.07140  -13.62842 4.59971   0.536 26.58804 ? 322 ASN A OD1 1 
ATOM   32   O  OD1 B ASN A 1 10 ? -9.98046  -18.10211 1.07772   0.464 37.96028 ? 322 ASN A OD1 1 
ATOM   33   N  ND2 A ASN A 1 10 ? -6.23528  -14.68494 3.85579   0.536 22.85137 ? 322 ASN A ND2 1 
ATOM   34   N  ND2 B ASN A 1 10 ? -10.73225 -16.01136 0.77442   0.464 32.57139 ? 322 ASN A ND2 1 
ATOM   35   N  N   . ASP A 1 11 ? -10.24628 -15.96247 5.98936   1.000 31.91625 ? 323 ASP A N   1 
ATOM   36   C  CA  . ASP A 1 11 ? -10.90977 -15.71021 7.26858   1.000 32.02603 ? 323 ASP A CA  1 
ATOM   37   C  C   . ASP A 1 11 ? -10.54658 -14.34459 7.82902   1.000 26.92463 ? 323 ASP A C   1 
ATOM   38   O  O   . ASP A 1 11 ? -11.38869 -13.68571 8.45022   1.000 25.37869 ? 323 ASP A O   1 
ATOM   39   C  CB  . ASP A 1 11 ? -10.57058 -16.78146 8.29725   1.000 31.24602 ? 323 ASP A CB  1 
ATOM   40   C  CG  . ASP A 1 11 ? -11.55562 -16.78158 9.46682   1.000 26.05390 ? 323 ASP A CG  1 
ATOM   41   O  OD1 . ASP A 1 11 ? -12.77409 -16.86580 9.22282   1.000 36.18020 ? 323 ASP A OD1 1 
ATOM   42   O  OD2 . ASP A 1 11 ? -11.13180 -16.64060 10.62967  1.000 29.60553 ? 323 ASP A OD2 1 
ATOM   43   N  N   . ALA A 1 12 ? -9.28737  -13.92507 7.65808   1.000 23.63943 ? 324 ALA A N   1 
ATOM   44   C  CA  . ALA A 1 12 ? -8.90742  -12.57195 8.05954   1.000 30.02426 ? 324 ALA A CA  1 
ATOM   45   C  C   . ALA A 1 12 ? -9.80221  -11.53795 7.38613   1.000 23.90670 ? 324 ALA A C   1 
ATOM   46   O  O   . ALA A 1 12 ? -10.23991 -10.56534 8.02052   1.000 23.95634 ? 324 ALA A O   1 
ATOM   47   C  CB  . ALA A 1 12 ? -7.43381  -12.31510 7.72701   1.000 24.82251 ? 324 ALA A CB  1 
ATOM   48   N  N   . TYR A 1 13 ? -10.10582 -11.74686 6.10267   1.000 23.88780 ? 325 TYR A N   1 
ATOM   49   C  CA  . TYR A 1 13 ? -10.97315 -10.82390 5.37323   1.000 25.07178 ? 325 TYR A CA  1 
ATOM   50   C  C   . TYR A 1 13 ? -12.38300 -10.84700 5.94414   1.000 25.87399 ? 325 TYR A C   1 
ATOM   51   O  O   . TYR A 1 13 ? -12.98896 -9.79287  6.17506   1.000 23.85591 ? 325 TYR A O   1 
ATOM   52   C  CB  . TYR A 1 13 ? -10.98684 -11.19783 3.89013   1.000 26.23050 ? 325 TYR A CB  1 
ATOM   53   C  CG  . TYR A 1 13 ? -11.78442 -10.28918 2.99142   1.000 32.23119 ? 325 TYR A CG  1 
ATOM   54   C  CD1 . TYR A 1 13 ? -11.20366 -9.16022  2.42517   1.000 31.35845 ? 325 TYR A CD1 1 
ATOM   55   C  CD2 . TYR A 1 13 ? -13.11351 -10.57001 2.68778   1.000 35.85417 ? 325 TYR A CD2 1 
ATOM   56   C  CE1 . TYR A 1 13 ? -11.92065 -8.33217  1.58540   1.000 36.31109 ? 325 TYR A CE1 1 
ATOM   57   C  CE2 . TYR A 1 13 ? -13.84439 -9.74071  1.84892   1.000 34.08904 ? 325 TYR A CE2 1 
ATOM   58   C  CZ  . TYR A 1 13 ? -13.24006 -8.62444  1.30576   1.000 39.82809 ? 325 TYR A CZ  1 
ATOM   59   O  OH  . TYR A 1 13 ? -13.95776 -7.80177  0.47585   1.000 41.04812 ? 325 TYR A OH  1 
ATOM   60   N  N   . VAL A 1 14 ? -12.90117 -12.05474 6.20238   1.000 23.24599 ? 326 VAL A N   1 
ATOM   61   C  CA  . VAL A 1 14 ? -14.22996 -12.23525 6.78794   1.000 28.60833 ? 326 VAL A CA  1 
ATOM   62   C  C   . VAL A 1 14 ? -14.38914 -11.43093 8.07157   1.000 23.66869 ? 326 VAL A C   1 
ATOM   63   O  O   . VAL A 1 14 ? -15.41185 -10.77506 8.28747   1.000 29.19887 ? 326 VAL A O   1 
ATOM   64   C  CB  . VAL A 1 14 ? -14.48583 -13.73636 7.02807   1.000 25.80426 ? 326 VAL A CB  1 
ATOM   65   C  CG1 . VAL A 1 14 ? -15.75673 -13.94797 7.82072   1.000 27.17969 ? 326 VAL A CG1 1 
ATOM   66   C  CG2 . VAL A 1 14 ? -14.55411 -14.46159 5.69247   1.000 25.46366 ? 326 VAL A CG2 1 
ATOM   67   N  N   . HIS A 1 15 ? -13.38292 -11.45466 8.93634   1.000 23.74019 ? 327 HIS A N   1 
ATOM   68   C  CA  . HIS A 1 15 ? -13.47926 -10.74439 10.20186  1.000 26.90106 ? 327 HIS A CA  1 
ATOM   69   C  C   . HIS A 1 15 ? -13.18987 -9.25280  10.12149  1.000 22.10426 ? 327 HIS A C   1 
ATOM   70   O  O   . HIS A 1 15 ? -13.52317 -8.53457  11.07224  1.000 21.79560 ? 327 HIS A O   1 
ATOM   71   C  CB  . HIS A 1 15 ? -12.56734 -11.40969 11.22227  1.000 24.65708 ? 327 HIS A CB  1 
ATOM   72   C  CG  . HIS A 1 15 ? -13.05183 -12.76541 11.61893  1.000 30.10260 ? 327 HIS A CG  1 
ATOM   73   N  ND1 . HIS A 1 15 ? -14.33129 -12.96004 12.09321  1.000 38.11051 ? 327 HIS A ND1 1 
ATOM   74   C  CD2 . HIS A 1 15 ? -12.47569 -13.98874 11.56922  1.000 23.31122 ? 327 HIS A CD2 1 
ATOM   75   C  CE1 . HIS A 1 15 ? -14.51381 -14.24117 12.34587  1.000 36.22054 ? 327 HIS A CE1 1 
ATOM   76   N  NE2 . HIS A 1 15 ? -13.40076 -14.88436 12.04723  1.000 36.52680 ? 327 HIS A NE2 1 
ATOM   77   N  N   . ALA A 1 16 ? -12.62657 -8.75820  9.01605   1.000 20.93060 ? 328 ALA A N   1 
ATOM   78   C  CA  . ALA A 1 16 ? -12.25357 -7.35763  8.92682   1.000 22.19395 ? 328 ALA A CA  1 
ATOM   79   C  C   . ALA A 1 16 ? -13.46486 -6.45688  8.68807   1.000 24.44820 ? 328 ALA A C   1 
ATOM   80   O  O   . ALA A 1 16 ? -14.49027 -6.87184  8.14185   1.000 26.20579 ? 328 ALA A O   1 
ATOM   81   C  CB  . ALA A 1 16 ? -11.24399 -7.15389  7.79685   1.000 21.35072 ? 328 ALA A CB  1 
ATOM   82   N  N   . THR A 1 17 ? -13.31532 -5.18978  9.08149   1.000 21.92385 ? 329 THR A N   1 
ATOM   83   C  CA  . THR A 1 17 ? -14.36669 -4.21306  8.89284   1.000 28.01751 ? 329 THR A CA  1 
ATOM   84   C  C   . THR A 1 17 ? -14.48791 -3.86329  7.40871   1.000 29.95318 ? 329 THR A C   1 
ATOM   85   O  O   . THR A 1 17 ? -13.54880 -4.07454  6.63126   1.000 23.88094 ? 329 THR A O   1 
ATOM   86   C  CB  . THR A 1 17 ? -14.06999 -2.95628  9.71288   1.000 27.50988 ? 329 THR A CB  1 
ATOM   87   O  OG1 . THR A 1 17 ? -12.95363 -2.27095  9.13166   1.000 28.44161 ? 329 THR A OG1 1 
ATOM   88   C  CG2 . THR A 1 17 ? -13.75401 -3.33132  11.16543  1.000 31.94501 ? 329 THR A CG2 1 
ATOM   89   N  N   . PRO A 1 18 ? -15.64530 -3.34067  6.98739   1.000 31.34133 ? 330 PRO A N   1 
ATOM   90   C  CA  . PRO A 1 18 ? -15.83533 -3.04858  5.56082   1.000 32.68918 ? 330 PRO A CA  1 
ATOM   91   C  C   . PRO A 1 18 ? -14.75794 -2.15392  4.96596   1.000 27.07986 ? 330 PRO A C   1 
ATOM   92   O  O   . PRO A 1 18 ? -14.33379 -2.38232  3.83127   1.000 30.62958 ? 330 PRO A O   1 
ATOM   93   C  CB  . PRO A 1 18 ? -17.21564 -2.38150  5.54130   1.000 37.11368 ? 330 PRO A CB  1 
ATOM   94   C  CG  . PRO A 1 18 ? -17.93740 -3.04602  6.67326   1.000 33.23904 ? 330 PRO A CG  1 
ATOM   95   C  CD  . PRO A 1 18 ? -16.88990 -3.12828  7.75287   1.000 37.24045 ? 330 PRO A CD  1 
ATOM   96   N  N   . LEU A 1 19 ? -14.27922 -1.16300  5.71726   1.000 28.52628 ? 331 LEU A N   1 
ATOM   97   C  CA  . LEU A 1 19 ? -13.27416 -0.25363  5.18032   1.000 28.85904 ? 331 LEU A CA  1 
ATOM   98   C  C   . LEU A 1 19 ? -11.91426 -0.93636  5.06498   1.000 27.67565 ? 331 LEU A C   1 
ATOM   99   O  O   . LEU A 1 19 ? -11.14406 -0.62851  4.15367   1.000 25.22009 ? 331 LEU A O   1 
ATOM   100  C  CB  . LEU A 1 19 ? -13.19253 0.98917   6.06375   1.000 37.85611 ? 331 LEU A CB  1 
ATOM   101  C  CG  . LEU A 1 19 ? -14.35275 1.97335   5.85103   1.000 49.97068 ? 331 LEU A CG  1 
ATOM   102  C  CD1 . LEU A 1 19 ? -14.07744 3.29610   6.54525   1.000 35.79473 ? 331 LEU A CD1 1 
ATOM   103  C  CD2 . LEU A 1 19 ? -14.69092 2.17822   4.36773   1.000 41.24124 ? 331 LEU A CD2 1 
ATOM   104  N  N   . ILE A 1 20 ? -11.61905 -1.88461  5.96083   1.000 24.86588 ? 332 ILE A N   1 
ATOM   105  C  CA  . ILE A 1 20 ? -10.36140 -2.62092  5.88379   1.000 26.23554 ? 332 ILE A CA  1 
ATOM   106  C  C   . ILE A 1 20 ? -10.40971 -3.63851  4.74991   1.000 25.61111 ? 332 ILE A C   1 
ATOM   107  O  O   . ILE A 1 20 ? -9.41271  -3.85794  4.04336   1.000 18.80859 ? 332 ILE A O   1 
ATOM   108  C  CB  . ILE A 1 20 ? -10.05333 -3.27436  7.24919   1.000 19.88972 ? 332 ILE A CB  1 
ATOM   109  C  CG1 . ILE A 1 20 ? -9.78390  -2.18169  8.29639   1.000 18.13203 ? 332 ILE A CG1 1 
ATOM   110  C  CG2 . ILE A 1 20 ? -8.90855  -4.26210  7.13930   1.000 20.20668 ? 332 ILE A CG2 1 
ATOM   111  C  CD1 . ILE A 1 20 ? -8.66879  -1.17380  7.83379   1.000 21.37982 ? 332 ILE A CD1 1 
ATOM   112  N  N   . ARG A 1 21 ? -11.57169 -4.26749  4.54917   1.000 21.88699 ? 333 ARG A N   1 
ATOM   113  C  CA  . ARG A 1 21 ? -11.75043 -5.16090  3.40948   1.000 25.38266 ? 333 ARG A CA  1 
ATOM   114  C  C   . ARG A 1 21 ? -11.49475 -4.41963  2.10112   1.000 26.62462 ? 333 ARG A C   1 
ATOM   115  O  O   . ARG A 1 21 ? -10.77597 -4.91397  1.22020   1.000 23.88519 ? 333 ARG A O   1 
ATOM   116  C  CB  . ARG A 1 21 ? -13.16731 -5.73176  3.41610   1.000 24.58040 ? 333 ARG A CB  1 
ATOM   117  C  CG  . ARG A 1 21 ? -13.42916 -6.79446  4.46791   1.000 23.77404 ? 333 ARG A CG  1 
ATOM   118  C  CD  . ARG A 1 21 ? -14.89924 -7.18265  4.39015   1.000 26.95705 ? 333 ARG A CD  1 
ATOM   119  N  NE  . ARG A 1 21 ? -15.32447 -8.10940  5.43101   1.000 29.14785 ? 333 ARG A NE  1 
ATOM   120  C  CZ  . ARG A 1 21 ? -16.59643 -8.35793  5.70593   1.000 38.00481 ? 333 ARG A CZ  1 
ATOM   121  N  NH1 . ARG A 1 21 ? -17.57351 -7.80943  4.99963   1.000 36.07341 ? 333 ARG A NH1 1 
ATOM   122  N  NH2 . ARG A 1 21 ? -16.89746 -9.17619  6.71152   1.000 32.11368 ? 333 ARG A NH2 1 
ATOM   123  N  N   . ARG A 1 22 ? -12.11274 -3.24326  1.95004   1.000 23.51964 ? 334 ARG A N   1 
ATOM   124  C  CA  . ARG A 1 22 ? -11.95144 -2.45402  0.73335   1.000 25.82698 ? 334 ARG A CA  1 
ATOM   125  C  C   . ARG A 1 22 ? -10.48918 -2.08976  0.51842   1.000 24.62789 ? 334 ARG A C   1 
ATOM   126  O  O   . ARG A 1 22 ? -9.96400  -2.21522  -0.58852  1.000 25.45292 ? 334 ARG A O   1 
ATOM   127  C  CB  . ARG A 1 22 ? -12.83573 -1.20697  0.80514   1.000 32.45503 ? 334 ARG A CB  1 
ATOM   128  C  CG  . ARG A 1 22 ? -12.55271 -0.17808  -0.31186  1.000 39.64027 ? 334 ARG A CG  1 
ATOM   129  C  CD  . ARG A 1 22 ? -12.84436 1.25789   0.12373   1.000 41.78225 ? 334 ARG A CD  1 
ATOM   130  N  NE  . ARG A 1 22 ? -12.47044 1.46130   1.52452   1.000 56.36602 ? 334 ARG A NE  1 
ATOM   131  C  CZ  . ARG A 1 22 ? -11.28830 1.90216   1.93571   1.000 54.38163 ? 334 ARG A CZ  1 
ATOM   132  N  NH1 . ARG A 1 22 ? -10.35104 2.27133   1.07445   1.000 55.78680 ? 334 ARG A NH1 1 
ATOM   133  N  NH2 . ARG A 1 22 ? -11.03601 1.95827   3.24010   1.000 34.60000 ? 334 ARG A NH2 1 
ATOM   134  N  N   . LEU A 1 23 ? -9.80833  -1.67733  1.58536   1.000 23.10633 ? 335 LEU A N   1 
ATOM   135  C  CA  . LEU A 1 23 ? -8.40036  -1.32008  1.49726   1.000 25.66493 ? 335 LEU A CA  1 
ATOM   136  C  C   . LEU A 1 23 ? -7.54812  -2.50155  1.05800   1.000 23.12863 ? 335 LEU A C   1 
ATOM   137  O  O   . LEU A 1 23 ? -6.65477  -2.36285  0.20917   1.000 21.05258 ? 335 LEU A O   1 
ATOM   138  C  CB  . LEU A 1 23 ? -7.92996  -0.78876  2.84571   1.000 29.54269 ? 335 LEU A CB  1 
ATOM   139  C  CG  . LEU A 1 23 ? -6.61701  -0.02209  2.96960   1.000 29.45612 ? 335 LEU A CG  1 
ATOM   140  C  CD1 . LEU A 1 23 ? -6.61061  1.17292   2.03168   1.000 27.33730 ? 335 LEU A CD1 1 
ATOM   141  C  CD2 . LEU A 1 23 ? -6.41937  0.46530   4.40421   1.000 30.96411 ? 335 LEU A CD2 1 
ATOM   142  N  N   . ALA A 1 24 ? -7.80732  -3.67807  1.63571   1.000 20.24060 ? 336 ALA A N   1 
ATOM   143  C  CA  . ALA A 1 24 ? -7.03653  -4.85937  1.28375   1.000 19.89407 ? 336 ALA A CA  1 
ATOM   144  C  C   . ALA A 1 24 ? -7.23499  -5.23626  -0.17415  1.000 18.39837 ? 336 ALA A C   1 
ATOM   145  O  O   . ALA A 1 24 ? -6.28415  -5.65954  -0.84269  1.000 23.91470 ? 336 ALA A O   1 
ATOM   146  C  CB  . ALA A 1 24 ? -7.43132  -6.02996  2.20105   1.000 16.78521 ? 336 ALA A CB  1 
ATOM   147  N  N   . ARG A 1 25 ? -8.46518  -5.12312  -0.68522  1.000 19.20288 ? 337 ARG A N   1 
ATOM   148  C  CA  A ARG A 1 25 ? -8.68412  -5.44651  -2.09228  0.460 28.03837 ? 337 ARG A CA  1 
ATOM   149  C  CA  B ARG A 1 25 ? -8.69172  -5.43962  -2.09410  0.540 28.04608 ? 337 ARG A CA  1 
ATOM   150  C  C   . ARG A 1 25 ? -7.98837  -4.43974  -2.99797  1.000 25.10885 ? 337 ARG A C   1 
ATOM   151  O  O   . ARG A 1 25 ? -7.39667  -4.82212  -4.01319  1.000 32.79375 ? 337 ARG A O   1 
ATOM   152  C  CB  A ARG A 1 25 ? -10.17818 -5.50488  -2.41563  0.460 30.66915 ? 337 ARG A CB  1 
ATOM   153  C  CB  B ARG A 1 25 ? -10.18481 -5.46559  -2.42150  0.540 30.64773 ? 337 ARG A CB  1 
ATOM   154  C  CG  A ARG A 1 25 ? -10.98233 -6.44174  -1.52830  0.460 37.12453 ? 337 ARG A CG  1 
ATOM   155  C  CG  B ARG A 1 25 ? -10.97069 -6.58739  -1.77202  0.540 37.34125 ? 337 ARG A CG  1 
ATOM   156  C  CD  A ARG A 1 25 ? -12.40417 -6.63650  -2.04941  0.460 41.54455 ? 337 ARG A CD  1 
ATOM   157  C  CD  B ARG A 1 25 ? -12.42617 -6.56580  -2.23053  0.540 41.54005 ? 337 ARG A CD  1 
ATOM   158  N  NE  A ARG A 1 25 ? -12.46839 -7.62360  -3.12130  0.460 39.13976 ? 337 ARG A NE  1 
ATOM   159  N  NE  B ARG A 1 25 ? -12.93529 -5.21228  -2.42025  0.540 29.03689 ? 337 ARG A NE  1 
ATOM   160  C  CZ  A ARG A 1 25 ? -12.89996 -8.86731  -2.96807  0.460 39.12741 ? 337 ARG A CZ  1 
ATOM   161  C  CZ  B ARG A 1 25 ? -13.73191 -4.59160  -1.56203  0.540 37.81058 ? 337 ARG A CZ  1 
ATOM   162  N  NH1 A ARG A 1 25 ? -13.32979 -9.30922  -1.79930  0.460 39.73691 ? 337 ARG A NH1 1 
ATOM   163  N  NH1 B ARG A 1 25 ? -14.13533 -5.17965  -0.44253  0.540 27.72229 ? 337 ARG A NH1 1 
ATOM   164  N  NH2 A ARG A 1 25 ? -12.90271 -9.68718  -4.01510  0.460 49.54294 ? 337 ARG A NH2 1 
ATOM   165  N  NH2 B ARG A 1 25 ? -14.13876 -3.35499  -1.83449  0.540 29.33748 ? 337 ARG A NH2 1 
ATOM   166  N  N   . GLU A 1 26 ? -8.04021  -3.15445  -2.63819  1.000 23.79304 ? 338 GLU A N   1 
ATOM   167  C  CA  . GLU A 1 26 ? -7.45868  -2.12457  -3.49516  1.000 23.75568 ? 338 GLU A CA  1 
ATOM   168  C  C   . GLU A 1 26 ? -5.94883  -2.24957  -3.62040  1.000 29.42537 ? 338 GLU A C   1 
ATOM   169  O  O   . GLU A 1 26 ? -5.39561  -1.94346  -4.68007  1.000 32.37705 ? 338 GLU A O   1 
ATOM   170  C  CB  . GLU A 1 26 ? -7.80017  -0.73149  -2.96946  1.000 24.77709 ? 338 GLU A CB  1 
ATOM   171  C  CG  . GLU A 1 26 ? -9.27841  -0.40388  -2.92867  1.000 38.24015 ? 338 GLU A CG  1 
ATOM   172  C  CD  . GLU A 1 26 ? -9.54887  1.01488   -2.43422  1.000 47.89083 ? 338 GLU A CD  1 
ATOM   173  O  OE1 . GLU A 1 26 ? -9.13987  1.36179   -1.30360  1.000 49.47391 ? 338 GLU A OE1 1 
ATOM   174  O  OE2 . GLU A 1 26 ? -10.18901 1.77929   -3.18065  1.000 52.40068 ? 338 GLU A OE2 1 
ATOM   175  N  N   A PHE A 1 27 ? -5.26631  -2.67051  -2.55258  0.305 22.04088 ? 339 PHE A N   1 
ATOM   176  N  N   B PHE A 1 27 ? -5.26065  -2.67634  -2.56693  0.695 21.95334 ? 339 PHE A N   1 
ATOM   177  C  CA  A PHE A 1 27 ? -3.81026  -2.72874  -2.51152  0.305 22.66114 ? 339 PHE A CA  1 
ATOM   178  C  CA  B PHE A 1 27 ? -3.80805  -2.72700  -2.60107  0.695 22.68725 ? 339 PHE A CA  1 
ATOM   179  C  C   A PHE A 1 27 ? -3.24093  -4.13916  -2.61693  0.305 21.13762 ? 339 PHE A C   1 
ATOM   180  C  C   B PHE A 1 27 ? -3.24371  -4.14371  -2.51253  0.695 21.10885 ? 339 PHE A C   1 
ATOM   181  O  O   A PHE A 1 27 ? -2.01477  -4.29212  -2.65451  0.305 22.21569 ? 339 PHE A O   1 
ATOM   182  O  O   B PHE A 1 27 ? -2.02769  -4.30563  -2.35406  0.695 22.51707 ? 339 PHE A O   1 
ATOM   183  C  CB  A PHE A 1 27 ? -3.29042  -2.07695  -1.22481  0.305 22.48913 ? 339 PHE A CB  1 
ATOM   184  C  CB  B PHE A 1 27 ? -3.25268  -1.80891  -1.51007  0.695 21.51149 ? 339 PHE A CB  1 
ATOM   185  C  CG  A PHE A 1 27 ? -3.08189  -0.59762  -1.33170  0.305 24.48224 ? 339 PHE A CG  1 
ATOM   186  C  CG  B PHE A 1 27 ? -3.63391  -0.36720  -1.72153  0.695 22.37918 ? 339 PHE A CG  1 
ATOM   187  C  CD1 A PHE A 1 27 ? -3.08789  0.03178   -2.56819  0.305 23.88792 ? 339 PHE A CD1 1 
ATOM   188  C  CD1 B PHE A 1 27 ? -2.88276  0.43108   -2.57279  0.695 22.99288 ? 339 PHE A CD1 1 
ATOM   189  C  CD2 A PHE A 1 27 ? -2.87303  0.16678   -0.19560  0.305 23.45610 ? 339 PHE A CD2 1 
ATOM   190  C  CD2 B PHE A 1 27 ? -4.74956  0.17639   -1.11203  0.695 23.87405 ? 339 PHE A CD2 1 
ATOM   191  C  CE1 A PHE A 1 27 ? -2.89416  1.39338   -2.66427  0.305 25.76053 ? 339 PHE A CE1 1 
ATOM   192  C  CE1 B PHE A 1 27 ? -3.23693  1.75211   -2.80265  0.695 25.45413 ? 339 PHE A CE1 1 
ATOM   193  C  CE2 A PHE A 1 27 ? -2.67855  1.53276   -0.29141  0.305 24.04550 ? 339 PHE A CE2 1 
ATOM   194  C  CE2 B PHE A 1 27 ? -5.10601  1.49665   -1.32254  0.695 26.44956 ? 339 PHE A CE2 1 
ATOM   195  C  CZ  A PHE A 1 27 ? -2.69099  2.14232   -1.52204  0.305 23.15824 ? 339 PHE A CZ  1 
ATOM   196  C  CZ  B PHE A 1 27 ? -4.34666  2.28646   -2.17972  0.695 27.15091 ? 339 PHE A CZ  1 
ATOM   197  N  N   . GLY A 1 28 ? -4.08002  -5.16801  -2.65592  1.000 21.47227 ? 340 GLY A N   1 
ATOM   198  C  CA  . GLY A 1 28 ? -3.57976  -6.53268  -2.74842  1.000 23.91565 ? 340 GLY A CA  1 
ATOM   199  C  C   . GLY A 1 28 ? -2.97743  -7.03579  -1.45181  1.000 24.21995 ? 340 GLY A C   1 
ATOM   200  O  O   . GLY A 1 28 ? -1.89180  -7.64673  -1.46080  1.000 21.50945 ? 340 GLY A O   1 
ATOM   201  N  N   . VAL A 1 29 ? -3.62721  -6.74804  -0.33142  1.000 19.96202 ? 341 VAL A N   1 
ATOM   202  C  CA  . VAL A 1 29 ? -3.11376  -7.09492  0.98702   1.000 21.49779 ? 341 VAL A CA  1 
ATOM   203  C  C   . VAL A 1 29 ? -3.77459  -8.39199  1.43414   1.000 20.43022 ? 341 VAL A C   1 
ATOM   204  O  O   . VAL A 1 29 ? -5.00212  -8.51982  1.37392   1.000 19.65742 ? 341 VAL A O   1 
ATOM   205  C  CB  . VAL A 1 29 ? -3.39087  -5.97413  2.00330   1.000 20.93291 ? 341 VAL A CB  1 
ATOM   206  C  CG1 . VAL A 1 29 ? -2.89207  -6.36751  3.38378   1.000 21.35997 ? 341 VAL A CG1 1 
ATOM   207  C  CG2 . VAL A 1 29 ? -2.78392  -4.63608  1.52656   1.000 18.88807 ? 341 VAL A CG2 1 
ATOM   208  N  N   . ASN A 1 30 ? -2.96843  -9.34144  1.88431   1.000 18.98623 ? 342 ASN A N   1 
ATOM   209  C  CA  . ASN A 1 30 ? -3.48456  -10.55455 2.52115   1.000 21.31327 ? 342 ASN A CA  1 
ATOM   210  C  C   . ASN A 1 30 ? -3.58386  -10.20656 4.00567   1.000 19.88443 ? 342 ASN A C   1 
ATOM   211  O  O   . ASN A 1 30 ? -2.56644  -10.10789 4.69753   1.000 20.72742 ? 342 ASN A O   1 
ATOM   212  C  CB  . ASN A 1 30 ? -2.54231  -11.72050 2.26188   1.000 19.03350 ? 342 ASN A CB  1 
ATOM   213  C  CG  . ASN A 1 30 ? -2.92468  -12.96959 3.01813   1.000 24.21551 ? 342 ASN A CG  1 
ATOM   214  O  OD1 . ASN A 1 30 ? -3.77870  -12.94257 3.90185   1.000 22.26873 ? 342 ASN A OD1 1 
ATOM   215  N  ND2 . ASN A 1 30 ? -2.24939  -14.07321 2.69466   1.000 23.22928 ? 342 ASN A ND2 1 
ATOM   216  N  N   . LEU A 1 31 ? -4.80950  -9.97660  4.49418   1.000 17.71621 ? 343 LEU A N   1 
ATOM   217  C  CA  . LEU A 1 31 ? -4.99251  -9.49034  5.85907   1.000 23.61232 ? 343 LEU A CA  1 
ATOM   218  C  C   . LEU A 1 31 ? -4.50735  -10.49104 6.90318   1.000 23.16865 ? 343 LEU A C   1 
ATOM   219  O  O   . LEU A 1 31 ? -4.26215  -10.10160 8.05534   1.000 20.45473 ? 343 LEU A O   1 
ATOM   220  C  CB  . LEU A 1 31 ? -6.46812  -9.14817  6.11446   1.000 19.70685 ? 343 LEU A CB  1 
ATOM   221  C  CG  . LEU A 1 31 ? -6.92992  -7.92651  5.30896   1.000 24.90846 ? 343 LEU A CG  1 
ATOM   222  C  CD1 . LEU A 1 31 ? -8.43920  -7.81598  5.28900   1.000 22.33274 ? 343 LEU A CD1 1 
ATOM   223  C  CD2 . LEU A 1 31 ? -6.26193  -6.63225  5.83559   1.000 21.19289 ? 343 LEU A CD2 1 
ATOM   224  N  N   . ALA A 1 32 ? -4.33604  -11.76209 6.52967   1.000 23.56721 ? 344 ALA A N   1 
ATOM   225  C  CA  . ALA A 1 32 ? -3.77610  -12.70632 7.48723   1.000 22.84352 ? 344 ALA A CA  1 
ATOM   226  C  C   . ALA A 1 32 ? -2.34266  -12.35181 7.84813   1.000 24.28959 ? 344 ALA A C   1 
ATOM   227  O  O   . ALA A 1 32 ? -1.85848  -12.79607 8.89485   1.000 24.98888 ? 344 ALA A O   1 
ATOM   228  C  CB  . ALA A 1 32 ? -3.85066  -14.13937 6.94146   1.000 24.33620 ? 344 ALA A CB  1 
ATOM   229  N  N   . LYS A 1 33 ? -1.66011  -11.54238 7.01103   1.000 23.33123 ? 345 LYS A N   1 
ATOM   230  C  CA  . LYS A 1 33 ? -0.29673  -11.10002 7.27628   1.000 22.52747 ? 345 LYS A CA  1 
ATOM   231  C  C   . LYS A 1 33 ? -0.21018  -9.80486  8.08192   1.000 21.22054 ? 345 LYS A C   1 
ATOM   232  O  O   . LYS A 1 33 ? 0.89830   -9.40917  8.45836   1.000 26.46737 ? 345 LYS A O   1 
ATOM   233  C  CB  . LYS A 1 33 ? 0.47110   -10.92704 5.95500   1.000 22.99565 ? 345 LYS A CB  1 
ATOM   234  C  CG  . LYS A 1 33 ? 0.38266   -12.13694 5.03656   1.000 32.78879 ? 345 LYS A CG  1 
ATOM   235  C  CD  . LYS A 1 33 ? 1.24804   -13.26663 5.58002   1.000 36.52280 ? 345 LYS A CD  1 
ATOM   236  C  CE  . LYS A 1 33 ? 1.04328   -14.56757 4.80179   1.000 44.87189 ? 345 LYS A CE  1 
ATOM   237  N  NZ  . LYS A 1 33 ? 1.45176   -14.43327 3.37694   1.000 47.48025 ? 345 LYS A NZ  1 
ATOM   238  N  N   . VAL A 1 34 ? -1.32983  -9.14605  8.37094   1.000 20.21690 ? 346 VAL A N   1 
ATOM   239  C  CA  . VAL A 1 34 ? -1.34200  -7.87715  9.09793   1.000 21.91316 ? 346 VAL A CA  1 
ATOM   240  C  C   . VAL A 1 34 ? -1.62109  -8.13783  10.56836  1.000 22.62591 ? 346 VAL A C   1 
ATOM   241  O  O   . VAL A 1 34 ? -2.63631  -8.74983  10.90800  1.000 25.29017 ? 346 VAL A O   1 
ATOM   242  C  CB  . VAL A 1 34 ? -2.39385  -6.91410  8.52713   1.000 21.17192 ? 346 VAL A CB  1 
ATOM   243  C  CG1 . VAL A 1 34 ? -2.39905  -5.59894  9.33823   1.000 20.49592 ? 346 VAL A CG1 1 
ATOM   244  C  CG2 . VAL A 1 34 ? -2.13142  -6.63704  7.03748   1.000 22.04826 ? 346 VAL A CG2 1 
ATOM   245  N  N   . LYS A 1 35 ? -0.75239  -7.63569  11.44487  1.000 28.36159 ? 347 LYS A N   1 
ATOM   246  C  CA  . LYS A 1 35 ? -0.98500  -7.76299  12.87975  1.000 35.83200 ? 347 LYS A CA  1 
ATOM   247  C  C   . LYS A 1 35 ? -1.88555  -6.61257  13.33072  1.000 31.32904 ? 347 LYS A C   1 
ATOM   248  O  O   . LYS A 1 35 ? -1.48716  -5.44368  13.28149  1.000 26.77317 ? 347 LYS A O   1 
ATOM   249  C  CB  . LYS A 1 35 ? 0.33373   -7.77284  13.64732  1.000 34.44820 ? 347 LYS A CB  1 
ATOM   250  C  CG  . LYS A 1 35 ? 0.12540   -8.00015  15.15349  1.000 37.54728 ? 347 LYS A CG  1 
ATOM   251  C  CD  . LYS A 1 35 ? 1.43194   -7.95022  15.93432  1.000 50.25804 ? 347 LYS A CD  1 
ATOM   252  C  CE  . LYS A 1 35 ? 1.21514   -7.33329  17.31206  1.000 61.23467 ? 347 LYS A CE  1 
ATOM   253  N  NZ  . LYS A 1 35 ? 1.55568   -5.88269  17.34673  1.000 55.76397 ? 347 LYS A NZ  1 
ATOM   254  N  N   . GLY A 1 36 ? -3.10442  -6.93841  13.76138  1.000 25.17882 ? 348 GLY A N   1 
ATOM   255  C  CA  . GLY A 1 36 ? -4.05072  -5.90687  14.17302  1.000 24.22712 ? 348 GLY A CA  1 
ATOM   256  C  C   . GLY A 1 36 ? -3.74996  -5.40783  15.57801  1.000 21.39313 ? 348 GLY A C   1 
ATOM   257  O  O   . GLY A 1 36 ? -3.31905  -6.16225  16.44722  1.000 30.42485 ? 348 GLY A O   1 
ATOM   258  N  N   . THR A 1 37 ? -3.97035  -4.11208  15.78986  1.000 19.97632 ? 349 THR A N   1 
ATOM   259  C  CA  . THR A 1 37 ? -3.72302  -3.49293  17.08943  1.000 21.38561 ? 349 THR A CA  1 
ATOM   260  C  C   . THR A 1 37 ? -4.99664  -2.95191  17.71558  1.000 23.61863 ? 349 THR A C   1 
ATOM   261  O  O   . THR A 1 37 ? -4.92324  -2.24995  18.73632  1.000 25.85020 ? 349 THR A O   1 
ATOM   262  C  CB  . THR A 1 37 ? -2.68898  -2.36494  16.99072  1.000 25.90710 ? 349 THR A CB  1 
ATOM   263  O  OG1 . THR A 1 37 ? -3.19536  -1.31055  16.15682  1.000 23.35766 ? 349 THR A OG1 1 
ATOM   264  C  CG2 . THR A 1 37 ? -1.40665  -2.88384  16.39886  1.000 29.19902 ? 349 THR A CG2 1 
ATOM   265  N  N   . GLY A 1 38 ? -6.15585  -3.21530  17.11428  1.000 23.65559 ? 350 GLY A N   1 
ATOM   266  C  CA  . GLY A 1 38 ? -7.41926  -2.84940  17.72029  1.000 23.98373 ? 350 GLY A CA  1 
ATOM   267  C  C   . GLY A 1 38 ? -7.81839  -3.85028  18.79216  1.000 22.55928 ? 350 GLY A C   1 
ATOM   268  O  O   . GLY A 1 38 ? -7.07617  -4.76862  19.13646  1.000 22.64833 ? 350 GLY A O   1 
ATOM   269  N  N   . ARG A 1 39 ? -9.01358  -3.64329  19.33701  1.000 22.17062 ? 351 ARG A N   1 
ATOM   270  C  CA  . ARG A 1 39 ? -9.53888  -4.55564  20.34529  1.000 21.93475 ? 351 ARG A CA  1 
ATOM   271  C  C   . ARG A 1 39 ? -9.57139  -5.97867  19.82088  1.000 25.86654 ? 351 ARG A C   1 
ATOM   272  O  O   . ARG A 1 39 ? -10.03454 -6.22503  18.70137  1.000 25.93084 ? 351 ARG A O   1 
ATOM   273  C  CB  . ARG A 1 39 ? -10.94549 -4.12660  20.76263  1.000 25.95357 ? 351 ARG A CB  1 
ATOM   274  C  CG  . ARG A 1 39 ? -11.47853 -4.98991  21.88885  1.000 31.53735 ? 351 ARG A CG  1 
ATOM   275  C  CD  . ARG A 1 39 ? -12.77504 -4.46292  22.43054  1.000 29.48317 ? 351 ARG A CD  1 
ATOM   276  N  NE  . ARG A 1 39 ? -13.33398 -5.41545  23.38178  1.000 45.55471 ? 351 ARG A NE  1 
ATOM   277  C  CZ  . ARG A 1 39 ? -13.28390 -5.25330  24.69403  1.000 44.26721 ? 351 ARG A CZ  1 
ATOM   278  N  NH1 . ARG A 1 39 ? -12.72389 -4.18347  25.23439  1.000 45.17791 ? 351 ARG A NH1 1 
ATOM   279  N  NH2 . ARG A 1 39 ? -13.79394 -6.19212  25.48445  1.000 55.44191 ? 351 ARG A NH2 1 
ATOM   280  N  N   . LYS A 1 40 ? -9.07281  -6.91652  20.63847  1.000 28.69976 ? 352 LYS A N   1 
ATOM   281  C  CA  . LYS A 1 40 ? -9.03459  -8.34565  20.30125  1.000 31.55253 ? 352 LYS A CA  1 
ATOM   282  C  C   . LYS A 1 40 ? -8.33920  -8.58830  18.96182  1.000 29.82406 ? 352 LYS A C   1 
ATOM   283  O  O   . LYS A 1 40 ? -8.65495  -9.54257  18.24549  1.000 27.75303 ? 352 LYS A O   1 
ATOM   284  C  CB  . LYS A 1 40 ? -10.43878 -8.96425  20.29371  1.000 33.50572 ? 352 LYS A CB  1 
ATOM   285  C  CG  . LYS A 1 40 ? -11.17635 -8.85520  21.62877  1.000 31.87582 ? 352 LYS A CG  1 
ATOM   286  C  CD  . LYS A 1 40 ? -10.33033 -9.42713  22.73837  1.000 28.11346 ? 352 LYS A CD  1 
ATOM   287  C  CE  . LYS A 1 40 ? -11.16212 -9.59517  24.00987  1.000 37.29459 ? 352 LYS A CE  1 
ATOM   288  N  NZ  . LYS A 1 40 ? -10.43434 -10.42771 24.99173  1.000 32.31865 ? 352 LYS A NZ  1 
ATOM   289  N  N   . GLY A 1 41 ? -7.38145  -7.72655  18.61688  1.000 26.57875 ? 353 GLY A N   1 
ATOM   290  C  CA  . GLY A 1 41 ? -6.61221  -7.91077  17.40123  1.000 29.93817 ? 353 GLY A CA  1 
ATOM   291  C  C   . GLY A 1 41 ? -7.27662  -7.41475  16.14041  1.000 29.56052 ? 353 GLY A C   1 
ATOM   292  O  O   . GLY A 1 41 ? -6.80076  -7.73493  15.04084  1.000 25.03130 ? 353 GLY A O   1 
ATOM   293  N  N   . ARG A 1 42 ? -8.36252  -6.65349  16.26092  1.000 25.95650 ? 354 ARG A N   1 
ATOM   294  C  CA  . ARG A 1 42 ? -9.02482  -6.10440  15.09003  1.000 22.57753 ? 354 ARG A CA  1 
ATOM   295  C  C   . ARG A 1 42 ? -8.03803  -5.25936  14.29173  1.000 23.57009 ? 354 ARG A C   1 
ATOM   296  O  O   . ARG A 1 42 ? -7.23946  -4.51186  14.85606  1.000 25.80751 ? 354 ARG A O   1 
ATOM   297  C  CB  . ARG A 1 42 ? -10.22127 -5.24664  15.50156  1.000 28.71356 ? 354 ARG A CB  1 
ATOM   298  C  CG  . ARG A 1 42 ? -10.62676 -4.24147  14.43714  1.000 30.51467 ? 354 ARG A CG  1 
ATOM   299  C  CD  . ARG A 1 42 ? -12.03239 -3.73945  14.64359  1.000 39.71058 ? 354 ARG A CD  1 
ATOM   300  N  NE  . ARG A 1 42 ? -13.01618 -4.81063  14.56656  1.000 37.85675 ? 354 ARG A NE  1 
ATOM   301  C  CZ  . ARG A 1 42 ? -14.32228 -4.62989  14.70357  1.000 48.75153 ? 354 ARG A CZ  1 
ATOM   302  N  NH1 . ARG A 1 42 ? -14.83289 -3.42700  14.92368  1.000 48.80314 ? 354 ARG A NH1 1 
ATOM   303  N  NH2 . ARG A 1 42 ? -15.13382 -5.68307  14.63887  1.000 46.11765 ? 354 ARG A NH2 1 
ATOM   304  N  N   . ILE A 1 43 ? -8.08196  -5.40813  12.97640  1.000 19.43167 ? 355 ILE A N   1 
ATOM   305  C  CA  . ILE A 1 43 ? -7.16291  -4.69282  12.09789  1.000 18.41776 ? 355 ILE A CA  1 
ATOM   306  C  C   . ILE A 1 43 ? -7.66039  -3.26735  11.92351  1.000 23.13220 ? 355 ILE A C   1 
ATOM   307  O  O   . ILE A 1 43 ? -8.82553  -3.03820  11.56951  1.000 21.45235 ? 355 ILE A O   1 
ATOM   308  C  CB  . ILE A 1 43 ? -7.03938  -5.41689  10.75040  1.000 16.90033 ? 355 ILE A CB  1 
ATOM   309  C  CG1 . ILE A 1 43 ? -6.38940  -6.78237  10.95961  1.000 19.83327 ? 355 ILE A CG1 1 
ATOM   310  C  CG2 . ILE A 1 43 ? -6.16547  -4.59127  9.79114   1.000 18.12212 ? 355 ILE A CG2 1 
ATOM   311  C  CD1 . ILE A 1 43 ? -6.33401  -7.65380  9.70828   1.000 20.82637 ? 355 ILE A CD1 1 
ATOM   312  N  N   . LEU A 1 44 ? -6.77611  -2.30998  12.17269  1.000 22.79987 ? 356 LEU A N   1 
ATOM   313  C  CA  . LEU A 1 44 ? -7.06604  -0.89116  12.03522  1.000 18.05506 ? 356 LEU A CA  1 
ATOM   314  C  C   . LEU A 1 44 ? -6.31548  -0.34094  10.82970  1.000 20.89956 ? 356 LEU A C   1 
ATOM   315  O  O   . LEU A 1 44 ? -5.34346  -0.93530  10.36257  1.000 21.77324 ? 356 LEU A O   1 
ATOM   316  C  CB  . LEU A 1 44 ? -6.67039  -0.12476  13.30115  1.000 18.23983 ? 356 LEU A CB  1 
ATOM   317  C  CG  . LEU A 1 44 ? -7.17582  -0.74942  14.61300  1.000 22.77812 ? 356 LEU A CG  1 
ATOM   318  C  CD1 . LEU A 1 44 ? -6.54152  -0.03019  15.79766  1.000 27.66366 ? 356 LEU A CD1 1 
ATOM   319  C  CD2 . LEU A 1 44 ? -8.68722  -0.60971  14.65782  1.000 27.99005 ? 356 LEU A CD2 1 
ATOM   320  N  N   . ARG A 1 45 ? -6.77916  0.81418   10.34371  1.000 19.48085 ? 357 ARG A N   1 
ATOM   321  C  CA  . ARG A 1 45 ? -6.19483  1.39201   9.13758   1.000 20.71602 ? 357 ARG A CA  1 
ATOM   322  C  C   . ARG A 1 45 ? -4.69378  1.57719   9.29420   1.000 21.53568 ? 357 ARG A C   1 
ATOM   323  O  O   . ARG A 1 45 ? -3.91668  1.21691   8.39941   1.000 21.66963 ? 357 ARG A O   1 
ATOM   324  C  CB  . ARG A 1 45 ? -6.88095  2.71445   8.80651   1.000 22.29979 ? 357 ARG A CB  1 
ATOM   325  C  CG  . ARG A 1 45 ? -6.20223  3.44414   7.64843   1.000 25.52130 ? 357 ARG A CG  1 
ATOM   326  C  CD  . ARG A 1 45 ? -7.08933  4.52058   7.04755   1.000 30.57936 ? 357 ARG A CD  1 
ATOM   327  N  NE  . ARG A 1 45 ? -6.44832  4.99877   5.82420   1.000 38.91101 ? 357 ARG A NE  1 
ATOM   328  C  CZ  . ARG A 1 45 ? -6.94172  4.83623   4.60340   1.000 47.28217 ? 357 ARG A CZ  1 
ATOM   329  N  NH1 . ARG A 1 45 ? -8.11271  4.25169   4.40382   1.000 47.57686 ? 357 ARG A NH1 1 
ATOM   330  N  NH2 . ARG A 1 45 ? -6.22540  5.23771   3.55400   1.000 43.44158 ? 357 ARG A NH2 1 
ATOM   331  N  N   . GLU A 1 46 ? -4.25870  2.07330   10.45268  1.000 20.56994 ? 358 GLU A N   1 
ATOM   332  C  CA  . GLU A 1 46 ? -2.82930  2.28105   10.65817  1.000 22.24111 ? 358 GLU A CA  1 
ATOM   333  C  C   . GLU A 1 46 ? -2.04180  0.97426   10.62354  1.000 22.92216 ? 358 GLU A C   1 
ATOM   334  O  O   . GLU A 1 46 ? -0.83604  0.99928   10.34978  1.000 20.48517 ? 358 GLU A O   1 
ATOM   335  C  CB  . GLU A 1 46 ? -2.59152  2.99499   11.97972  1.000 21.21390 ? 358 GLU A CB  1 
ATOM   336  C  CG  . GLU A 1 46 ? -3.22741  2.24864   13.12420  1.000 24.60688 ? 358 GLU A CG  1 
ATOM   337  C  CD  . GLU A 1 46 ? -4.57508  2.82595   13.52011  1.000 29.31342 ? 358 GLU A CD  1 
ATOM   338  O  OE1 . GLU A 1 46 ? -5.38500  3.19348   12.62457  1.000 25.92959 ? 358 GLU A OE1 1 
ATOM   339  O  OE2 . GLU A 1 46 ? -4.82424  2.88011   14.74031  1.000 29.36823 ? 358 GLU A OE2 1 
ATOM   340  N  N   . ASP A 1 47 ? -2.66967  -0.16888  10.96172  1.000 18.83795 ? 359 ASP A N   1 
ATOM   341  C  CA  . ASP A 1 47 ? -1.96237  -1.44337  10.82616  1.000 16.45026 ? 359 ASP A CA  1 
ATOM   342  C  C   . ASP A 1 47 ? -1.69572  -1.78591  9.36560   1.000 22.75461 ? 359 ASP A C   1 
ATOM   343  O  O   . ASP A 1 47 ? -0.61881  -2.29441  9.02984   1.000 22.30802 ? 359 ASP A O   1 
ATOM   344  C  CB  . ASP A 1 47 ? -2.75098  -2.58754  11.47136  1.000 17.09214 ? 359 ASP A CB  1 
ATOM   345  C  CG  . ASP A 1 47 ? -3.16726  -2.28439  12.89229  1.000 23.16197 ? 359 ASP A CG  1 
ATOM   346  O  OD1 . ASP A 1 47 ? -2.41334  -1.56402  13.59813  1.000 21.49321 ? 359 ASP A OD1 1 
ATOM   347  O  OD2 . ASP A 1 47 ? -4.24866  -2.78020  13.29773  1.000 22.97177 ? 359 ASP A OD2 1 
ATOM   348  N  N   . VAL A 1 48 ? -2.68943  -1.58634  8.49621   1.000 20.12106 ? 360 VAL A N   1 
ATOM   349  C  CA  . VAL A 1 48 ? -2.48618  -1.84232  7.07239   1.000 17.07197 ? 360 VAL A CA  1 
ATOM   350  C  C   . VAL A 1 48 ? -1.42230  -0.90411  6.52012   1.000 17.94595 ? 360 VAL A C   1 
ATOM   351  O  O   . VAL A 1 48 ? -0.54642  -1.32059  5.75633   1.000 19.51930 ? 360 VAL A O   1 
ATOM   352  C  CB  . VAL A 1 48 ? -3.81731  -1.71130  6.30857   1.000 17.57909 ? 360 VAL A CB  1 
ATOM   353  C  CG1 . VAL A 1 48 ? -3.63573  -1.96505  4.80449   1.000 20.91642 ? 360 VAL A CG1 1 
ATOM   354  C  CG2 . VAL A 1 48 ? -4.86687  -2.67772  6.91272   1.000 19.82841 ? 360 VAL A CG2 1 
ATOM   355  N  N   . GLN A 1 49 ? -1.46415  0.36897   6.93152   1.000 17.17285 ? 361 GLN A N   1 
ATOM   356  C  CA  . GLN A 1 49 ? -0.46327  1.33759   6.48326   1.000 17.55580 ? 361 GLN A CA  1 
ATOM   357  C  C   . GLN A 1 49 ? 0.94250   0.89199   6.86466   1.000 22.65855 ? 361 GLN A C   1 
ATOM   358  O  O   . GLN A 1 49 ? 1.86352   0.89690   6.02594   1.000 18.61458 ? 361 GLN A O   1 
ATOM   359  C  CB  . GLN A 1 49 ? -0.78328  2.70907   7.08127   1.000 18.48999 ? 361 GLN A CB  1 
ATOM   360  C  CG  . GLN A 1 49 ? -1.98389  3.34948   6.42926   1.000 26.61083 ? 361 GLN A CG  1 
ATOM   361  C  CD  . GLN A 1 49 ? -2.46109  4.60547   7.14916   1.000 32.31283 ? 361 GLN A CD  1 
ATOM   362  O  OE1 . GLN A 1 49 ? -3.35743  5.29619   6.66642   1.000 40.22658 ? 361 GLN A OE1 1 
ATOM   363  N  NE2 . GLN A 1 49 ? -1.88064  4.89055   8.31339   1.000 31.74097 ? 361 GLN A NE2 1 
ATOM   364  N  N   . ALA A 1 50 ? 1.11952   0.48375   8.12954   1.000 20.27240 ? 362 ALA A N   1 
ATOM   365  C  CA  . ALA A 1 50 ? 2.41718   -0.00409  8.58538   1.000 21.82937 ? 362 ALA A CA  1 
ATOM   366  C  C   . ALA A 1 50 ? 2.85492   -1.23525  7.80135   1.000 22.95234 ? 362 ALA A C   1 
ATOM   367  O  O   . ALA A 1 50 ? 4.02878   -1.35442  7.43736   1.000 21.17898 ? 362 ALA A O   1 
ATOM   368  C  CB  . ALA A 1 50 ? 2.38039   -0.31455  10.08360  1.000 25.95684 ? 362 ALA A CB  1 
ATOM   369  N  N   . TYR A 1 51 ? 1.93170   -2.16995  7.54938   1.000 22.64006 ? 363 TYR A N   1 
ATOM   370  C  CA  . TYR A 1 51 ? 2.30040   -3.37489  6.81027   1.000 22.44794 ? 363 TYR A CA  1 
ATOM   371  C  C   . TYR A 1 51 ? 2.77673   -3.02017  5.40169   1.000 21.99225 ? 363 TYR A C   1 
ATOM   372  O  O   . TYR A 1 51 ? 3.78984   -3.55421  4.93334   1.000 18.09131 ? 363 TYR A O   1 
ATOM   373  C  CB  . TYR A 1 51 ? 1.12526   -4.35023  6.75106   1.000 19.45168 ? 363 TYR A CB  1 
ATOM   374  C  CG  . TYR A 1 51 ? 1.37656   -5.48612  5.79041   1.000 22.98668 ? 363 TYR A CG  1 
ATOM   375  C  CD1 . TYR A 1 51 ? 2.15123   -6.57547  6.16553   1.000 30.73039 ? 363 TYR A CD1 1 
ATOM   376  C  CD2 . TYR A 1 51 ? 0.87662   -5.44973  4.49379   1.000 18.95359 ? 363 TYR A CD2 1 
ATOM   377  C  CE1 . TYR A 1 51 ? 2.40968   -7.61156  5.27398   1.000 25.30051 ? 363 TYR A CE1 1 
ATOM   378  C  CE2 . TYR A 1 51 ? 1.13662   -6.47323  3.59705   1.000 24.94107 ? 363 TYR A CE2 1 
ATOM   379  C  CZ  . TYR A 1 51 ? 1.89414   -7.54825  3.99925   1.000 25.52582 ? 363 TYR A CZ  1 
ATOM   380  O  OH  . TYR A 1 51 ? 2.13204   -8.56652  3.11164   1.000 32.70209 ? 363 TYR A OH  1 
ATOM   381  N  N   . VAL A 1 52 ? 2.05960   -2.11909  4.72138   1.000 21.02741 ? 364 VAL A N   1 
ATOM   382  C  CA  . VAL A 1 52 ? 2.41974   -1.73726  3.34929   1.000 19.54510 ? 364 VAL A CA  1 
ATOM   383  C  C   . VAL A 1 52 ? 3.76969   -1.03181  3.32009   1.000 21.61393 ? 364 VAL A C   1 
ATOM   384  O  O   . VAL A 1 52 ? 4.61378   -1.31873  2.45921   1.000 20.78122 ? 364 VAL A O   1 
ATOM   385  C  CB  . VAL A 1 52 ? 1.31527   -0.87165  2.71381   1.000 20.98977 ? 364 VAL A CB  1 
ATOM   386  C  CG1 . VAL A 1 52 ? 1.78755   -0.27150  1.34822   1.000 17.63503 ? 364 VAL A CG1 1 
ATOM   387  C  CG2 . VAL A 1 52 ? 0.06152   -1.68829  2.51803   1.000 17.82123 ? 364 VAL A CG2 1 
ATOM   388  N  N   . LYS A 1 53 ? 4.00263   -0.10727  4.25521   1.000 19.28944 ? 365 LYS A N   1 
ATOM   389  C  CA  . LYS A 1 53 ? 5.28813   0.59009   4.30535   1.000 23.81124 ? 365 LYS A CA  1 
ATOM   390  C  C   . LYS A 1 53 ? 6.43675   -0.40412  4.41702   1.000 23.38047 ? 365 LYS A C   1 
ATOM   391  O  O   . LYS A 1 53 ? 7.45889   -0.27791  3.72867   1.000 23.08072 ? 365 LYS A O   1 
ATOM   392  C  CB  . LYS A 1 53 ? 5.33390   1.55328   5.49401   1.000 24.16290 ? 365 LYS A CB  1 
ATOM   393  C  CG  . LYS A 1 53 ? 4.56009   2.82430   5.31864   1.000 21.91608 ? 365 LYS A CG  1 
ATOM   394  C  CD  . LYS A 1 53 ? 4.33358   3.51696   6.64749   1.000 23.31730 ? 365 LYS A CD  1 
ATOM   395  C  CE  . LYS A 1 53 ? 3.88396   4.95574   6.46032   1.000 28.67848 ? 365 LYS A CE  1 
ATOM   396  N  NZ  . LYS A 1 53 ? 3.63238   5.60459   7.78322   1.000 43.37529 ? 365 LYS A NZ  1 
ATOM   397  N  N   . GLU A 1 54 ? 6.29068   -1.39476  5.30512   1.000 21.01038 ? 366 GLU A N   1 
ATOM   398  C  CA  . GLU A 1 54 ? 7.36474   -2.36488  5.49389   1.000 24.38874 ? 366 GLU A CA  1 
ATOM   399  C  C   . GLU A 1 54 ? 7.47954   -3.32548  4.32173   1.000 21.20215 ? 366 GLU A C   1 
ATOM   400  O  O   . GLU A 1 54 ? 8.58798   -3.77258  4.00592   1.000 26.05942 ? 366 GLU A O   1 
ATOM   401  C  CB  . GLU A 1 54 ? 7.16583   -3.13035  6.80562   1.000 27.57081 ? 366 GLU A CB  1 
ATOM   402  C  CG  . GLU A 1 54 ? 8.23603   -4.19229  7.01838   1.000 32.71674 ? 366 GLU A CG  1 
ATOM   403  C  CD  . GLU A 1 54 ? 9.54417   -3.60444  7.51229   1.000 39.06501 ? 366 GLU A CD  1 
ATOM   404  O  OE1 . GLU A 1 54 ? 9.53681   -2.47038  8.03759   1.000 51.87044 ? 366 GLU A OE1 1 
ATOM   405  O  OE2 . GLU A 1 54 ? 10.58840  -4.26933  7.34542   1.000 42.70710 ? 366 GLU A OE2 1 
ATOM   406  N  N   . ALA A 1 55 ? 6.35522   -3.66230  3.68037   1.000 20.42433 ? 367 ALA A N   1 
ATOM   407  C  CA  . ALA A 1 55 ? 6.38896   -4.49768  2.48405   1.000 20.39465 ? 367 ALA A CA  1 
ATOM   408  C  C   . ALA A 1 55 ? 7.20190   -3.83808  1.38362   1.000 23.22229 ? 367 ALA A C   1 
ATOM   409  O  O   . ALA A 1 55 ? 8.00799   -4.49100  0.70068   1.000 22.53543 ? 367 ALA A O   1 
ATOM   410  C  CB  . ALA A 1 55 ? 4.96972   -4.75489  1.98393   1.000 21.84566 ? 367 ALA A CB  1 
ATOM   411  N  N   . ILE A 1 56 ? 6.97934   -2.54094  1.17793   1.000 18.94942 ? 368 ILE A N   1 
ATOM   412  C  CA  . ILE A 1 56 ? 7.74237   -1.82253  0.16722   1.000 16.61094 ? 368 ILE A CA  1 
ATOM   413  C  C   . ILE A 1 56 ? 9.22588   -1.87481  0.49704   1.000 22.28711 ? 368 ILE A C   1 
ATOM   414  O  O   . ILE A 1 56 ? 10.05938  -2.10941  -0.38345  1.000 25.44963 ? 368 ILE A O   1 
ATOM   415  C  CB  . ILE A 1 56 ? 7.21932   -0.37714  0.05096   1.000 19.17826 ? 368 ILE A CB  1 
ATOM   416  C  CG1 . ILE A 1 56 ? 5.81678   -0.38089  -0.58620  1.000 19.55403 ? 368 ILE A CG1 1 
ATOM   417  C  CG2 . ILE A 1 56 ? 8.19380   0.48281   -0.75876  1.000 23.64557 ? 368 ILE A CG2 1 
ATOM   418  C  CD1 . ILE A 1 56 ? 5.10015   0.98220   -0.56784  1.000 21.05689 ? 368 ILE A CD1 1 
ATOM   419  N  N   . LYS A 1 57 ? 9.58128   -1.68327  1.77255   1.000 19.99494 ? 369 LYS A N   1 
ATOM   420  C  CA  . LYS A 1 57 ? 10.98698  -1.78689  2.15611   1.000 21.63319 ? 369 LYS A CA  1 
ATOM   421  C  C   . LYS A 1 57 ? 11.52417  -3.18855  1.90848   1.000 27.55554 ? 369 LYS A C   1 
ATOM   422  O  O   . LYS A 1 57 ? 12.64585  -3.35532  1.41174   1.000 26.77819 ? 369 LYS A O   1 
ATOM   423  C  CB  . LYS A 1 57 ? 11.17963  -1.39038  3.61997   1.000 23.70298 ? 369 LYS A CB  1 
ATOM   424  C  CG  . LYS A 1 57 ? 11.19893  0.12070   3.89207   1.000 29.01562 ? 369 LYS A CG  1 
ATOM   425  C  CD  . LYS A 1 57 ? 10.87676  0.46077   5.34685   1.000 42.35965 ? 369 LYS A CD  1 
ATOM   426  C  CE  . LYS A 1 57 ? 9.86871   1.60308   5.45915   1.000 50.25719 ? 369 LYS A CE  1 
ATOM   427  N  NZ  . LYS A 1 57 ? 9.77742   2.15381   6.85387   1.000 45.42557 ? 369 LYS A NZ  1 
ATOM   428  N  N   A ARG A 1 58 ? 10.73881  -4.21317  2.24360   0.502 25.91231 ? 370 ARG A N   1 
ATOM   429  N  N   B ARG A 1 58 ? 10.73609  -4.20725  2.26545   0.498 25.91093 ? 370 ARG A N   1 
ATOM   430  C  CA  A ARG A 1 58 ? 11.18705  -5.58679  2.03711   0.502 25.96509 ? 370 ARG A CA  1 
ATOM   431  C  CA  B ARG A 1 58 ? 11.13112  -5.59500  2.04617   0.498 25.97153 ? 370 ARG A CA  1 
ATOM   432  C  C   A ARG A 1 58 ? 11.34653  -5.90749  0.55505   0.502 29.03608 ? 370 ARG A C   1 
ATOM   433  C  C   B ARG A 1 58 ? 11.34942  -5.88216  0.56608   0.498 29.03477 ? 370 ARG A C   1 
ATOM   434  O  O   A ARG A 1 58 ? 12.28669  -6.61165  0.16602   0.502 30.87793 ? 370 ARG A O   1 
ATOM   435  O  O   B ARG A 1 58 ? 12.33095  -6.53453  0.18911   0.498 30.87264 ? 370 ARG A O   1 
ATOM   436  C  CB  A ARG A 1 58 ? 10.20965  -6.55414  2.70294   0.502 26.40226 ? 370 ARG A CB  1 
ATOM   437  C  CB  B ARG A 1 58 ? 10.06158  -6.52562  2.62386   0.498 26.28901 ? 370 ARG A CB  1 
ATOM   438  C  CG  A ARG A 1 58 ? 10.37092  -6.63883  4.21163   0.502 25.09302 ? 370 ARG A CG  1 
ATOM   439  C  CG  B ARG A 1 58 ? 10.03746  -6.57558  4.14496   0.498 25.15407 ? 370 ARG A CG  1 
ATOM   440  C  CD  A ARG A 1 58 ? 9.41521   -7.67366  4.81381   0.502 28.26029 ? 370 ARG A CD  1 
ATOM   441  C  CD  B ARG A 1 58 ? 8.70828   -7.14215  4.68826   0.498 28.57973 ? 370 ARG A CD  1 
ATOM   442  N  NE  A ARG A 1 58 ? 9.27042   -8.86960  3.98728   0.502 29.79349 ? 370 ARG A NE  1 
ATOM   443  N  NE  B ARG A 1 58 ? 8.39462   -8.46783  4.16502   0.498 31.02311 ? 370 ARG A NE  1 
ATOM   444  C  CZ  A ARG A 1 58 ? 10.16654  -9.84482  3.88199   0.502 29.72551 ? 370 ARG A CZ  1 
ATOM   445  C  CZ  B ARG A 1 58 ? 7.16342   -8.94109  4.00892   0.498 34.58704 ? 370 ARG A CZ  1 
ATOM   446  N  NH1 A ARG A 1 58 ? 11.31307  -9.80991  4.54036   0.502 29.96094 ? 370 ARG A NH1 1 
ATOM   447  N  NH1 B ARG A 1 58 ? 6.10099   -8.22158  4.32430   0.498 25.50626 ? 370 ARG A NH1 1 
ATOM   448  N  NH2 A ARG A 1 58 ? 9.89484   -10.89315 3.10966   0.502 31.86905 ? 370 ARG A NH2 1 
ATOM   449  N  NH2 B ARG A 1 58 ? 6.99441   -10.16998 3.53022   0.498 29.49520 ? 370 ARG A NH2 1 
ATOM   450  N  N   . ALA A 1 59 ? 10.44806  -5.39398  -0.28906  1.000 27.51318 ? 371 ALA A N   1 
ATOM   451  C  CA  . ALA A 1 59 ? 10.56910  -5.63414  -1.72077  1.000 27.91233 ? 371 ALA A CA  1 
ATOM   452  C  C   . ALA A 1 59 ? 11.81031  -4.96738  -2.31771  1.000 32.53572 ? 371 ALA A C   1 
ATOM   453  O  O   . ALA A 1 59 ? 12.39765  -5.49601  -3.26569  1.000 31.60146 ? 371 ALA A O   1 
ATOM   454  C  CB  . ALA A 1 59 ? 9.30755   -5.15300  -2.43822  1.000 25.45995 ? 371 ALA A CB  1 
ATOM   455  N  N   A GLU A 1 60 ? 12.22299  -3.82192  -1.77079  0.430 31.78227 ? 372 GLU A N   1 
ATOM   456  N  N   B GLU A 1 60 ? 12.22470  -3.82156  -1.77957  0.570 31.75922 ? 372 GLU A N   1 
ATOM   457  C  CA  A GLU A 1 60 ? 13.40724  -3.13184  -2.27798  0.430 34.84763 ? 372 GLU A CA  1 
ATOM   458  C  CA  B GLU A 1 60 ? 13.41297  -3.14966  -2.30073  0.570 34.85267 ? 372 GLU A CA  1 
ATOM   459  C  C   A GLU A 1 60 ? 14.68182  -3.87901  -1.90204  0.430 39.92288 ? 372 GLU A C   1 
ATOM   460  C  C   B GLU A 1 60 ? 14.68608  -3.89028  -1.90734  0.570 39.97608 ? 372 GLU A C   1 
ATOM   461  O  O   A GLU A 1 60 ? 15.62125  -3.96393  -2.70365  0.430 40.25631 ? 372 GLU A O   1 
ATOM   462  O  O   B GLU A 1 60 ? 15.63215  -3.97692  -2.70095  0.570 40.25608 ? 372 GLU A O   1 
ATOM   463  C  CB  A GLU A 1 60 ? 13.43514  -1.69884  -1.74354  0.430 30.88853 ? 372 GLU A CB  1 
ATOM   464  C  CB  B GLU A 1 60 ? 13.44755  -1.70644  -1.80707  0.570 30.82203 ? 372 GLU A CB  1 
ATOM   465  C  CG  A GLU A 1 60 ? 14.82237  -1.06814  -1.62012  0.430 40.12353 ? 372 GLU A CG  1 
ATOM   466  C  CG  B GLU A 1 60 ? 12.20577  -0.90576  -2.15940  0.570 34.41710 ? 372 GLU A CG  1 
ATOM   467  C  CD  A GLU A 1 60 ? 15.31023  -0.46676  -2.92502  0.430 39.64394 ? 372 GLU A CD  1 
ATOM   468  C  CD  B GLU A 1 60 ? 12.37729  -0.04617  -3.39582  0.570 40.97346 ? 372 GLU A CD  1 
ATOM   469  O  OE1 A GLU A 1 60 ? 14.46776  -0.21705  -3.81198  0.430 45.95047 ? 372 GLU A OE1 1 
ATOM   470  O  OE1 B GLU A 1 60 ? 12.48303  -0.60246  -4.51097  0.570 45.73546 ? 372 GLU A OE1 1 
ATOM   471  O  OE2 A GLU A 1 60 ? 16.53213  -0.22918  -3.06213  0.430 36.14852 ? 372 GLU A OE2 1 
ATOM   472  O  OE2 B GLU A 1 60 ? 12.39239  1.19380   -3.24893  0.570 41.07170 ? 372 GLU A OE2 1 
ATOM   473  N  N   . ALA A 1 61 ? 14.72792  -4.43817  -0.69418  1.000 32.82881 ? 373 ALA A N   1 
ATOM   474  C  CA  . ALA A 1 61 ? 15.87920  -5.21317  -0.23709  1.000 43.46919 ? 373 ALA A CA  1 
ATOM   475  C  C   . ALA A 1 61 ? 15.74994  -6.66934  -0.68941  1.000 43.64229 ? 373 ALA A C   1 
ATOM   476  O  O   . ALA A 1 61 ? 15.69801  -7.60215  0.11083   1.000 58.57953 ? 373 ALA A O   1 
ATOM   477  C  CB  . ALA A 1 61 ? 16.01286  -5.11378  1.27863   1.000 43.66771 ? 373 ALA A CB  1 
ATOM   478  N  N   . ALA A 1 62 ? 15.69173  -6.84997  -2.00512  1.000 56.02576 ? 374 ALA A N   1 
ATOM   479  C  CA  . ALA A 1 62 ? 15.49119  -8.17267  -2.58535  1.000 53.62352 ? 374 ALA A CA  1 
ATOM   480  C  C   . ALA A 1 62 ? 15.77532  -8.16649  -4.08307  1.000 50.37828 ? 374 ALA A C   1 
ATOM   481  O  O   . ALA A 1 62 ? 15.08568  -7.49621  -4.85452  1.000 54.34457 ? 374 ALA A O   1 
ATOM   482  C  CB  . ALA A 1 62 ? 14.06996  -8.65376  -2.31581  1.000 42.63969 ? 374 ALA A CB  1 
ATOM   483  N  N   A GLU B 1 9  ? 9.62978   13.56534  -0.13129  0.534 29.70496 ? 321 GLU B N   1 
ATOM   484  N  N   B GLU B 1 9  ? 12.94731  11.55805  -5.61540  0.466 23.78150 ? 321 GLU B N   1 
ATOM   485  C  CA  A GLU B 1 9  ? 9.14133   14.81516  -0.71471  0.534 24.15703 ? 321 GLU B CA  1 
ATOM   486  C  CA  B GLU B 1 9  ? 11.74507  11.24479  -4.83845  0.466 26.53792 ? 321 GLU B CA  1 
ATOM   487  C  C   A GLU B 1 9  ? 10.06947  15.29784  -1.82346  0.534 32.30100 ? 321 GLU B C   1 
ATOM   488  C  C   B GLU B 1 9  ? 10.96328  12.52739  -4.59395  0.466 26.23828 ? 321 GLU B C   1 
ATOM   489  O  O   A GLU B 1 9  ? 10.62908  16.39726  -1.75828  0.534 38.13558 ? 321 GLU B O   1 
ATOM   490  O  O   B GLU B 1 9  ? 9.73720   12.57394  -4.72972  0.466 23.94708 ? 321 GLU B O   1 
ATOM   491  C  CB  A GLU B 1 9  ? 9.00045   15.88352  0.36323   0.534 31.31337 ? 321 GLU B CB  1 
ATOM   492  C  CB  B GLU B 1 9  ? 12.10209  10.57598  -3.50433  0.466 25.51284 ? 321 GLU B CB  1 
ATOM   493  C  CG  A GLU B 1 9  ? 7.69645   15.78574  1.12404   0.534 29.98998 ? 321 GLU B CG  1 
ATOM   494  C  CG  B GLU B 1 9  ? 10.96406  10.58973  -2.47840  0.466 30.22071 ? 321 GLU B CG  1 
ATOM   495  C  CD  A GLU B 1 9  ? 7.60448   16.79901  2.23397   0.534 35.42733 ? 321 GLU B CD  1 
ATOM   496  C  CD  B GLU B 1 9  ? 11.08050  9.49476   -1.42168  0.466 31.04073 ? 321 GLU B CD  1 
ATOM   497  O  OE1 A GLU B 1 9  ? 8.59856   17.52733  2.45028   0.534 34.27292 ? 321 GLU B OE1 1 
ATOM   498  O  OE1 B GLU B 1 9  ? 12.11517  8.79690   -1.38933  0.466 34.73448 ? 321 GLU B OE1 1 
ATOM   499  O  OE2 A GLU B 1 9  ? 6.55139   16.83938  2.90839   0.534 34.86451 ? 321 GLU B OE2 1 
ATOM   500  O  OE2 B GLU B 1 9  ? 10.12660  9.32605   -0.62856  0.466 25.86415 ? 321 GLU B OE2 1 
ATOM   501  N  N   A ASN B 1 10 ? 10.21391  14.46762  -2.84783  0.534 24.30744 ? 322 ASN B N   1 
ATOM   502  N  N   B ASN B 1 10 ? 11.70055  13.57958  -4.24544  0.466 26.12214 ? 322 ASN B N   1 
ATOM   503  C  CA  A ASN B 1 10 ? 11.10970  14.71850  -3.95657  0.534 30.10736 ? 322 ASN B CA  1 
ATOM   504  C  CA  B ASN B 1 10 ? 11.06562  14.83878  -3.88749  0.466 30.10614 ? 322 ASN B CA  1 
ATOM   505  C  C   A ASN B 1 10 ? 10.34254  15.37221  -5.10246  0.534 25.64685 ? 322 ASN B C   1 
ATOM   506  C  C   B ASN B 1 10 ? 10.35634  15.46077  -5.08627  0.466 25.65561 ? 322 ASN B C   1 
ATOM   507  O  O   A ASN B 1 10 ? 9.19686   15.80801  -4.94897  0.534 25.00072 ? 322 ASN B O   1 
ATOM   508  O  O   B ASN B 1 10 ? 9.23579   15.96542  -4.95003  0.466 25.16487 ? 322 ASN B O   1 
ATOM   509  C  CB  A ASN B 1 10 ? 11.77396  13.41479  -4.39471  0.534 26.49918 ? 322 ASN B CB  1 
ATOM   510  C  CB  B ASN B 1 10 ? 12.11329  15.79078  -3.31407  0.466 29.80416 ? 322 ASN B CB  1 
ATOM   511  C  CG  A ASN B 1 10 ? 10.77004  12.30724  -4.63503  0.534 26.43093 ? 322 ASN B CG  1 
ATOM   512  C  CG  B ASN B 1 10 ? 12.61597  15.34444  -1.94959  0.466 30.33155 ? 322 ASN B CG  1 
ATOM   513  O  OD1 A ASN B 1 10 ? 9.56651   12.56163  -4.74168  0.534 23.71865 ? 322 ASN B OD1 1 
ATOM   514  O  OD1 B ASN B 1 10 ? 13.82208  15.26522  -1.71897  0.466 34.27146 ? 322 ASN B OD1 1 
ATOM   515  N  ND2 A ASN B 1 10 ? 11.25540  11.06731  -4.72466  0.534 25.09858 ? 322 ASN B ND2 1 
ATOM   516  N  ND2 B ASN B 1 10 ? 11.69491  15.02750  -1.04858  0.466 29.79719 ? 322 ASN B ND2 1 
ATOM   517  N  N   . ASP B 1 11 ? 10.97825  15.41414  -6.27302  1.000 25.44899 ? 323 ASP B N   1 
ATOM   518  C  CA  . ASP B 1 11 ? 10.37876  16.05225  -7.44471  1.000 27.56192 ? 323 ASP B CA  1 
ATOM   519  C  C   . ASP B 1 11 ? 9.07642   15.37143  -7.85721  1.000 25.12381 ? 323 ASP B C   1 
ATOM   520  O  O   . ASP B 1 11 ? 8.08179   16.04881  -8.13642  1.000 21.99790 ? 323 ASP B O   1 
ATOM   521  C  CB  . ASP B 1 11 ? 11.37301  16.04878  -8.60417  1.000 26.42282 ? 323 ASP B CB  1 
ATOM   522  C  CG  . ASP B 1 11 ? 10.92791  16.93740  -9.74768  1.000 24.79839 ? 323 ASP B CG  1 
ATOM   523  O  OD1 . ASP B 1 11 ? 10.77209  18.14309  -9.50022  1.000 36.07035 ? 323 ASP B OD1 1 
ATOM   524  O  OD2 . ASP B 1 11 ? 10.71818  16.42680  -10.87401 1.000 26.92596 ? 323 ASP B OD2 1 
ATOM   525  N  N   . ALA B 1 12 ? 9.06098   14.03151  -7.89500  1.000 23.77559 ? 324 ALA B N   1 
ATOM   526  C  CA  . ALA B 1 12 ? 7.81758   13.30713  -8.16352  1.000 20.81895 ? 324 ALA B CA  1 
ATOM   527  C  C   . ALA B 1 12 ? 6.70110   13.74628  -7.21264  1.000 17.31081 ? 324 ALA B C   1 
ATOM   528  O  O   . ALA B 1 12 ? 5.53747   13.88881  -7.61688  1.000 19.78693 ? 324 ALA B O   1 
ATOM   529  C  CB  . ALA B 1 12 ? 8.06870   11.79995  -8.05145  1.000 21.62227 ? 324 ALA B CB  1 
ATOM   530  N  N   . TYR B 1 13 ? 7.04456   13.96951  -5.94735  1.000 19.73917 ? 325 TYR B N   1 
ATOM   531  C  CA  . TYR B 1 13 ? 6.05550   14.40205  -4.95869  1.000 22.55022 ? 325 TYR B CA  1 
ATOM   532  C  C   . TYR B 1 13 ? 5.53637   15.79925  -5.28800  1.000 21.03905 ? 325 TYR B C   1 
ATOM   533  O  O   . TYR B 1 13 ? 4.32846   16.06078  -5.20356  1.000 20.15888 ? 325 TYR B O   1 
ATOM   534  C  CB  . TYR B 1 13 ? 6.69331   14.39991  -3.57405  1.000 20.25711 ? 325 TYR B CB  1 
ATOM   535  C  CG  . TYR B 1 13 ? 5.74953   14.71690  -2.42941  1.000 27.78688 ? 325 TYR B CG  1 
ATOM   536  C  CD1 . TYR B 1 13 ? 5.00655   13.69941  -1.83802  1.000 37.13830 ? 325 TYR B CD1 1 
ATOM   537  C  CD2 . TYR B 1 13 ? 5.61466   16.00712  -1.92921  1.000 33.80752 ? 325 TYR B CD2 1 
ATOM   538  C  CE1 . TYR B 1 13 ? 4.15079   13.94564  -0.78956  1.000 31.73043 ? 325 TYR B CE1 1 
ATOM   539  C  CE2 . TYR B 1 13 ? 4.73818   16.27092  -0.86343  1.000 32.51463 ? 325 TYR B CE2 1 
ATOM   540  C  CZ  . TYR B 1 13 ? 4.01524   15.23370  -0.31009  1.000 37.27274 ? 325 TYR B CZ  1 
ATOM   541  O  OH  . TYR B 1 13 ? 3.14729   15.45946  0.74434   1.000 45.46181 ? 325 TYR B OH  1 
ATOM   542  N  N   . VAL B 1 14 ? 6.43760   16.69910  -5.69578  1.000 20.84945 ? 326 VAL B N   1 
ATOM   543  C  CA  . VAL B 1 14 ? 6.04939   18.05813  -6.08522  1.000 22.96613 ? 326 VAL B CA  1 
ATOM   544  C  C   . VAL B 1 14 ? 5.06273   18.03395  -7.24692  1.000 20.22404 ? 326 VAL B C   1 
ATOM   545  O  O   . VAL B 1 14 ? 4.09387   18.80010  -7.27607  1.000 23.02249 ? 326 VAL B O   1 
ATOM   546  C  CB  . VAL B 1 14 ? 7.29884   18.89132  -6.43160  1.000 22.40664 ? 326 VAL B CB  1 
ATOM   547  C  CG1 . VAL B 1 14 ? 6.90428   20.19103  -7.14397  1.000 26.42763 ? 326 VAL B CG1 1 
ATOM   548  C  CG2 . VAL B 1 14 ? 8.09384   19.18674  -5.16490  1.000 28.02761 ? 326 VAL B CG2 1 
ATOM   549  N  N   . HIS B 1 15 ? 5.28592   17.16202  -8.21835  1.000 18.92927 ? 327 HIS B N   1 
ATOM   550  C  CA  . HIS B 1 15 ? 4.41412   17.11265  -9.38569  1.000 20.79322 ? 327 HIS B CA  1 
ATOM   551  C  C   . HIS B 1 15 ? 3.11852   16.34203  -9.16768  1.000 18.55249 ? 327 HIS B C   1 
ATOM   552  O  O   . HIS B 1 15 ? 2.18569   16.50519  -9.97319  1.000 20.85579 ? 327 HIS B O   1 
ATOM   553  C  CB  . HIS B 1 15 ? 5.18822   16.53692  -10.56314 1.000 25.76724 ? 327 HIS B CB  1 
ATOM   554  C  CG  . HIS B 1 15 ? 6.27104   17.45080  -11.03679 1.000 24.79138 ? 327 HIS B CG  1 
ATOM   555  N  ND1 . HIS B 1 15 ? 5.99395   18.68284  -11.59019 1.000 44.92126 ? 327 HIS B ND1 1 
ATOM   556  C  CD2 . HIS B 1 15 ? 7.62010   17.37003  -10.95568 1.000 25.00913 ? 327 HIS B CD2 1 
ATOM   557  C  CE1 . HIS B 1 15 ? 7.12487   19.29685  -11.88535 1.000 42.11941 ? 327 HIS B CE1 1 
ATOM   558  N  NE2 . HIS B 1 15 ? 8.12696   18.51974  -11.51847 1.000 38.18620 ? 327 HIS B NE2 1 
ATOM   559  N  N   . ALA B 1 16 ? 3.03262   15.51833  -8.12033  1.000 18.78713 ? 328 ALA B N   1 
ATOM   560  C  CA  . ALA B 1 16 ? 1.84836   14.71387  -7.87125  1.000 18.75779 ? 328 ALA B CA  1 
ATOM   561  C  C   . ALA B 1 16 ? 0.67778   15.57532  -7.37464  1.000 19.82650 ? 328 ALA B C   1 
ATOM   562  O  O   . ALA B 1 16 ? 0.85257   16.68961  -6.87671  1.000 22.64411 ? 328 ALA B O   1 
ATOM   563  C  CB  . ALA B 1 16 ? 2.17720   13.61064  -6.86330  1.000 18.47965 ? 328 ALA B CB  1 
ATOM   564  N  N   . THR B 1 17 ? -0.53607  15.05657  -7.54148  1.000 19.53021 ? 329 THR B N   1 
ATOM   565  C  CA  . THR B 1 17 ? -1.71683  15.74053  -7.01587  1.000 22.53077 ? 329 THR B CA  1 
ATOM   566  C  C   . THR B 1 17 ? -1.75701  15.64462  -5.49031  1.000 23.98233 ? 329 THR B C   1 
ATOM   567  O  O   . THR B 1 17 ? -1.15226  14.74553  -4.89666  1.000 21.09069 ? 329 THR B O   1 
ATOM   568  C  CB  . THR B 1 17 ? -2.99593  15.11872  -7.57262  1.000 21.97409 ? 329 THR B CB  1 
ATOM   569  O  OG1 . THR B 1 17 ? -3.15891  13.81531  -6.97945  1.000 21.33037 ? 329 THR B OG1 1 
ATOM   570  C  CG2 . THR B 1 17 ? -2.92811  14.98157  -9.06726  1.000 23.69525 ? 329 THR B CG2 1 
ATOM   571  N  N   . PRO B 1 18 ? -2.48786  16.54920  -4.82800  1.000 26.05353 ? 330 PRO B N   1 
ATOM   572  C  CA  . PRO B 1 18 ? -2.63443  16.41899  -3.37141  1.000 18.66747 ? 330 PRO B CA  1 
ATOM   573  C  C   . PRO B 1 18 ? -3.09876  15.03290  -2.93386  1.000 20.95748 ? 330 PRO B C   1 
ATOM   574  O  O   . PRO B 1 18 ? -2.58392  14.50013  -1.94563  1.000 22.73992 ? 330 PRO B O   1 
ATOM   575  C  CB  . PRO B 1 18 ? -3.65756  17.50748  -3.03515  1.000 23.43583 ? 330 PRO B CB  1 
ATOM   576  C  CG  . PRO B 1 18 ? -3.35394  18.60045  -4.05437  1.000 25.88073 ? 330 PRO B CG  1 
ATOM   577  C  CD  . PRO B 1 18 ? -3.03096  17.83314  -5.33395  1.000 22.38462 ? 330 PRO B CD  1 
ATOM   578  N  N   . LEU B 1 19 ? -4.03370  14.41854  -3.66622  1.000 18.68961 ? 331 LEU B N   1 
ATOM   579  C  CA  . LEU B 1 19 ? -4.55135  13.11818  -3.24382  1.000 20.83168 ? 331 LEU B CA  1 
ATOM   580  C  C   . LEU B 1 19 ? -3.48074  12.04483  -3.37294  1.000 23.80419 ? 331 LEU B C   1 
ATOM   581  O  O   . LEU B 1 19 ? -3.39346  11.13540  -2.53689  1.000 24.80138 ? 331 LEU B O   1 
ATOM   582  C  CB  . LEU B 1 19 ? -5.77978  12.75995  -4.07940  1.000 26.50203 ? 331 LEU B CB  1 
ATOM   583  C  CG  . LEU B 1 19 ? -7.15099  13.18237  -3.53878  1.000 31.69352 ? 331 LEU B CG  1 
ATOM   584  C  CD1 . LEU B 1 19 ? -8.26609  12.52036  -4.33677  1.000 49.69032 ? 331 LEU B CD1 1 
ATOM   585  C  CD2 . LEU B 1 19 ? -7.29967  12.88175  -2.05649  1.000 39.46680 ? 331 LEU B CD2 1 
ATOM   586  N  N   . ILE B 1 20 ? -2.65409  12.13305  -4.41755  1.000 18.81942 ? 332 ILE B N   1 
ATOM   587  C  CA  . ILE B 1 20 ? -1.61014  11.13187  -4.60569  1.000 22.35302 ? 332 ILE B CA  1 
ATOM   588  C  C   . ILE B 1 20 ? -0.47865  11.34465  -3.60456  1.000 19.01931 ? 332 ILE B C   1 
ATOM   589  O  O   . ILE B 1 20 ? 0.09184   10.38185  -3.08531  1.000 17.29985 ? 332 ILE B O   1 
ATOM   590  C  CB  . ILE B 1 20 ? -1.11519  11.16239  -6.06415  1.000 15.86289 ? 332 ILE B CB  1 
ATOM   591  C  CG1 . ILE B 1 20 ? -2.20419  10.62486  -7.01826  1.000 17.27953 ? 332 ILE B CG1 1 
ATOM   592  C  CG2 . ILE B 1 20 ? 0.19736   10.38416  -6.19463  1.000 18.77690 ? 332 ILE B CG2 1 
ATOM   593  C  CD1 . ILE B 1 20 ? -2.72765  9.18794   -6.65434  1.000 19.03683 ? 332 ILE B CD1 1 
ATOM   594  N  N   . ARG B 1 21 ? -0.11331  12.60590  -3.34486  1.000 18.00482 ? 333 ARG B N   1 
ATOM   595  C  CA  . ARG B 1 21 ? 0.82178   12.90983  -2.25912  1.000 17.82168 ? 333 ARG B CA  1 
ATOM   596  C  C   . ARG B 1 21 ? 0.38252   12.23908  -0.95572  1.000 20.27237 ? 333 ARG B C   1 
ATOM   597  O  O   . ARG B 1 21 ? 1.18560   11.59705  -0.26518  1.000 20.13379 ? 333 ARG B O   1 
ATOM   598  C  CB  . ARG B 1 21 ? 0.90848   14.41717  -2.05305  1.000 19.69700 ? 333 ARG B CB  1 
ATOM   599  C  CG  . ARG B 1 21 ? 1.62591   15.16040  -3.17648  1.000 19.72559 ? 333 ARG B CG  1 
ATOM   600  C  CD  . ARG B 1 21 ? 1.65100   16.64930  -2.85860  1.000 19.61881 ? 333 ARG B CD  1 
ATOM   601  N  NE  . ARG B 1 21 ? 2.16387   17.44761  -3.96655  1.000 19.91762 ? 333 ARG B NE  1 
ATOM   602  C  CZ  . ARG B 1 21 ? 1.64720   18.61410  -4.31250  1.000 27.65927 ? 333 ARG B CZ  1 
ATOM   603  N  NH1 . ARG B 1 21 ? 0.61555   19.13078  -3.65805  1.000 25.20510 ? 333 ARG B NH1 1 
ATOM   604  N  NH2 . ARG B 1 21 ? 2.17706   19.28115  -5.33409  1.000 21.38318 ? 333 ARG B NH2 1 
ATOM   605  N  N   . ARG B 1 22 ? -0.89068  12.42377  -0.59650  1.000 20.97553 ? 334 ARG B N   1 
ATOM   606  C  CA  A ARG B 1 22 ? -1.40415  11.89032  0.66236   0.579 23.68065 ? 334 ARG B CA  1 
ATOM   607  C  CA  B ARG B 1 22 ? -1.40781  11.89117  0.66111   0.421 23.71775 ? 334 ARG B CA  1 
ATOM   608  C  C   . ARG B 1 22 ? -1.33855  10.36955  0.68698   1.000 21.93623 ? 334 ARG B C   1 
ATOM   609  O  O   . ARG B 1 22 ? -0.94467  9.77873   1.69377   1.000 22.96472 ? 334 ARG B O   1 
ATOM   610  C  CB  A ARG B 1 22 ? -2.83734  12.38077  0.87836   0.579 27.63750 ? 334 ARG B CB  1 
ATOM   611  C  CB  B ARG B 1 22 ? -2.84483  12.37843  0.86820   0.421 27.63722 ? 334 ARG B CB  1 
ATOM   612  C  CG  A ARG B 1 22 ? -3.52432  11.86006  2.13514   0.579 32.39251 ? 334 ARG B CG  1 
ATOM   613  C  CG  B ARG B 1 22 ? -3.33757  12.37228  2.31278   0.421 33.31761 ? 334 ARG B CG  1 
ATOM   614  C  CD  A ARG B 1 22 ? -5.01725  12.19793  2.10849   0.579 35.83782 ? 334 ARG B CD  1 
ATOM   615  C  CD  B ARG B 1 22 ? -4.42684  11.33524  2.51488   0.421 39.51558 ? 334 ARG B CD  1 
ATOM   616  N  NE  A ARG B 1 22 ? -5.73839  11.38014  1.13750   0.579 38.47981 ? 334 ARG B NE  1 
ATOM   617  N  NE  B ARG B 1 22 ? -5.35932  11.69380  3.57906   0.421 40.73127 ? 334 ARG B NE  1 
ATOM   618  C  CZ  A ARG B 1 22 ? -7.03396  11.10238  1.19549   0.579 42.82282 ? 334 ARG B CZ  1 
ATOM   619  C  CZ  B ARG B 1 22 ? -5.09312  11.59024  4.87391   0.421 43.71345 ? 334 ARG B CZ  1 
ATOM   620  N  NH1 A ARG B 1 22 ? -7.80001  11.57141  2.16654   0.579 47.56634 ? 334 ARG B NH1 1 
ATOM   621  N  NH1 B ARG B 1 22 ? -3.91119  11.17995  5.30508   0.421 37.92337 ? 334 ARG B NH1 1 
ATOM   622  N  NH2 A ARG B 1 22 ? -7.57410  10.33215  0.25506   0.579 41.61457 ? 334 ARG B NH2 1 
ATOM   623  N  NH2 B ARG B 1 22 ? -6.03931  11.89542  5.75843   0.421 44.78470 ? 334 ARG B NH2 1 
ATOM   624  N  N   . LEU B 1 23 ? -1.71078  9.72398   -0.41571  1.000 20.90574 ? 335 LEU B N   1 
ATOM   625  C  CA  . LEU B 1 23 ? -1.64559  8.26541   -0.49456  1.000 20.53888 ? 335 LEU B CA  1 
ATOM   626  C  C   . LEU B 1 23 ? -0.21139  7.76842   -0.34554  1.000 18.54061 ? 335 LEU B C   1 
ATOM   627  O  O   . LEU B 1 23 ? 0.04651   6.76376   0.33003   1.000 21.24282 ? 335 LEU B O   1 
ATOM   628  C  CB  . LEU B 1 23 ? -2.23735  7.81825   -1.82856  1.000 22.29031 ? 335 LEU B CB  1 
ATOM   629  C  CG  . LEU B 1 23 ? -2.40823  6.32890   -2.07739  1.000 26.09591 ? 335 LEU B CG  1 
ATOM   630  C  CD1 . LEU B 1 23 ? -3.32209  5.78799   -0.97779  1.000 24.67914 ? 335 LEU B CD1 1 
ATOM   631  C  CD2 . LEU B 1 23 ? -2.98805  6.04598   -3.45450  1.000 27.70628 ? 335 LEU B CD2 1 
ATOM   632  N  N   . ALA B 1 24 ? 0.73903   8.44445   -1.00730  1.000 17.00088 ? 336 ALA B N   1 
ATOM   633  C  CA  . ALA B 1 24 ? 2.14293   8.05685   -0.91082  1.000 16.89515 ? 336 ALA B CA  1 
ATOM   634  C  C   . ALA B 1 24 ? 2.66954   8.22185   0.50938   1.000 23.07236 ? 336 ALA B C   1 
ATOM   635  O  O   . ALA B 1 24 ? 3.45925   7.39468   0.98838   1.000 20.50443 ? 336 ALA B O   1 
ATOM   636  C  CB  . ALA B 1 24 ? 2.97695   8.89318   -1.89823  1.000 17.88456 ? 336 ALA B CB  1 
ATOM   637  N  N   . ARG B 1 25 ? 2.25339   9.28781   1.20373   1.000 19.24119 ? 337 ARG B N   1 
ATOM   638  C  CA  A ARG B 1 25 ? 2.67999   9.45912   2.58873   0.449 20.23110 ? 337 ARG B CA  1 
ATOM   639  C  CA  B ARG B 1 25 ? 2.67153   9.46645   2.59061   0.551 20.20332 ? 337 ARG B CA  1 
ATOM   640  C  C   . ARG B 1 25 ? 2.07678   8.38608   3.48339   1.000 19.80269 ? 337 ARG B C   1 
ATOM   641  O  O   . ARG B 1 25 ? 2.76415   7.84595   4.35644   1.000 29.68473 ? 337 ARG B O   1 
ATOM   642  C  CB  A ARG B 1 25 ? 2.30014   10.84689  3.10556   0.449 24.74633 ? 337 ARG B CB  1 
ATOM   643  C  CB  B ARG B 1 25 ? 2.26619   10.85666  3.08397   0.551 24.74007 ? 337 ARG B CB  1 
ATOM   644  C  CG  A ARG B 1 25 ? 3.09414   11.27921  4.33504   0.449 27.52255 ? 337 ARG B CG  1 
ATOM   645  C  CG  B ARG B 1 25 ? 3.23823   11.94814  2.66578   0.551 21.76227 ? 337 ARG B CG  1 
ATOM   646  C  CD  A ARG B 1 25 ? 2.70052   12.68398  4.80027   0.449 25.38062 ? 337 ARG B CD  1 
ATOM   647  C  CD  B ARG B 1 25 ? 2.87008   13.33267  3.20025   0.551 31.77927 ? 337 ARG B CD  1 
ATOM   648  N  NE  A ARG B 1 25 ? 3.21783   13.73236  3.92797   0.449 31.80175 ? 337 ARG B NE  1 
ATOM   649  N  NE  B ARG B 1 25 ? 1.47484   13.43369  3.60679   0.551 33.33140 ? 337 ARG B NE  1 
ATOM   650  C  CZ  A ARG B 1 25 ? 4.39480   14.32646  4.07644   0.449 28.14359 ? 337 ARG B CZ  1 
ATOM   651  C  CZ  B ARG B 1 25 ? 0.53674   14.08225  2.92890   0.551 35.23830 ? 337 ARG B CZ  1 
ATOM   652  N  NH1 A ARG B 1 25 ? 5.21333   14.00365  5.06424   0.449 29.68950 ? 337 ARG B NH1 1 
ATOM   653  N  NH1 B ARG B 1 25 ? 0.81398   14.73048  1.79901   0.551 15.54092 ? 337 ARG B NH1 1 
ATOM   654  N  NH2 A ARG B 1 25 ? 4.76092   15.26565  3.20970   0.449 32.65022 ? 337 ARG B NH2 1 
ATOM   655  N  NH2 B ARG B 1 25 ? -0.70971  14.08805  3.39937   0.551 32.01148 ? 337 ARG B NH2 1 
ATOM   656  N  N   . GLU B 1 26 ? 0.79805   8.06782   3.27662   1.000 20.96210 ? 338 GLU B N   1 
ATOM   657  C  CA  . GLU B 1 26 ? 0.12160   7.08408   4.12211   1.000 21.96789 ? 338 GLU B CA  1 
ATOM   658  C  C   . GLU B 1 26 ? 0.77808   5.71095   4.03111   1.000 25.19106 ? 338 GLU B C   1 
ATOM   659  O  O   . GLU B 1 26 ? 0.84413   4.97679   5.02557   1.000 27.92724 ? 338 GLU B O   1 
ATOM   660  C  CB  . GLU B 1 26 ? -1.34139  6.96079   3.70637   1.000 26.11468 ? 338 GLU B CB  1 
ATOM   661  C  CG  . GLU B 1 26 ? -2.34070  7.64416   4.60030   1.000 40.64627 ? 338 GLU B CG  1 
ATOM   662  C  CD  . GLU B 1 26 ? -3.60943  7.99107   3.85198   1.000 38.61854 ? 338 GLU B CD  1 
ATOM   663  O  OE1 . GLU B 1 26 ? -3.83225  7.41566   2.76326   1.000 41.67482 ? 338 GLU B OE1 1 
ATOM   664  O  OE2 . GLU B 1 26 ? -4.38865  8.82616   4.34777   1.000 51.69669 ? 338 GLU B OE2 1 
ATOM   665  N  N   A PHE B 1 27 ? 1.26206   5.33731   2.85132   0.587 20.82285 ? 339 PHE B N   1 
ATOM   666  N  N   B PHE B 1 27 ? 1.24955   5.33686   2.83627   0.413 20.85905 ? 339 PHE B N   1 
ATOM   667  C  CA  A PHE B 1 27 ? 1.74653   3.98444   2.63802   0.587 19.93585 ? 339 PHE B CA  1 
ATOM   668  C  CA  B PHE B 1 27 ? 1.73684   3.99249   2.55429   0.413 20.00673 ? 339 PHE B CA  1 
ATOM   669  C  C   A PHE B 1 27 ? 3.23044   3.92273   2.28890   0.587 22.42400 ? 339 PHE B C   1 
ATOM   670  C  C   B PHE B 1 27 ? 3.25260   3.89561   2.42744   0.413 22.22427 ? 339 PHE B C   1 
ATOM   671  O  O   A PHE B 1 27 ? 3.70411   2.87169   1.84371   0.587 21.45243 ? 339 PHE B O   1 
ATOM   672  O  O   B PHE B 1 27 ? 3.76995   2.79169   2.23660   0.413 21.27112 ? 339 PHE B O   1 
ATOM   673  C  CB  A PHE B 1 27 ? 0.86926   3.31450   1.57638   0.587 20.71364 ? 339 PHE B CB  1 
ATOM   674  C  CB  B PHE B 1 27 ? 1.10228   3.46230   1.26196   0.413 20.71735 ? 339 PHE B CB  1 
ATOM   675  C  CG  A PHE B 1 27 ? -0.57585  3.19418   2.00079   0.587 22.10027 ? 339 PHE B CG  1 
ATOM   676  C  CG  B PHE B 1 27 ? -0.23258  2.81530   1.45760   0.413 23.02606 ? 339 PHE B CG  1 
ATOM   677  C  CD1 A PHE B 1 27 ? -0.99535  2.10364   2.74876   0.587 21.66435 ? 339 PHE B CD1 1 
ATOM   678  C  CD1 B PHE B 1 27 ? -0.73479  2.59891   2.73373   0.413 23.38504 ? 339 PHE B CD1 1 
ATOM   679  C  CD2 A PHE B 1 27 ? -1.49906  4.17401   1.69250   0.587 20.29866 ? 339 PHE B CD2 1 
ATOM   680  C  CD2 B PHE B 1 27 ? -0.97714  2.39427   0.36901   0.413 21.27506 ? 339 PHE B CD2 1 
ATOM   681  C  CE1 A PHE B 1 27 ? -2.31694  1.99116   3.16344   0.587 24.75430 ? 339 PHE B CE1 1 
ATOM   682  C  CE1 B PHE B 1 27 ? -1.96414  1.99741   2.90982   0.413 23.83606 ? 339 PHE B CE1 1 
ATOM   683  C  CE2 A PHE B 1 27 ? -2.81994  4.07579   2.10307   0.587 26.02099 ? 339 PHE B CE2 1 
ATOM   684  C  CE2 B PHE B 1 27 ? -2.20348  1.78916   0.54465   0.413 24.05104 ? 339 PHE B CE2 1 
ATOM   685  C  CZ  A PHE B 1 27 ? -3.23031  2.97380   2.84474   0.587 24.58090 ? 339 PHE B CZ  1 
ATOM   686  C  CZ  B PHE B 1 27 ? -2.69685  1.58922   1.81392   0.413 20.66927 ? 339 PHE B CZ  1 
ATOM   687  N  N   . GLY B 1 28 ? 3.97715   5.00682   2.49811   1.000 19.98155 ? 340 GLY B N   1 
ATOM   688  C  CA  . GLY B 1 28 ? 5.42402   4.94557   2.34286   1.000 21.59496 ? 340 GLY B CA  1 
ATOM   689  C  C   . GLY B 1 28 ? 5.89571   4.67989   0.92410   1.000 28.22044 ? 340 GLY B C   1 
ATOM   690  O  O   . GLY B 1 28 ? 6.83080   3.88984   0.71240   1.000 22.68145 ? 340 GLY B O   1 
ATOM   691  N  N   . VAL B 1 29 ? 5.26405   5.31860   -0.05581  1.000 21.89124 ? 341 VAL B N   1 
ATOM   692  C  CA  . VAL B 1 29 ? 5.57789   5.14017   -1.46522  1.000 21.63191 ? 341 VAL B CA  1 
ATOM   693  C  C   . VAL B 1 29 ? 6.50565   6.26966   -1.88153  1.000 24.11628 ? 341 VAL B C   1 
ATOM   694  O  O   . VAL B 1 29 ? 6.20846   7.44240   -1.62903  1.000 21.04052 ? 341 VAL B O   1 
ATOM   695  C  CB  . VAL B 1 29 ? 4.29756   5.15015   -2.32049  1.000 19.39681 ? 341 VAL B CB  1 
ATOM   696  C  CG1 . VAL B 1 29 ? 4.63342   5.07261   -3.80598  1.000 20.54012 ? 341 VAL B CG1 1 
ATOM   697  C  CG2 . VAL B 1 29 ? 3.38431   3.98826   -1.91897  1.000 24.37612 ? 341 VAL B CG2 1 
ATOM   698  N  N   . ASN B 1 30 ? 7.63480   5.91601   -2.48422  1.000 18.44949 ? 342 ASN B N   1 
ATOM   699  C  CA  . ASN B 1 30 ? 8.47594   6.87256   -3.20159  1.000 21.29877 ? 342 ASN B CA  1 
ATOM   700  C  C   . ASN B 1 30 ? 7.89083   7.03448   -4.59973  1.000 21.35784 ? 342 ASN B C   1 
ATOM   701  O  O   . ASN B 1 30 ? 8.02092   6.13626   -5.43687  1.000 21.73843 ? 342 ASN B O   1 
ATOM   702  C  CB  . ASN B 1 30 ? 9.91267   6.36261   -3.24446  1.000 21.36359 ? 342 ASN B CB  1 
ATOM   703  C  CG  . ASN B 1 30 ? 10.83119  7.26676   -4.02487  1.000 26.63348 ? 342 ASN B CG  1 
ATOM   704  O  OD1 . ASN B 1 30 ? 10.38588  8.17517   -4.72540  1.000 24.32995 ? 342 ASN B OD1 1 
ATOM   705  N  ND2 . ASN B 1 30 ? 12.12298  6.99235   -3.94583  1.000 31.35369 ? 342 ASN B ND2 1 
ATOM   706  N  N   . LEU B 1 31 ? 7.23590   8.17523   -4.85430  1.000 19.08783 ? 343 LEU B N   1 
ATOM   707  C  CA  . LEU B 1 31 ? 6.52513   8.35070   -6.12077  1.000 17.48775 ? 343 LEU B CA  1 
ATOM   708  C  C   . LEU B 1 31 ? 7.46708   8.33962   -7.31517  1.000 20.24392 ? 343 LEU B C   1 
ATOM   709  O  O   . LEU B 1 31 ? 7.01489   8.12111   -8.44659  1.000 18.99089 ? 343 LEU B O   1 
ATOM   710  C  CB  . LEU B 1 31 ? 5.71688   9.65723   -6.12316  1.000 18.04403 ? 343 LEU B CB  1 
ATOM   711  C  CG  . LEU B 1 31 ? 4.52308   9.56951   -5.14207  1.000 21.67921 ? 343 LEU B CG  1 
ATOM   712  C  CD1 . LEU B 1 31 ? 3.93191   10.94503  -4.81765  1.000 20.14514 ? 343 LEU B CD1 1 
ATOM   713  C  CD2 . LEU B 1 31 ? 3.44833   8.56752   -5.62002  1.000 20.94687 ? 343 LEU B CD2 1 
ATOM   714  N  N   . ALA B 1 32 ? 8.76150   8.52893   -7.08328  1.000 22.81513 ? 344 ALA B N   1 
ATOM   715  C  CA  . ALA B 1 32 ? 9.71453   8.44585   -8.17875  1.000 23.86216 ? 344 ALA B CA  1 
ATOM   716  C  C   . ALA B 1 32 ? 9.80435   7.03680   -8.73763  1.000 24.81438 ? 344 ALA B C   1 
ATOM   717  O  O   . ALA B 1 32 ? 10.23991  6.87494   -9.88283  1.000 29.41736 ? 344 ALA B O   1 
ATOM   718  C  CB  . ALA B 1 32 ? 11.09336  8.93012   -7.72336  1.000 26.64541 ? 344 ALA B CB  1 
ATOM   719  N  N   . LYS B 1 33 ? 9.37142   6.02255   -7.96596  1.000 24.33822 ? 345 LYS B N   1 
ATOM   720  C  CA  . LYS B 1 33 ? 9.36679   4.63950   -8.42127  1.000 25.91538 ? 345 LYS B CA  1 
ATOM   721  C  C   . LYS B 1 33 ? 8.06484   4.22149   -9.08886  1.000 27.44446 ? 345 LYS B C   1 
ATOM   722  O  O   . LYS B 1 33 ? 7.97869   3.08927   -9.57969  1.000 25.36667 ? 345 LYS B O   1 
ATOM   723  C  CB  . LYS B 1 33 ? 9.65391   3.68901   -7.26169  1.000 30.71992 ? 345 LYS B CB  1 
ATOM   724  C  CG  . LYS B 1 33 ? 10.77953  4.10900   -6.34027  1.000 33.15726 ? 345 LYS B CG  1 
ATOM   725  C  CD  . LYS B 1 33 ? 12.13099  3.74114   -6.90907  1.000 40.37965 ? 345 LYS B CD  1 
ATOM   726  C  CE  . LYS B 1 33 ? 13.07888  3.29199   -5.80602  1.000 46.40858 ? 345 LYS B CE  1 
ATOM   727  N  NZ  . LYS B 1 33 ? 13.07213  4.20775   -4.63472  1.000 49.39415 ? 345 LYS B NZ  1 
ATOM   728  N  N   . VAL B 1 34 ? 7.04969   5.07910   -9.11534  1.000 21.97137 ? 346 VAL B N   1 
ATOM   729  C  CA  . VAL B 1 34 ? 5.76036   4.73925   -9.70906  1.000 19.44678 ? 346 VAL B CA  1 
ATOM   730  C  C   . VAL B 1 34 ? 5.71292   5.23696   -11.14549 1.000 22.88902 ? 346 VAL B C   1 
ATOM   731  O  O   . VAL B 1 34 ? 6.01610   6.40939   -11.41905 1.000 26.38637 ? 346 VAL B O   1 
ATOM   732  C  CB  . VAL B 1 34 ? 4.58900   5.31589   -8.89175  1.000 22.50582 ? 346 VAL B CB  1 
ATOM   733  C  CG1 . VAL B 1 34 ? 3.26382   4.90097   -9.52801  1.000 20.56424 ? 346 VAL B CG1 1 
ATOM   734  C  CG2 . VAL B 1 34 ? 4.64145   4.81535   -7.43930  1.000 19.13487 ? 346 VAL B CG2 1 
ATOM   735  N  N   . LYS B 1 35 ? 5.30526   4.35416   -12.06071 1.000 25.72739 ? 347 LYS B N   1 
ATOM   736  C  CA  . LYS B 1 35 ? 5.14943   4.68812   -13.47334 1.000 31.31454 ? 347 LYS B CA  1 
ATOM   737  C  C   . LYS B 1 35 ? 3.75990   5.28246   -13.69428 1.000 24.36883 ? 347 LYS B C   1 
ATOM   738  O  O   . LYS B 1 35 ? 2.74901   4.57976   -13.58132 1.000 27.48583 ? 347 LYS B O   1 
ATOM   739  C  CB  . LYS B 1 35 ? 5.36239   3.44689   -14.34164 1.000 28.48932 ? 347 LYS B CB  1 
ATOM   740  C  CG  . LYS B 1 35 ? 4.99501   3.66802   -15.79543 1.000 38.68275 ? 347 LYS B CG  1 
ATOM   741  C  CD  . LYS B 1 35 ? 6.00777   4.58437   -16.44724 1.000 40.61285 ? 347 LYS B CD  1 
ATOM   742  C  CE  . LYS B 1 35 ? 6.26055   4.23366   -17.91545 1.000 52.43032 ? 347 LYS B CE  1 
ATOM   743  N  NZ  . LYS B 1 35 ? 5.77649   5.31605   -18.83299 1.000 35.90876 ? 347 LYS B NZ  1 
ATOM   744  N  N   . GLY B 1 36 ? 3.70026   6.58153   -13.99044 1.000 23.25403 ? 348 GLY B N   1 
ATOM   745  C  CA  . GLY B 1 36 ? 2.40881   7.23339   -14.16176 1.000 21.03177 ? 348 GLY B CA  1 
ATOM   746  C  C   . GLY B 1 36 ? 1.79685   6.90906   -15.51453 1.000 19.32302 ? 348 GLY B C   1 
ATOM   747  O  O   . GLY B 1 36 ? 2.48804   6.83210   -16.52827 1.000 33.92984 ? 348 GLY B O   1 
ATOM   748  N  N   . THR B 1 37 ? 0.47662   6.71952   -15.52685 1.000 19.92365 ? 349 THR B N   1 
ATOM   749  C  CA  . THR B 1 37 ? -0.22482  6.42025   -16.77145 1.000 28.09790 ? 349 THR B CA  1 
ATOM   750  C  C   . THR B 1 37 ? -1.24261  7.48732   -17.12511 1.000 28.43480 ? 349 THR B C   1 
ATOM   751  O  O   . THR B 1 37 ? -2.02977  7.28134   -18.05433 1.000 24.10989 ? 349 THR B O   1 
ATOM   752  C  CB  . THR B 1 37 ? -0.93727  5.05960   -16.71917 1.000 24.89512 ? 349 THR B CB  1 
ATOM   753  O  OG1 . THR B 1 37 ? -1.95152  5.08599   -15.70966 1.000 28.33195 ? 349 THR B OG1 1 
ATOM   754  C  CG2 . THR B 1 37 ? 0.05809   3.94479   -16.43309 1.000 29.24721 ? 349 THR B CG2 1 
ATOM   755  N  N   . GLY B 1 38 ? -1.26954  8.60313   -16.39577 1.000 19.54351 ? 350 GLY B N   1 
ATOM   756  C  CA  . GLY B 1 38 ? -2.12725  9.71323   -16.73776 1.000 22.39841 ? 350 GLY B CA  1 
ATOM   757  C  C   . GLY B 1 38 ? -1.52736  10.51827  -17.87845 1.000 23.06704 ? 350 GLY B C   1 
ATOM   758  O  O   . GLY B 1 38 ? -0.50064  10.16699  -18.45815 1.000 24.83649 ? 350 GLY B O   1 
ATOM   759  N  N   . ARG B 1 39 ? -2.20660  11.61023  -18.20749 1.000 21.51974 ? 351 ARG B N   1 
ATOM   760  C  CA  . ARG B 1 39 ? -1.68588  12.55959  -19.19456 1.000 23.72402 ? 351 ARG B CA  1 
ATOM   761  C  C   . ARG B 1 39 ? -0.28471  13.03190  -18.82276 1.000 25.52375 ? 351 ARG B C   1 
ATOM   762  O  O   . ARG B 1 39 ? -0.04586  13.47614  -17.69556 1.000 22.28138 ? 351 ARG B O   1 
ATOM   763  C  CB  . ARG B 1 39 ? -2.62164  13.75802  -19.31240 1.000 24.70437 ? 351 ARG B CB  1 
ATOM   764  C  CG  . ARG B 1 39 ? -2.45076  14.55349  -20.60321 1.000 29.13597 ? 351 ARG B CG  1 
ATOM   765  C  CD  . ARG B 1 39 ? -3.17287  15.88624  -20.49235 1.000 25.87395 ? 351 ARG B CD  1 
ATOM   766  N  NE  . ARG B 1 39 ? -2.59919  16.90305  -21.36724 1.000 36.81109 ? 351 ARG B NE  1 
ATOM   767  C  CZ  . ARG B 1 39 ? -2.86044  17.00475  -22.66138 1.000 35.99604 ? 351 ARG B CZ  1 
ATOM   768  N  NH1 . ARG B 1 39 ? -3.69392  16.17319  -23.26332 1.000 33.16802 ? 351 ARG B NH1 1 
ATOM   769  N  NH2 . ARG B 1 39 ? -2.28281  17.97428  -23.36525 1.000 48.01725 ? 351 ARG B NH2 1 
ATOM   770  N  N   . LYS B 1 40 ? 0.64212   12.95340  -19.78984 1.000 25.02762 ? 352 LYS B N   1 
ATOM   771  C  CA  . LYS B 1 40 ? 2.02397   13.39644  -19.60417 1.000 26.09678 ? 352 LYS B CA  1 
ATOM   772  C  C   . LYS B 1 40 ? 2.67973   12.73042  -18.39530 1.000 28.05592 ? 352 LYS B C   1 
ATOM   773  O  O   . LYS B 1 40 ? 3.51923   13.32675  -17.71732 1.000 23.78903 ? 352 LYS B O   1 
ATOM   774  C  CB  . LYS B 1 40 ? 2.10714   14.92380  -19.48728 1.000 29.33629 ? 352 LYS B CB  1 
ATOM   775  C  CG  . LYS B 1 40 ? 1.49873   15.66707  -20.65783 1.000 25.78981 ? 352 LYS B CG  1 
ATOM   776  C  CD  . LYS B 1 40 ? 2.14870   15.24200  -21.95008 1.000 28.16178 ? 352 LYS B CD  1 
ATOM   777  C  CE  . LYS B 1 40 ? 1.64078   16.09966  -23.11438 1.000 29.08489 ? 352 LYS B CE  1 
ATOM   778  N  NZ  . LYS B 1 40 ? 2.49676   15.88606  -24.30120 1.000 24.04778 ? 352 LYS B NZ  1 
ATOM   779  N  N   . GLY B 1 41 ? 2.30628   11.48165  -18.11059 1.000 21.62854 ? 353 GLY B N   1 
ATOM   780  C  CA  . GLY B 1 41 ? 2.96693   10.75437  -17.05296 1.000 26.31009 ? 353 GLY B CA  1 
ATOM   781  C  C   . GLY B 1 41 ? 2.40186   11.00557  -15.67591 1.000 24.07708 ? 353 GLY B C   1 
ATOM   782  O  O   . GLY B 1 41 ? 2.98533   10.53667  -14.68970 1.000 24.39568 ? 353 GLY B O   1 
ATOM   783  N  N   . ARG B 1 42 ? 1.30477   11.75123  -15.57455 1.000 23.40703 ? 354 ARG B N   1 
ATOM   784  C  CA  . ARG B 1 42 ? 0.73032   12.02586  -14.26725 1.000 21.83458 ? 354 ARG B CA  1 
ATOM   785  C  C   . ARG B 1 42 ? 0.40681   10.72388  -13.55984 1.000 21.08911 ? 354 ARG B C   1 
ATOM   786  O  O   . ARG B 1 42 ? -0.12711  9.78849   -14.15988 1.000 23.48918 ? 354 ARG B O   1 
ATOM   787  C  CB  . ARG B 1 42 ? -0.53674  12.87029  -14.37958 1.000 22.20048 ? 354 ARG B CB  1 
ATOM   788  C  CG  . ARG B 1 42 ? -1.08679  13.27494  -13.00302 1.000 31.05792 ? 354 ARG B CG  1 
ATOM   789  C  CD  . ARG B 1 42 ? -1.86249  14.57415  -13.06335 1.000 37.04833 ? 354 ARG B CD  1 
ATOM   790  N  NE  . ARG B 1 42 ? -1.20674  15.61541  -12.28196 1.000 44.12699 ? 354 ARG B NE  1 
ATOM   791  C  CZ  . ARG B 1 42 ? -1.27174  16.91170  -12.55631 1.000 53.90213 ? 354 ARG B CZ  1 
ATOM   792  N  NH1 . ARG B 1 42 ? -1.92450  17.36192  -13.61571 1.000 55.29045 ? 354 ARG B NH1 1 
ATOM   793  N  NH2 . ARG B 1 42 ? -0.65186  17.77610  -11.75664 1.000 50.20482 ? 354 ARG B NH2 1 
ATOM   794  N  N   . ILE B 1 43 ? 0.74010   10.66945  -12.28011 1.000 17.53287 ? 355 ILE B N   1 
ATOM   795  C  CA  . ILE B 1 43 ? 0.46797   9.47312   -11.48872 1.000 18.12105 ? 355 ILE B CA  1 
ATOM   796  C  C   . ILE B 1 43 ? -1.01034  9.43869   -11.11823 1.000 22.45379 ? 355 ILE B C   1 
ATOM   797  O  O   . ILE B 1 43 ? -1.55932  10.41128  -10.57682 1.000 20.39719 ? 355 ILE B O   1 
ATOM   798  C  CB  . ILE B 1 43 ? 1.36587   9.42483   -10.24397 1.000 15.05135 ? 355 ILE B CB  1 
ATOM   799  C  CG1 . ILE B 1 43 ? 2.82125   9.27091   -10.68132 1.000 18.38799 ? 355 ILE B CG1 1 
ATOM   800  C  CG2 . ILE B 1 43 ? 0.98957   8.19307   -9.35791  1.000 15.39898 ? 355 ILE B CG2 1 
ATOM   801  C  CD1 . ILE B 1 43 ? 3.82038   9.39533   -9.55478  1.000 18.27065 ? 355 ILE B CD1 1 
ATOM   802  N  N   . LEU B 1 44 ? -1.65829  8.30784   -11.40150 1.000 21.49533 ? 356 LEU B N   1 
ATOM   803  C  CA  . LEU B 1 44 ? -3.05656  8.07600   -11.07171 1.000 17.21894 ? 356 LEU B CA  1 
ATOM   804  C  C   . LEU B 1 44 ? -3.14761  7.10424   -9.90282  1.000 22.28267 ? 356 LEU B C   1 
ATOM   805  O  O   . LEU B 1 44 ? -2.19408  6.38401   -9.59762  1.000 20.01334 ? 356 LEU B O   1 
ATOM   806  C  CB  . LEU B 1 44 ? -3.82857  7.50846   -12.27388 1.000 18.58084 ? 356 LEU B CB  1 
ATOM   807  C  CG  . LEU B 1 44 ? -3.63736  8.29187   -13.59161 1.000 24.46958 ? 356 LEU B CG  1 
ATOM   808  C  CD1 . LEU B 1 44 ? -4.23329  7.51806   -14.76792 1.000 27.30618 ? 356 LEU B CD1 1 
ATOM   809  C  CD2 . LEU B 1 44 ? -4.29433  9.64020   -13.44934 1.000 28.57425 ? 356 LEU B CD2 1 
ATOM   810  N  N   . ARG B 1 45 ? -4.31112  7.11700   -9.24442  1.000 19.18138 ? 357 ARG B N   1 
ATOM   811  C  CA  . ARG B 1 45 ? -4.54089  6.25125   -8.09556  1.000 21.37692 ? 357 ARG B CA  1 
ATOM   812  C  C   . ARG B 1 45 ? -4.24804  4.79490   -8.43777  1.000 23.82826 ? 357 ARG B C   1 
ATOM   813  O  O   . ARG B 1 45 ? -3.53037  4.11459   -7.70429  1.000 19.90010 ? 357 ARG B O   1 
ATOM   814  C  CB  . ARG B 1 45 ? -5.97378  6.42858   -7.59740  1.000 24.13691 ? 357 ARG B CB  1 
ATOM   815  C  CG  . ARG B 1 45 ? -6.36313  5.42846   -6.51645  1.000 29.79747 ? 357 ARG B CG  1 
ATOM   816  C  CD  . ARG B 1 45 ? -7.52433  5.90890   -5.66565  1.000 29.70349 ? 357 ARG B CD  1 
ATOM   817  N  NE  . ARG B 1 45 ? -7.64310  5.09396   -4.45358  1.000 36.44119 ? 357 ARG B NE  1 
ATOM   818  C  CZ  . ARG B 1 45 ? -7.36542  5.51731   -3.22701  1.000 41.39178 ? 357 ARG B CZ  1 
ATOM   819  N  NH1 . ARG B 1 45 ? -6.97015  6.75922   -2.99633  1.000 43.99903 ? 357 ARG B NH1 1 
ATOM   820  N  NH2 . ARG B 1 45 ? -7.49267  4.67350   -2.20449  1.000 48.14877 ? 357 ARG B NH2 1 
ATOM   821  N  N   . GLU B 1 46 ? -4.74651  4.32325   -9.58584  1.000 19.09624 ? 358 GLU B N   1 
ATOM   822  C  CA  . GLU B 1 46 ? -4.53364  2.93424   -9.99032  1.000 20.90280 ? 358 GLU B CA  1 
ATOM   823  C  C   . GLU B 1 46 ? -3.06012  2.60563   -10.20823 1.000 19.71679 ? 358 GLU B C   1 
ATOM   824  O  O   . GLU B 1 46 ? -2.67357  1.43433   -10.10372 1.000 21.80887 ? 358 GLU B O   1 
ATOM   825  C  CB  . GLU B 1 46 ? -5.32533  2.62700   -11.26266 1.000 25.49733 ? 358 GLU B CB  1 
ATOM   826  C  CG  . GLU B 1 46 ? -5.04321  3.58667   -12.39898 1.000 29.97523 ? 358 GLU B CG  1 
ATOM   827  C  CD  . GLU B 1 46 ? -6.09865  4.67357   -12.50357 1.000 36.78331 ? 358 GLU B CD  1 
ATOM   828  O  OE1 . GLU B 1 46 ? -6.48410  5.25512   -11.45156 1.000 31.16520 ? 358 GLU B OE1 1 
ATOM   829  O  OE2 . GLU B 1 46 ? -6.54058  4.94794   -13.64032 1.000 34.05552 ? 358 GLU B OE2 1 
ATOM   830  N  N   . ASP B 1 47 ? -2.23376  3.61131   -10.54927 1.000 19.00726 ? 359 ASP B N   1 
ATOM   831  C  CA  . ASP B 1 47 ? -0.79591  3.40398   -10.69968 1.000 18.20686 ? 359 ASP B CA  1 
ATOM   832  C  C   . ASP B 1 47 ? -0.14601  3.08092   -9.36266  1.000 21.39018 ? 359 ASP B C   1 
ATOM   833  O  O   . ASP B 1 47 ? 0.70489   2.18633   -9.27047  1.000 21.79564 ? 359 ASP B O   1 
ATOM   834  C  CB  . ASP B 1 47 ? -0.12969  4.65417   -11.30111 1.000 19.02689 ? 359 ASP B CB  1 
ATOM   835  C  CG  . ASP B 1 47 ? -0.70000  5.04180   -12.66252 1.000 25.28546 ? 359 ASP B CG  1 
ATOM   836  O  OD1 . ASP B 1 47 ? -1.13739  4.14543   -13.41980 1.000 22.20228 ? 359 ASP B OD1 1 
ATOM   837  O  OD2 . ASP B 1 47 ? -0.70004  6.26271   -12.97388 1.000 22.20415 ? 359 ASP B OD2 1 
ATOM   838  N  N   . VAL B 1 48 ? -0.50073  3.83408   -8.32048  1.000 21.61384 ? 360 VAL B N   1 
ATOM   839  C  CA  . VAL B 1 48 ? 0.01959   3.53362   -6.99052  1.000 17.52775 ? 360 VAL B CA  1 
ATOM   840  C  C   . VAL B 1 48 ? -0.50152  2.18077   -6.51098  1.000 21.29793 ? 360 VAL B C   1 
ATOM   841  O  O   . VAL B 1 48 ? 0.21360   1.43033   -5.84304  1.000 21.15097 ? 360 VAL B O   1 
ATOM   842  C  CB  . VAL B 1 48 ? -0.34757  4.65144   -6.00549  1.000 18.49069 ? 360 VAL B CB  1 
ATOM   843  C  CG1 . VAL B 1 48 ? 0.26207   4.37823   -4.61499  1.000 21.37223 ? 360 VAL B CG1 1 
ATOM   844  C  CG2 . VAL B 1 48 ? 0.09612   6.02814   -6.58292  1.000 16.44467 ? 360 VAL B CG2 1 
ATOM   845  N  N   . GLN B 1 49 ? -1.76436  1.87110   -6.81550  1.000 19.82998 ? 361 GLN B N   1 
ATOM   846  C  CA  . GLN B 1 49 ? -2.34580  0.59252   -6.39788  1.000 17.38630 ? 361 GLN B CA  1 
ATOM   847  C  C   . GLN B 1 49 ? -1.60585  -0.57180  -7.04186  1.000 20.12106 ? 361 GLN B C   1 
ATOM   848  O  O   . GLN B 1 49 ? -1.31196  -1.57980  -6.37912  1.000 20.47856 ? 361 GLN B O   1 
ATOM   849  C  CB  . GLN B 1 49 ? -3.81899  0.57540   -6.77904  1.000 20.84134 ? 361 GLN B CB  1 
ATOM   850  C  CG  . GLN B 1 49 ? -4.64791  1.55563   -5.95456  1.000 27.16227 ? 361 GLN B CG  1 
ATOM   851  C  CD  . GLN B 1 49 ? -6.12391  1.36517   -6.11936  1.000 37.99444 ? 361 GLN B CD  1 
ATOM   852  O  OE1 . GLN B 1 49 ? -6.56587  0.69395   -7.05199  1.000 43.24548 ? 361 GLN B OE1 1 
ATOM   853  N  NE2 . GLN B 1 49 ? -6.91118  1.97256   -5.22273  1.000 37.16000 ? 361 GLN B NE2 1 
ATOM   854  N  N   . ALA B 1 50 ? -1.28359  -0.44745  -8.33031  1.000 21.13872 ? 362 ALA B N   1 
ATOM   855  C  CA  . ALA B 1 50 ? -0.53463  -1.49795  -9.01472  1.000 24.59994 ? 362 ALA B CA  1 
ATOM   856  C  C   . ALA B 1 50 ? 0.87791   -1.62698  -8.45547  1.000 25.04770 ? 362 ALA B C   1 
ATOM   857  O  O   . ALA B 1 50 ? 1.38312   -2.74502  -8.28022  1.000 22.93754 ? 362 ALA B O   1 
ATOM   858  C  CB  . ALA B 1 50 ? -0.49963  -1.22091  -10.51796 1.000 23.62083 ? 362 ALA B CB  1 
ATOM   859  N  N   . TYR B 1 51 ? 1.52251   -0.49801  -8.15531  1.000 19.14762 ? 363 TYR B N   1 
ATOM   860  C  CA  . TYR B 1 51 ? 2.85910   -0.52778  -7.56442  1.000 20.51744 ? 363 TYR B CA  1 
ATOM   861  C  C   . TYR B 1 51 ? 2.84179   -1.23724  -6.21046  1.000 21.60948 ? 363 TYR B C   1 
ATOM   862  O  O   . TYR B 1 51 ? 3.67119   -2.11714  -5.93625  1.000 19.38541 ? 363 TYR B O   1 
ATOM   863  C  CB  . TYR B 1 51 ? 3.39271   0.90071   -7.41687  1.000 20.27116 ? 363 TYR B CB  1 
ATOM   864  C  CG  . TYR B 1 51 ? 4.70859   0.96084   -6.68521  1.000 18.98265 ? 363 TYR B CG  1 
ATOM   865  C  CD1 . TYR B 1 51 ? 5.89776   0.74697   -7.36650  1.000 25.11074 ? 363 TYR B CD1 1 
ATOM   866  C  CD2 . TYR B 1 51 ? 4.76759   1.24518   -5.33591  1.000 17.29490 ? 363 TYR B CD2 1 
ATOM   867  C  CE1 . TYR B 1 51 ? 7.10974   0.79088   -6.71434  1.000 26.40307 ? 363 TYR B CE1 1 
ATOM   868  C  CE2 . TYR B 1 51 ? 5.97620   1.28816   -4.66730  1.000 22.58211 ? 363 TYR B CE2 1 
ATOM   869  C  CZ  . TYR B 1 51 ? 7.14608   1.05920   -5.37006  1.000 23.16728 ? 363 TYR B CZ  1 
ATOM   870  O  OH  . TYR B 1 51 ? 8.36228   1.11753   -4.73767  1.000 33.78466 ? 363 TYR B OH  1 
ATOM   871  N  N   . VAL B 1 52 ? 1.88721   -0.87354  -5.35688  1.000 19.82253 ? 364 VAL B N   1 
ATOM   872  C  CA  . VAL B 1 52 ? 1.78667   -1.48413  -4.03128  1.000 18.51237 ? 364 VAL B CA  1 
ATOM   873  C  C   . VAL B 1 52 ? 1.48488   -2.97940  -4.12794  1.000 22.43570 ? 364 VAL B C   1 
ATOM   874  O  O   . VAL B 1 52 ? 2.08545   -3.79131  -3.41709  1.000 20.18424 ? 364 VAL B O   1 
ATOM   875  C  CB  . VAL B 1 52 ? 0.73761   -0.74233  -3.18877  1.000 17.81820 ? 364 VAL B CB  1 
ATOM   876  C  CG1 . VAL B 1 52 ? 0.39144   -1.54253  -1.91386  1.000 20.31023 ? 364 VAL B CG1 1 
ATOM   877  C  CG2 . VAL B 1 52 ? 1.28285   0.60571   -2.79527  1.000 16.75446 ? 364 VAL B CG2 1 
ATOM   878  N  N   . LYS B 1 53 ? 0.53209   -3.36636  -4.97999  1.000 19.08185 ? 365 LYS B N   1 
ATOM   879  C  CA  . LYS B 1 53 ? 0.24651   -4.79388  -5.15218  1.000 18.10030 ? 365 LYS B CA  1 
ATOM   880  C  C   . LYS B 1 53 ? 1.49925   -5.57960  -5.52352  1.000 18.59999 ? 365 LYS B C   1 
ATOM   881  O  O   . LYS B 1 53 ? 1.74224   -6.67292  -4.99223  1.000 21.05536 ? 365 LYS B O   1 
ATOM   882  C  CB  . LYS B 1 53 ? -0.81888  -5.00096  -6.22456  1.000 19.80781 ? 365 LYS B CB  1 
ATOM   883  C  CG  . LYS B 1 53 ? -2.21731  -4.57639  -5.80754  1.000 24.81007 ? 365 LYS B CG  1 
ATOM   884  C  CD  . LYS B 1 53 ? -3.18992  -4.70486  -6.95886  1.000 27.10240 ? 365 LYS B CD  1 
ATOM   885  C  CE  . LYS B 1 53 ? -4.61625  -4.49609  -6.50778  1.000 26.70195 ? 365 LYS B CE  1 
ATOM   886  N  NZ  . LYS B 1 53 ? -5.54391  -4.45249  -7.66902  1.000 41.48241 ? 365 LYS B NZ  1 
ATOM   887  N  N   . GLU B 1 54 ? 2.30548   -5.03910  -6.43683  1.000 20.21878 ? 366 GLU B N   1 
ATOM   888  C  CA  . GLU B 1 54 ? 3.47124   -5.77436  -6.91217  1.000 21.25344 ? 366 GLU B CA  1 
ATOM   889  C  C   . GLU B 1 54 ? 4.55357   -5.80705  -5.84090  1.000 22.28210 ? 366 GLU B C   1 
ATOM   890  O  O   . GLU B 1 54 ? 5.25623   -6.81629  -5.67840  1.000 26.31833 ? 366 GLU B O   1 
ATOM   891  C  CB  . GLU B 1 54 ? 3.99334   -5.12557  -8.19898  1.000 24.29662 ? 366 GLU B CB  1 
ATOM   892  C  CG  . GLU B 1 54 ? 5.31307   -5.68254  -8.72022  1.000 29.69216 ? 366 GLU B CG  1 
ATOM   893  C  CD  . GLU B 1 54 ? 5.23199   -7.18209  -8.93350  1.000 41.32871 ? 366 GLU B CD  1 
ATOM   894  O  OE1 . GLU B 1 54 ? 4.17845   -7.64678  -9.42939  1.000 38.09800 ? 366 GLU B OE1 1 
ATOM   895  O  OE2 . GLU B 1 54 ? 6.21453   -7.89335  -8.64376  1.000 55.73155 ? 366 GLU B OE2 1 
ATOM   896  N  N   . ALA B 1 55 ? 4.68692   -4.71496  -5.08345  1.000 18.34828 ? 367 ALA B N   1 
ATOM   897  C  CA  . ALA B 1 55 ? 5.62155   -4.68749  -3.95943  1.000 17.54731 ? 367 ALA B CA  1 
ATOM   898  C  C   . ALA B 1 55 ? 5.26674   -5.74218  -2.92012  1.000 22.36212 ? 367 ALA B C   1 
ATOM   899  O  O   . ALA B 1 55 ? 6.15397   -6.41922  -2.38382  1.000 24.04895 ? 367 ALA B O   1 
ATOM   900  C  CB  . ALA B 1 55 ? 5.61882   -3.31284  -3.29935  1.000 22.74655 ? 367 ALA B CB  1 
ATOM   901  N  N   . ILE B 1 56 ? 3.97752   -5.84688  -2.57937  1.000 18.73391 ? 368 ILE B N   1 
ATOM   902  C  CA  . ILE B 1 56 ? 3.54594   -6.82077  -1.57872  1.000 17.94630 ? 368 ILE B CA  1 
ATOM   903  C  C   . ILE B 1 56 ? 3.85207   -8.22975  -2.07108  1.000 23.92986 ? 368 ILE B C   1 
ATOM   904  O  O   . ILE B 1 56 ? 4.33524   -9.07494  -1.31510  1.000 25.64124 ? 368 ILE B O   1 
ATOM   905  C  CB  . ILE B 1 56 ? 2.04711   -6.64504  -1.25747  1.000 20.34283 ? 368 ILE B CB  1 
ATOM   906  C  CG1 . ILE B 1 56 ? 1.82579   -5.33888  -0.47707  1.000 17.68178 ? 368 ILE B CG1 1 
ATOM   907  C  CG2 . ILE B 1 56 ? 1.49374   -7.86303  -0.44803  1.000 22.18309 ? 368 ILE B CG2 1 
ATOM   908  C  CD1 . ILE B 1 56 ? 0.33698   -4.99825  -0.25689  1.000 21.40219 ? 368 ILE B CD1 1 
ATOM   909  N  N   . LYS B 1 57 ? 3.61055   -8.48579  -3.35752  1.000 22.37491 ? 369 LYS B N   1 
ATOM   910  C  CA  . LYS B 1 57 ? 3.94435   -9.78341  -3.94304  1.000 23.35072 ? 369 LYS B CA  1 
ATOM   911  C  C   . LYS B 1 57 ? 5.42340   -10.10501 -3.77669  1.000 26.55291 ? 369 LYS B C   1 
ATOM   912  O  O   . LYS B 1 57 ? 5.78317   -11.19123 -3.30534  1.000 26.10780 ? 369 LYS B O   1 
ATOM   913  C  CB  . LYS B 1 57 ? 3.56561   -9.80316  -5.41837  1.000 28.49530 ? 369 LYS B CB  1 
ATOM   914  C  CG  . LYS B 1 57 ? 2.14402   -10.17601 -5.69950  1.000 34.80875 ? 369 LYS B CG  1 
ATOM   915  C  CD  . LYS B 1 57 ? 1.93657   -10.41376 -7.18880  1.000 49.30799 ? 369 LYS B CD  1 
ATOM   916  C  CE  . LYS B 1 57 ? 1.35016   -9.17396  -7.85673  1.000 52.71884 ? 369 LYS B CE  1 
ATOM   917  N  NZ  . LYS B 1 57 ? -0.09169  -9.35671  -8.22105  1.000 54.34591 ? 369 LYS B NZ  1 
ATOM   918  N  N   . ARG B 1 58 ? 6.29989   -9.18060  -4.17440  1.000 24.27358 ? 370 ARG B N   1 
ATOM   919  C  CA  . ARG B 1 58 ? 7.73828   -9.43609  -4.07715  1.000 26.43579 ? 370 ARG B CA  1 
ATOM   920  C  C   . ARG B 1 58 ? 8.17347   -9.60948  -2.62318  1.000 29.91704 ? 370 ARG B C   1 
ATOM   921  O  O   . ARG B 1 58 ? 8.99695   -10.48104 -2.31146  1.000 29.12214 ? 370 ARG B O   1 
ATOM   922  C  CB  . ARG B 1 58 ? 8.51121   -8.31489  -4.77842  1.000 27.51021 ? 370 ARG B CB  1 
ATOM   923  C  CG  . ARG B 1 58 ? 8.26427   -8.34265  -6.28389  1.000 27.99994 ? 370 ARG B CG  1 
ATOM   924  C  CD  . ARG B 1 58 ? 8.84594   -7.16757  -7.08671  1.000 33.88017 ? 370 ARG B CD  1 
ATOM   925  N  NE  . ARG B 1 58 ? 9.73877   -6.30035  -6.33114  1.000 36.98056 ? 370 ARG B NE  1 
ATOM   926  C  CZ  . ARG B 1 58 ? 10.10116  -5.08896  -6.73379  1.000 55.47506 ? 370 ARG B CZ  1 
ATOM   927  N  NH1 . ARG B 1 58 ? 9.66730   -4.58475  -7.87889  1.000 59.95692 ? 370 ARG B NH1 1 
ATOM   928  N  NH2 . ARG B 1 58 ? 10.91331  -4.36340  -5.96797  1.000 45.65467 ? 370 ARG B NH2 1 
ATOM   929  N  N   . ALA B 1 59 ? 7.59073   -8.82179  -1.71357  1.000 22.35371 ? 371 ALA B N   1 
ATOM   930  C  CA  . ALA B 1 59 ? 7.93685   -8.90405  -0.29733  1.000 21.63422 ? 371 ALA B CA  1 
ATOM   931  C  C   . ALA B 1 59 ? 7.55989   -10.26597 0.29161   1.000 25.14697 ? 371 ALA B C   1 
ATOM   932  O  O   . ALA B 1 59 ? 8.33650   -10.86736 1.03465   1.000 25.44069 ? 371 ALA B O   1 
ATOM   933  C  CB  . ALA B 1 59 ? 7.24201   -7.77868  0.47636   1.000 25.19575 ? 371 ALA B CB  1 
ATOM   934  N  N   . GLU B 1 60 ? 6.35682   -10.74790 -0.02148  1.000 21.62073 ? 372 GLU B N   1 
ATOM   935  C  CA  . GLU B 1 60 ? 5.87864   -12.04669 0.46732   1.000 25.56585 ? 372 GLU B CA  1 
ATOM   936  C  C   . GLU B 1 60 ? 6.60272   -13.22380 -0.18008  1.000 26.87464 ? 372 GLU B C   1 
ATOM   937  O  O   . GLU B 1 60 ? 6.67984   -14.29997 0.43002   1.000 24.98604 ? 372 GLU B O   1 
ATOM   938  C  CB  . GLU B 1 60 ? 4.36629   -12.12808 0.24711   1.000 23.10227 ? 372 GLU B CB  1 
ATOM   939  C  CG  . GLU B 1 60 ? 3.46770   -11.36505 1.24575   1.000 31.00763 ? 372 GLU B CG  1 
ATOM   940  C  CD  . GLU B 1 60 ? 4.02978   -11.36578 2.67820   1.000 44.34209 ? 372 GLU B CD  1 
ATOM   941  O  OE1 . GLU B 1 60 ? 4.33152   -12.48516 3.17189   1.000 40.95039 ? 372 GLU B OE1 1 
ATOM   942  O  OE2 . GLU B 1 60 ? 4.09530   -10.31531 3.34502   1.000 36.33327 ? 372 GLU B OE2 1 
ATOM   943  N  N   . ALA B 1 61 ? 7.11547   -13.05439 -1.39797  1.000 25.07792 ? 373 ALA B N   1 
ATOM   944  C  CA  . ALA B 1 61 ? 7.94247   -14.07729 -2.03049  1.000 24.74819 ? 373 ALA B CA  1 
ATOM   945  C  C   . ALA B 1 61 ? 9.37699   -14.07256 -1.51539  1.000 30.17550 ? 373 ALA B C   1 
ATOM   946  O  O   . ALA B 1 61 ? 10.06336  -15.10089 -1.60936  1.000 32.55503 ? 373 ALA B O   1 
ATOM   947  C  CB  . ALA B 1 61 ? 7.93914   -13.90740 -3.55462  1.000 27.24401 ? 373 ALA B CB  1 
ATOM   948  N  N   . ALA B 1 62 ? 9.82776   -12.96122 -0.94445  1.000 30.83253 ? 374 ALA B N   1 
ATOM   949  C  CA  . ALA B 1 62 ? 11.19502  -12.84472 -0.46773  1.000 31.10669 ? 374 ALA B CA  1 
ATOM   950  C  C   . ALA B 1 62 ? 11.40256  -13.69591 0.78416   1.000 26.37489 ? 374 ALA B C   1 
ATOM   951  O  O   . ALA B 1 62 ? 10.45680  -13.95785 1.52716   1.000 29.80878 ? 374 ALA B O   1 
ATOM   952  C  CB  . ALA B 1 62 ? 11.51708  -11.38010 -0.16454  1.000 34.14150 ? 374 ALA B CB  1 
ATOM   953  N  N   . PRO B 1 63 ? 12.64461  -14.15186 1.04283   1.000 32.12766 ? 375 PRO B N   1 
ATOM   954  C  CA  . PRO B 1 63 ? 12.91589  -14.91300 2.27309   1.000 35.58795 ? 375 PRO B CA  1 
ATOM   955  C  C   . PRO B 1 63 ? 12.74288  -14.06886 3.54075   1.000 47.06327 ? 375 PRO B C   1 
ATOM   956  O  O   . PRO B 1 63 ? 12.82784  -12.83821 3.43767   1.000 44.11456 ? 375 PRO B O   1 
ATOM   957  C  CB  . PRO B 1 63 ? 14.37877  -15.35933 2.11080   1.000 33.39486 ? 375 PRO B CB  1 
ATOM   958  C  CG  . PRO B 1 63 ? 14.73409  -15.09029 0.66227   1.000 42.17877 ? 375 PRO B CG  1 
ATOM   959  C  CD  . PRO B 1 63 ? 13.85121  -13.97736 0.21161   1.000 33.67598 ? 375 PRO B CD  1 
HETATM 960  ZN ZN  . ZN  C 2 .  ? 10.05418  19.07795  -11.19694 0.834 25.37147 ? 401 ZN  B ZN  1 
HETATM 961  O  O   . HOH D 3 .  ? -2.56193  -14.36715 -1.11679  1.000 40.27435 ? 401 HOH A O   1 
HETATM 962  O  O   . HOH D 3 .  ? -5.82100  -17.95905 6.41090   1.000 47.34705 ? 402 HOH A O   1 
HETATM 963  O  O   . HOH D 3 .  ? -12.55105 -0.00965  9.88454   1.000 34.33199 ? 403 HOH A O   1 
HETATM 964  O  O   . HOH D 3 .  ? -14.13375 -4.96017  27.53938  1.000 52.44545 ? 404 HOH A O   1 
HETATM 965  O  O   . HOH D 3 .  ? 0.15603   -3.62177  12.99472  1.000 35.36236 ? 405 HOH A O   1 
HETATM 966  O  O   . HOH D 3 .  ? -15.60419 -3.35545  1.89960   1.000 35.07590 ? 406 HOH A O   1 
HETATM 967  O  O   . HOH D 3 .  ? -10.09716 2.15881   -5.66189  1.000 51.60953 ? 407 HOH A O   1 
HETATM 968  O  O   . HOH D 3 .  ? -6.39645  -9.99451  14.00395  1.000 40.83344 ? 408 HOH A O   1 
HETATM 969  O  O   . HOH D 3 .  ? -2.96581  -8.66540  16.73853  1.000 40.45846 ? 409 HOH A O   1 
HETATM 970  O  O   . HOH D 3 .  ? 2.67857   7.91766   7.22687   1.000 38.92524 ? 410 HOH A O   1 
HETATM 971  O  O   . HOH D 3 .  ? 8.60404   0.14275   7.97678   1.000 38.76155 ? 411 HOH A O   1 
HETATM 972  O  O   . HOH D 3 .  ? -7.10283  -15.85015 6.99835   1.000 25.85855 ? 412 HOH A O   1 
HETATM 973  O  O   . HOH D 3 .  ? 10.87164  2.74322   -1.76826  1.000 42.50097 ? 413 HOH A O   1 
HETATM 974  O  O   . HOH D 3 .  ? 3.49119   -9.96327  8.09607   1.000 40.68633 ? 414 HOH A O   1 
HETATM 975  O  O   . HOH D 3 .  ? -10.93136 -1.38650  11.67684  1.000 32.81579 ? 415 HOH A O   1 
HETATM 976  O  O   . HOH D 3 .  ? 1.46647   -6.59293  10.35293  1.000 35.89980 ? 416 HOH A O   1 
HETATM 977  O  O   . HOH D 3 .  ? -0.07788  -0.24010  13.75256  1.000 35.85004 ? 417 HOH A O   1 
HETATM 978  O  O   . HOH D 3 .  ? -7.33006  -11.24101 3.54069   1.000 33.07256 ? 418 HOH A O   1 
HETATM 979  O  O   . HOH D 3 .  ? 2.98152   3.68984   9.63744   1.000 37.93985 ? 419 HOH A O   1 
HETATM 980  O  O   . HOH D 3 .  ? -6.60832  -7.24886  -5.02896  1.000 42.91647 ? 420 HOH A O   1 
HETATM 981  O  O   . HOH D 3 .  ? 14.66842  -1.52017  1.77638   1.000 35.93191 ? 421 HOH A O   1 
HETATM 982  O  O   . HOH D 3 .  ? -3.59113  6.29499   9.96087   1.000 46.99578 ? 422 HOH A O   1 
HETATM 983  O  O   . HOH D 3 .  ? -0.44707  -8.16336  -3.75593  1.000 21.74473 ? 423 HOH A O   1 
HETATM 984  O  O   . HOH D 3 .  ? 5.93614   -0.02164  8.94468   1.000 28.98375 ? 424 HOH A O   1 
HETATM 985  O  O   . HOH D 3 .  ? -0.16136  -9.59280  1.90979   1.000 28.68032 ? 425 HOH A O   1 
HETATM 986  O  O   . HOH D 3 .  ? -9.31266  -9.63336  10.49362  1.000 27.49211 ? 426 HOH A O   1 
HETATM 987  O  O   . HOH D 3 .  ? -9.30558  1.76718   11.16370  1.000 26.47424 ? 427 HOH A O   1 
HETATM 988  O  O   . HOH D 3 .  ? 5.33955   -5.86642  5.69413   1.000 25.22996 ? 428 HOH A O   1 
HETATM 989  O  O   . HOH D 3 .  ? 0.08234   -13.78961 0.98360   1.000 33.04344 ? 429 HOH A O   1 
HETATM 990  O  O   . HOH D 3 .  ? 1.25607   -3.52492  10.78873  1.000 29.16570 ? 430 HOH A O   1 
HETATM 991  O  O   . HOH D 3 .  ? -4.23268  -9.53575  14.19477  1.000 43.64937 ? 431 HOH A O   1 
HETATM 992  O  O   . HOH D 3 .  ? 13.29095  -8.42805  2.15802   1.000 36.29175 ? 432 HOH A O   1 
HETATM 993  O  O   . HOH D 3 .  ? -1.36914  -10.45372 -1.07841  1.000 37.92786 ? 433 HOH A O   1 
HETATM 994  O  O   . HOH D 3 .  ? -4.60369  -10.86831 10.87513  1.000 29.23044 ? 434 HOH A O   1 
HETATM 995  O  O   . HOH D 3 .  ? -8.20125  3.47475   13.32807  1.000 32.04131 ? 435 HOH A O   1 
HETATM 996  O  O   . HOH D 3 .  ? -10.76468 -4.92524  10.47190  1.000 21.80666 ? 436 HOH A O   1 
HETATM 997  O  O   . HOH D 3 .  ? -12.15889 -7.60773  13.47835  1.000 31.76883 ? 437 HOH A O   1 
HETATM 998  O  O   . HOH D 3 .  ? -12.95746 -2.74122  27.77689  1.000 45.23392 ? 438 HOH A O   1 
HETATM 999  O  O   . HOH D 3 .  ? -2.42448  -16.52560 4.40859   1.000 31.74498 ? 439 HOH A O   1 
HETATM 1000 O  O   . HOH D 3 .  ? -17.34693 -5.58706  2.92892   1.000 42.50395 ? 440 HOH A O   1 
HETATM 1001 O  O   . HOH D 3 .  ? -10.06217 -7.34616  11.68930  1.000 23.58304 ? 441 HOH A O   1 
HETATM 1002 O  O   . HOH D 3 .  ? -10.61956 -1.29362  18.17938  1.000 20.81000 ? 442 HOH A O   1 
HETATM 1003 O  O   . HOH D 3 .  ? 0.98989   3.41275   10.89456  1.000 37.57721 ? 443 HOH A O   1 
HETATM 1004 O  O   . HOH D 3 .  ? 6.62082   6.22928   8.41214   1.000 51.84335 ? 444 HOH A O   1 
HETATM 1005 O  O   . HOH D 3 .  ? -17.18835 -11.59225 10.76228  1.000 36.92506 ? 445 HOH A O   1 
HETATM 1006 O  O   . HOH D 3 .  ? -14.57693 -16.67661 3.13140   1.000 48.20579 ? 446 HOH A O   1 
HETATM 1007 O  O   . HOH D 3 .  ? 15.14910  -9.67667  -7.16592  1.000 39.20745 ? 447 HOH A O   1 
HETATM 1008 O  O   . HOH D 3 .  ? -6.06721  -12.47592 -0.21462  1.000 37.72005 ? 448 HOH A O   1 
HETATM 1009 O  O   . HOH D 3 .  ? -7.62007  -8.75679  -0.69010  1.000 39.64956 ? 449 HOH A O   1 
HETATM 1010 O  O   . HOH D 3 .  ? -8.82144  -14.28578 11.30046  1.000 37.53000 ? 450 HOH A O   1 
HETATM 1011 O  O   . HOH D 3 .  ? 14.80931  -10.61319 1.57159   1.000 42.60946 ? 451 HOH A O   1 
HETATM 1012 O  O   . HOH D 3 .  ? -7.18780  -11.12364 20.97850  1.000 48.14486 ? 452 HOH A O   1 
HETATM 1013 O  O   . HOH D 3 .  ? -16.01625 -3.35828  22.47240  1.000 58.19700 ? 453 HOH A O   1 
HETATM 1014 O  O   . HOH D 3 .  ? 4.04030   -3.75644  10.05224  1.000 37.45892 ? 454 HOH A O   1 
HETATM 1015 O  O   . HOH D 3 .  ? 0.93536   2.15305   13.28258  1.000 46.16679 ? 455 HOH A O   1 
HETATM 1016 O  O   . HOH D 3 .  ? -12.63972 -1.04015  16.57331  1.000 37.39845 ? 456 HOH A O   1 
HETATM 1017 O  O   . HOH D 3 .  ? -4.92454  -9.20521  20.86141  1.000 50.23985 ? 457 HOH A O   1 
HETATM 1018 O  O   . HOH D 3 .  ? -9.76198  -9.90227  -1.33054  1.000 50.19432 ? 458 HOH A O   1 
HETATM 1019 O  O   . HOH D 3 .  ? -10.69041 -2.50728  -5.13818  1.000 45.39335 ? 459 HOH A O   1 
HETATM 1020 O  O   . HOH D 3 .  ? 13.47560  -4.03820  4.97629   1.000 49.21740 ? 460 HOH A O   1 
HETATM 1021 O  O   . HOH D 3 .  ? -4.28358  -14.90007 10.85907  1.000 56.38514 ? 461 HOH A O   1 
HETATM 1022 O  O   . HOH D 3 .  ? -3.39306  -11.19780 -1.96453  1.000 43.99712 ? 462 HOH A O   1 
HETATM 1023 O  O   . HOH D 3 .  ? -6.33845  -15.43878 9.81432   1.000 32.17208 ? 463 HOH A O   1 
HETATM 1024 O  O   . HOH D 3 .  ? 15.00160  -2.18336  4.41831   1.000 42.26192 ? 464 HOH A O   1 
HETATM 1025 O  O   . HOH D 3 .  ? 5.99837   -2.03227  10.87214  1.000 44.57771 ? 465 HOH A O   1 
HETATM 1026 O  O   . HOH D 3 .  ? -12.37159 -0.41842  13.81007  1.000 34.28826 ? 466 HOH A O   1 
HETATM 1027 O  O   . HOH D 3 .  ? 3.88800   -7.11125  10.07873  1.000 41.46721 ? 467 HOH A O   1 
HETATM 1028 O  O   . HOH D 3 .  ? 14.35721  -7.02981  4.24923   1.000 44.29683 ? 468 HOH A O   1 
HETATM 1029 O  O   . HOH D 3 .  ? -0.30976  -10.81482 -3.86442  1.000 42.16818 ? 469 HOH A O   1 
HETATM 1030 O  O   . HOH D 3 .  ? -13.30024 -13.81824 16.23877  1.000 48.13007 ? 470 HOH A O   1 
HETATM 1031 O  O   . HOH D 3 .  ? -4.67830  -8.61796  -5.30624  1.000 43.04752 ? 471 HOH A O   1 
HETATM 1032 O  O   . HOH D 3 .  ? 0.52150   -11.50530 -0.03952  1.000 37.11892 ? 472 HOH A O   1 
HETATM 1033 O  O   . HOH D 3 .  ? 5.13609   2.05761   10.34269  1.000 37.46104 ? 473 HOH A O   1 
HETATM 1034 O  O   . HOH D 3 .  ? -7.14427  -11.00401 11.55107  1.000 31.26011 ? 474 HOH A O   1 
HETATM 1035 O  O   . HOH D 3 .  ? -10.82209 -14.58873 27.10780  1.000 45.72330 ? 475 HOH A O   1 
HETATM 1036 O  O   . HOH D 3 .  ? 4.34390   -1.25370  13.25061  1.000 40.43098 ? 476 HOH A O   1 
HETATM 1037 O  O   . HOH D 3 .  ? 4.22312   1.78161   13.18979  1.000 43.07811 ? 477 HOH A O   1 
HETATM 1038 O  O   . HOH E 3 .  ? -2.18764  10.68981  6.64844   1.000 52.62123 ? 501 HOH B O   1 
HETATM 1039 O  O   . HOH E 3 .  ? -6.41251  -1.55955  -7.44231  1.000 47.19132 ? 502 HOH B O   1 
HETATM 1040 O  O   . HOH E 3 .  ? 13.06387  4.82882   -2.37177  1.000 38.81597 ? 503 HOH B O   1 
HETATM 1041 O  O   . HOH E 3 .  ? -0.70099  -11.59558 -8.65482  1.000 59.72453 ? 504 HOH B O   1 
HETATM 1042 O  O   . HOH E 3 .  ? 14.49044  12.62484  -7.21489  1.000 36.97334 ? 505 HOH B O   1 
HETATM 1043 O  O   . HOH E 3 .  ? -6.08841  8.73560   -4.21804  1.000 40.21369 ? 506 HOH B O   1 
HETATM 1044 O  O   . HOH E 3 .  ? 13.05082  6.73343   -0.31862  1.000 51.97211 ? 507 HOH B O   1 
HETATM 1045 O  O   . HOH E 3 .  ? 4.60485   12.91201  -9.78043  1.000 28.94942 ? 508 HOH B O   1 
HETATM 1046 O  O   . HOH E 3 .  ? 1.90183   2.17116   -13.54543 1.000 36.15430 ? 509 HOH B O   1 
HETATM 1047 O  O   . HOH E 3 .  ? -0.61651  19.13336  -24.93894 1.000 44.17822 ? 510 HOH B O   1 
HETATM 1048 O  O   . HOH E 3 .  ? -5.39714  9.93081   -1.07121  1.000 31.42905 ? 511 HOH B O   1 
HETATM 1049 O  O   . HOH E 3 .  ? 5.03177   1.87584   -11.35428 1.000 33.78291 ? 512 HOH B O   1 
HETATM 1050 O  O   . HOH E 3 .  ? 10.77959  18.89935  -2.46378  1.000 45.75539 ? 513 HOH B O   1 
HETATM 1051 O  O   . HOH E 3 .  ? 4.92310   7.48834   -17.19900 1.000 45.70515 ? 514 HOH B O   1 
HETATM 1052 O  O   . HOH E 3 .  ? 11.58000  12.53149  -7.67867  1.000 28.00217 ? 515 HOH B O   1 
HETATM 1053 O  O   . HOH E 3 .  ? 7.75238   10.85942  -3.78566  1.000 30.06262 ? 516 HOH B O   1 
HETATM 1054 O  O   . HOH E 3 .  ? 5.53957   11.00972  -14.05688 1.000 35.97458 ? 517 HOH B O   1 
HETATM 1055 O  O   . HOH E 3 .  ? 9.87827   -17.16561 -3.29897  1.000 25.94926 ? 518 HOH B O   1 
HETATM 1056 O  O   . HOH E 3 .  ? 0.53841   -4.78076  -9.81378  1.000 28.72566 ? 519 HOH B O   1 
HETATM 1057 O  O   . HOH E 3 .  ? -1.54973  16.03723  0.02515   1.000 26.15034 ? 520 HOH B O   1 
HETATM 1058 O  O   . HOH E 3 .  ? -3.92802  17.62656  -25.55199 1.000 42.45168 ? 521 HOH B O   1 
HETATM 1059 O  O   . HOH E 3 .  ? -5.45513  8.25883   0.73408   1.000 38.74413 ? 522 HOH B O   1 
HETATM 1060 O  O   . HOH E 3 .  ? 8.51687   3.18225   -2.95171  1.000 26.09901 ? 523 HOH B O   1 
HETATM 1061 O  O   . HOH E 3 .  ? -0.58226  15.96556  -16.68582 1.000 40.92553 ? 524 HOH B O   1 
HETATM 1062 O  O   . HOH E 3 .  ? 8.06958   2.24509   2.52242   1.000 24.17358 ? 525 HOH B O   1 
HETATM 1063 O  O   . HOH E 3 .  ? -5.26793  12.36283  -7.96307  1.000 30.25330 ? 526 HOH B O   1 
HETATM 1064 O  O   . HOH E 3 .  ? 3.39368   21.09234  -8.62711  1.000 42.88281 ? 527 HOH B O   1 
HETATM 1065 O  O   . HOH E 3 .  ? -4.01078  11.61922  -10.24675 1.000 26.60455 ? 528 HOH B O   1 
HETATM 1066 O  O   . HOH E 3 .  ? 11.54343  19.85873  -7.48715  1.000 40.47796 ? 529 HOH B O   1 
HETATM 1067 O  O   . HOH E 3 .  ? 10.18158  0.08668   -6.54653  1.000 45.77562 ? 530 HOH B O   1 
HETATM 1068 O  O   . HOH E 3 .  ? 2.13941   1.04505   -11.34719 1.000 29.34165 ? 531 HOH B O   1 
HETATM 1069 O  O   . HOH E 3 .  ? 6.19369   -2.56473  -7.03593  1.000 29.88310 ? 532 HOH B O   1 
HETATM 1070 O  O   . HOH E 3 .  ? 5.54409   7.82980   4.75412   1.000 37.97343 ? 533 HOH B O   1 
HETATM 1071 O  O   . HOH E 3 .  ? -7.71862  8.43694   2.33015   1.000 51.82111 ? 534 HOH B O   1 
HETATM 1072 O  O   . HOH E 3 .  ? 4.21078   -13.52548 -3.41832  1.000 29.20845 ? 535 HOH B O   1 
HETATM 1073 O  O   . HOH E 3 .  ? 7.28188   8.93381   -11.16691 1.000 26.08819 ? 536 HOH B O   1 
HETATM 1074 O  O   . HOH E 3 .  ? -4.11905  -2.87992  -9.55014  1.000 38.55939 ? 537 HOH B O   1 
HETATM 1075 O  O   . HOH E 3 .  ? 5.70062   8.57498   -14.31360 1.000 35.80087 ? 538 HOH B O   1 
HETATM 1076 O  O   . HOH E 3 .  ? 14.92026  9.10336   -1.77309  1.000 38.60476 ? 539 HOH B O   1 
HETATM 1077 O  O   . HOH E 3 .  ? -8.28785  -3.98174  -7.06513  1.000 48.46354 ? 540 HOH B O   1 
HETATM 1078 O  O   . HOH E 3 .  ? -6.08674  9.30389   -9.73676  1.000 25.03447 ? 541 HOH B O   1 
HETATM 1079 O  O   . HOH E 3 .  ? 11.06928  -11.20982 -4.14389  1.000 32.63473 ? 542 HOH B O   1 
HETATM 1080 O  O   . HOH E 3 .  ? -2.22035  1.57344   -14.05967 1.000 33.00851 ? 543 HOH B O   1 
HETATM 1081 O  O   . HOH E 3 .  ? -0.24601  12.62067  -9.29804  1.000 20.12317 ? 544 HOH B O   1 
HETATM 1082 O  O   . HOH E 3 .  ? 14.97042  13.22620  -3.42624  1.000 44.27229 ? 545 HOH B O   1 
HETATM 1083 O  O   . HOH E 3 .  ? -2.98748  15.68498  -15.75874 1.000 45.31231 ? 546 HOH B O   1 
HETATM 1084 O  O   . HOH E 3 .  ? 1.67441   15.09908  -12.51148 1.000 35.10953 ? 547 HOH B O   1 
HETATM 1085 O  O   . HOH E 3 .  ? -7.61557  7.96719   -11.46874 1.000 38.63036 ? 548 HOH B O   1 
HETATM 1086 O  O   . HOH E 3 .  ? -5.31432  -7.11725  -8.89962  1.000 53.50505 ? 549 HOH B O   1 
HETATM 1087 O  O   . HOH E 3 .  ? 9.62231   0.65872   -9.29864  1.000 43.71027 ? 550 HOH B O   1 
HETATM 1088 O  O   . HOH E 3 .  ? -6.73687  4.96750   0.63677   1.000 41.75220 ? 551 HOH B O   1 
HETATM 1089 O  O   . HOH E 3 .  ? -0.60966  18.48643  -1.01061  1.000 23.54592 ? 552 HOH B O   1 
HETATM 1090 O  O   . HOH E 3 .  ? 2.10556   13.02622  -11.00552 1.000 19.82919 ? 553 HOH B O   1 
HETATM 1091 O  O   . HOH E 3 .  ? -5.86521  16.05495  -5.41868  1.000 28.61466 ? 554 HOH B O   1 
HETATM 1092 O  O   . HOH E 3 .  ? 7.13528   0.56017   -11.04066 1.000 51.09872 ? 555 HOH B O   1 
HETATM 1093 O  O   . HOH E 3 .  ? 13.91911  14.65941  -6.54112  1.000 30.71324 ? 556 HOH B O   1 
HETATM 1094 O  O   . HOH E 3 .  ? 4.60596   -10.82242 6.32217   1.000 43.86807 ? 557 HOH B O   1 
HETATM 1095 O  O   . HOH E 3 .  ? 14.21233  8.36720   -5.71606  1.000 39.30845 ? 558 HOH B O   1 
HETATM 1096 O  O   . HOH E 3 .  ? -4.53040  -0.92541  -10.89758 1.000 36.65839 ? 559 HOH B O   1 
HETATM 1097 O  O   . HOH E 3 .  ? 5.80660   9.97850   0.34397   1.000 37.17668 ? 560 HOH B O   1 
HETATM 1098 O  O   . HOH E 3 .  ? -3.13738  -0.19415  -12.96633 1.000 36.75257 ? 561 HOH B O   1 
HETATM 1099 O  O   . HOH E 3 .  ? -0.83981  17.59202  -18.60986 1.000 43.90055 ? 562 HOH B O   1 
HETATM 1100 O  O   . HOH E 3 .  ? -2.61116  -9.51421  -5.99180  1.000 45.60574 ? 563 HOH B O   1 
HETATM 1101 O  O   . HOH E 3 .  ? -9.86598  -0.04423  -6.96509  1.000 49.15649 ? 564 HOH B O   1 
HETATM 1102 O  O   . HOH E 3 .  ? 12.24026  18.42098  -5.29636  1.000 40.91946 ? 565 HOH B O   1 
HETATM 1103 O  O   . HOH E 3 .  ? 3.16551   -1.63781  -11.10004 1.000 35.40059 ? 566 HOH B O   1 
HETATM 1104 O  O   . HOH E 3 .  ? 5.21456   -15.87487 -2.56733  1.000 30.63777 ? 567 HOH B O   1 
HETATM 1105 O  O   . HOH E 3 .  ? 2.00640   18.81746  0.05649   1.000 39.10822 ? 568 HOH B O   1 
HETATM 1106 O  O   . HOH E 3 .  ? 1.42255   20.31180  -9.86495  1.000 31.59568 ? 569 HOH B O   1 
HETATM 1107 O  O   . HOH E 3 .  ? 11.24021  12.11478  -10.35175 1.000 34.11085 ? 570 HOH B O   1 
HETATM 1108 O  O   . HOH E 3 .  ? 15.80380  14.14622  -5.30485  1.000 46.07705 ? 571 HOH B O   1 
HETATM 1109 O  O   . HOH E 3 .  ? 0.42524   10.22379  6.54669   1.000 38.86694 ? 572 HOH B O   1 
HETATM 1110 O  O   . HOH E 3 .  ? 6.48838   -11.64178 -7.28874  1.000 43.83008 ? 573 HOH B O   1 
HETATM 1111 O  O   . HOH E 3 .  ? 3.33831   -16.12599 -0.85192  1.000 56.75461 ? 574 HOH B O   1 
HETATM 1112 O  O   . HOH E 3 .  ? -0.23741  21.77848  -11.58913 1.000 36.72793 ? 575 HOH B O   1 
HETATM 1113 O  O   . HOH E 3 .  ? -7.00037  14.73627  -8.03760  1.000 40.44263 ? 576 HOH B O   1 
HETATM 1114 O  O   . HOH E 3 .  ? 2.11409   -3.72193  -12.20517 1.000 38.30683 ? 577 HOH B O   1 
HETATM 1115 O  O   . HOH E 3 .  ? 13.24176  13.18573  -11.40234 1.000 45.20586 ? 578 HOH B O   1 
HETATM 1116 O  O   . HOH E 3 .  ? 7.07068   8.94660   2.33026   1.000 46.68442 ? 579 HOH B O   1 
HETATM 1117 O  O   . HOH E 3 .  ? 5.29071   -13.79852 -6.62735  1.000 46.16860 ? 580 HOH B O   1 
HETATM 1118 O  O   . HOH E 3 .  ? 6.80862   11.26160  2.18466   1.000 49.63815 ? 581 HOH B O   1 
HETATM 1119 O  O   . HOH E 3 .  ? -0.12329  21.27580  -14.35059 1.000 44.46936 ? 582 HOH B O   1 
HETATM 1120 O  O   . HOH E 3 .  ? 9.49959   -11.95047 -6.42233  1.000 39.87645 ? 583 HOH B O   1 
HETATM 1121 O  O   . HOH E 3 .  ? -1.78925  -4.48488  -10.81041 1.000 32.84597 ? 584 HOH B O   1 
HETATM 1122 O  O   . HOH E 3 .  ? 1.70033   -12.73122 -2.59564  1.000 40.28921 ? 585 HOH B O   1 
HETATM 1123 O  O   . HOH E 3 .  ? -3.67391  -11.64001 -6.83823  1.000 61.89570 ? 586 HOH B O   1 
HETATM 1124 O  O   . HOH E 3 .  ? 7.93281   6.08183   4.47081   1.000 46.96962 ? 587 HOH B O   1 
HETATM 1125 O  O   . HOH E 3 .  ? 6.30265   -2.13292  -9.68371  1.000 34.55886 ? 588 HOH B O   1 
HETATM 1126 O  O   . HOH E 3 .  ? 6.38263   11.41605  -11.63413 1.000 33.61067 ? 589 HOH B O   1 
HETATM 1127 O  O   . HOH E 3 .  ? -6.64444  10.23236  -6.66051  1.000 33.63339 ? 590 HOH B O   1 
HETATM 1128 O  O   . HOH E 3 .  ? -5.27242  13.13125  -12.25611 1.000 39.23689 ? 591 HOH B O   1 
HETATM 1129 O  O   . HOH E 3 .  ? -5.69823  -9.40855  -8.84820  1.000 58.73110 ? 592 HOH B O   1 
HETATM 1130 O  O   . HOH E 3 .  ? 15.19178  13.63297  -9.70520  1.000 53.03358 ? 593 HOH B O   1 
HETATM 1131 O  O   . HOH E 3 .  ? -6.29005  16.87478  -9.61488  1.000 45.82724 ? 594 HOH B O   1 
HETATM 1132 O  O   . HOH E 3 .  ? -2.83987  -2.41182  -14.15308 1.000 48.44972 ? 595 HOH B O   1 
HETATM 1133 O  O   . HOH E 3 .  ? 0.60452   -2.11102  -14.13637 1.000 38.79524 ? 596 HOH B O   1 
# 
